data_6J4K
# 
_entry.id   6J4K 
# 
_audit_conform.dict_name       mmcif_pdbx.dic 
_audit_conform.dict_version    5.387 
_audit_conform.dict_location   http://mmcif.pdb.org/dictionaries/ascii/mmcif_pdbx.dic 
# 
loop_
_database_2.database_id 
_database_2.database_code 
_database_2.pdbx_database_accession 
_database_2.pdbx_DOI 
PDB   6J4K         pdb_00006j4k 10.2210/pdb6j4k/pdb 
WWPDB D_1300010459 ?            ?                   
# 
loop_
_pdbx_audit_revision_history.ordinal 
_pdbx_audit_revision_history.data_content_type 
_pdbx_audit_revision_history.major_revision 
_pdbx_audit_revision_history.minor_revision 
_pdbx_audit_revision_history.revision_date 
1 'Structure model' 1 0 2019-04-24 
2 'Structure model' 1 1 2019-07-31 
3 'Structure model' 1 2 2024-03-27 
# 
_pdbx_audit_revision_details.ordinal             1 
_pdbx_audit_revision_details.revision_ordinal    1 
_pdbx_audit_revision_details.data_content_type   'Structure model' 
_pdbx_audit_revision_details.provider            repository 
_pdbx_audit_revision_details.type                'Initial release' 
_pdbx_audit_revision_details.description         ? 
_pdbx_audit_revision_details.details             ? 
# 
loop_
_pdbx_audit_revision_group.ordinal 
_pdbx_audit_revision_group.revision_ordinal 
_pdbx_audit_revision_group.data_content_type 
_pdbx_audit_revision_group.group 
1 2 'Structure model' 'Data collection'        
2 2 'Structure model' 'Database references'    
3 3 'Structure model' 'Data collection'        
4 3 'Structure model' 'Database references'    
5 3 'Structure model' 'Refinement description' 
# 
loop_
_pdbx_audit_revision_category.ordinal 
_pdbx_audit_revision_category.revision_ordinal 
_pdbx_audit_revision_category.data_content_type 
_pdbx_audit_revision_category.category 
1 2 'Structure model' citation           
2 3 'Structure model' chem_comp_atom     
3 3 'Structure model' chem_comp_bond     
4 3 'Structure model' database_2         
5 3 'Structure model' struct_ncs_dom_lim 
# 
loop_
_pdbx_audit_revision_item.ordinal 
_pdbx_audit_revision_item.revision_ordinal 
_pdbx_audit_revision_item.data_content_type 
_pdbx_audit_revision_item.item 
1  2 'Structure model' '_citation.journal_abbrev'              
2  2 'Structure model' '_citation.journal_id_ISSN'             
3  2 'Structure model' '_citation.journal_volume'              
4  2 'Structure model' '_citation.page_first'                  
5  2 'Structure model' '_citation.page_last'                   
6  2 'Structure model' '_citation.title'                       
7  3 'Structure model' '_database_2.pdbx_DOI'                  
8  3 'Structure model' '_database_2.pdbx_database_accession'   
9  3 'Structure model' '_struct_ncs_dom_lim.beg_auth_comp_id'  
10 3 'Structure model' '_struct_ncs_dom_lim.beg_label_asym_id' 
11 3 'Structure model' '_struct_ncs_dom_lim.beg_label_comp_id' 
12 3 'Structure model' '_struct_ncs_dom_lim.beg_label_seq_id'  
13 3 'Structure model' '_struct_ncs_dom_lim.end_auth_comp_id'  
14 3 'Structure model' '_struct_ncs_dom_lim.end_label_asym_id' 
15 3 'Structure model' '_struct_ncs_dom_lim.end_label_comp_id' 
16 3 'Structure model' '_struct_ncs_dom_lim.end_label_seq_id'  
# 
_pdbx_database_status.status_code                     REL 
_pdbx_database_status.status_code_sf                  REL 
_pdbx_database_status.status_code_mr                  ? 
_pdbx_database_status.entry_id                        6J4K 
_pdbx_database_status.recvd_initial_deposition_date   2019-01-09 
_pdbx_database_status.SG_entry                        N 
_pdbx_database_status.deposit_site                    PDBJ 
_pdbx_database_status.process_site                    PDBJ 
_pdbx_database_status.status_code_cs                  ? 
_pdbx_database_status.methods_development_category    ? 
_pdbx_database_status.pdb_format_compatible           Y 
_pdbx_database_status.status_code_nmr_data            ? 
# 
loop_
_audit_author.name 
_audit_author.pdbx_ordinal 
_audit_author.identifier_ORCID 
'Jiang, M.Q.' 1 ? 
'Sun, L.F.'   2 ? 
# 
_citation.abstract                  ? 
_citation.abstract_id_CAS           ? 
_citation.book_id_ISBN              ? 
_citation.book_publisher            ? 
_citation.book_publisher_city       ? 
_citation.book_title                ? 
_citation.coordinate_linkage        ? 
_citation.country                   UK 
_citation.database_id_Medline       ? 
_citation.details                   ? 
_citation.id                        primary 
_citation.journal_abbrev            'Febs J.' 
_citation.journal_id_ASTM           ? 
_citation.journal_id_CSD            ? 
_citation.journal_id_ISSN           1742-464X 
_citation.journal_full              ? 
_citation.journal_issue             ? 
_citation.journal_volume            286 
_citation.language                  ? 
_citation.page_first                2809 
_citation.page_last                 2821 
_citation.title                     
'Structural basis for the Target DNA recognition and binding by the MYB domain of phosphate starvation response 1.' 
_citation.year                      2019 
_citation.database_id_CSD           ? 
_citation.pdbx_database_id_DOI      10.1111/febs.14846 
_citation.pdbx_database_id_PubMed   30974511 
_citation.unpublished_flag          ? 
# 
loop_
_citation_author.citation_id 
_citation_author.name 
_citation_author.ordinal 
_citation_author.identifier_ORCID 
primary 'Jiang, M.'         1 ? 
primary 'Sun, L.'           2 ? 
primary 'Isupov, M.N.'      3 ? 
primary 'Littlechild, J.A.' 4 ? 
primary 'Wu, X.'            5 ? 
primary 'Wang, Q.'          6 ? 
primary 'Wang, Q.'          7 ? 
primary 'Yang, W.'          8 ? 
primary 'Wu, Y.'            9 ? 
# 
loop_
_entity.id 
_entity.type 
_entity.src_method 
_entity.pdbx_description 
_entity.formula_weight 
_entity.pdbx_number_of_molecules 
_entity.pdbx_ec 
_entity.pdbx_mutation 
_entity.pdbx_fragment 
_entity.details 
1 polymer     man 'Protein PHOSPHATE STARVATION RESPONSE 1' 6912.077 2  ? ? 'MYB domain' ? 
2 non-polymer nat GLYCEROL                                  92.094   5  ? ? ?            ? 
3 non-polymer syn 'MALONIC ACID'                            104.061  4  ? ? ?            ? 
4 water       nat water                                     18.015   93 ? ? ?            ? 
# 
_entity_name_com.entity_id   1 
_entity_name_com.name        AtPHR1 
# 
_entity_poly.entity_id                      1 
_entity_poly.type                           'polypeptide(L)' 
_entity_poly.nstd_linkage                   no 
_entity_poly.nstd_monomer                   no 
_entity_poly.pdbx_seq_one_letter_code       GKARMRWTPELHEAFVEAVNSLGGSERATPKGVLKIMKVEGLTIYHVKSHLQKYRTARYR 
_entity_poly.pdbx_seq_one_letter_code_can   GKARMRWTPELHEAFVEAVNSLGGSERATPKGVLKIMKVEGLTIYHVKSHLQKYRTARYR 
_entity_poly.pdbx_strand_id                 A,B 
_entity_poly.pdbx_target_identifier         ? 
# 
loop_
_pdbx_entity_nonpoly.entity_id 
_pdbx_entity_nonpoly.name 
_pdbx_entity_nonpoly.comp_id 
2 GLYCEROL       GOL 
3 'MALONIC ACID' MLA 
4 water          HOH 
# 
loop_
_entity_poly_seq.entity_id 
_entity_poly_seq.num 
_entity_poly_seq.mon_id 
_entity_poly_seq.hetero 
1 1  GLY n 
1 2  LYS n 
1 3  ALA n 
1 4  ARG n 
1 5  MET n 
1 6  ARG n 
1 7  TRP n 
1 8  THR n 
1 9  PRO n 
1 10 GLU n 
1 11 LEU n 
1 12 HIS n 
1 13 GLU n 
1 14 ALA n 
1 15 PHE n 
1 16 VAL n 
1 17 GLU n 
1 18 ALA n 
1 19 VAL n 
1 20 ASN n 
1 21 SER n 
1 22 LEU n 
1 23 GLY n 
1 24 GLY n 
1 25 SER n 
1 26 GLU n 
1 27 ARG n 
1 28 ALA n 
1 29 THR n 
1 30 PRO n 
1 31 LYS n 
1 32 GLY n 
1 33 VAL n 
1 34 LEU n 
1 35 LYS n 
1 36 ILE n 
1 37 MET n 
1 38 LYS n 
1 39 VAL n 
1 40 GLU n 
1 41 GLY n 
1 42 LEU n 
1 43 THR n 
1 44 ILE n 
1 45 TYR n 
1 46 HIS n 
1 47 VAL n 
1 48 LYS n 
1 49 SER n 
1 50 HIS n 
1 51 LEU n 
1 52 GLN n 
1 53 LYS n 
1 54 TYR n 
1 55 ARG n 
1 56 THR n 
1 57 ALA n 
1 58 ARG n 
1 59 TYR n 
1 60 ARG n 
# 
_entity_src_gen.entity_id                          1 
_entity_src_gen.pdbx_src_id                        1 
_entity_src_gen.pdbx_alt_source_flag               sample 
_entity_src_gen.pdbx_seq_type                      'Biological sequence' 
_entity_src_gen.pdbx_beg_seq_num                   1 
_entity_src_gen.pdbx_end_seq_num                   60 
_entity_src_gen.gene_src_common_name               'Mouse-ear cress' 
_entity_src_gen.gene_src_genus                     ? 
_entity_src_gen.pdbx_gene_src_gene                 'PHR1, At4g28610, T5F17.60' 
_entity_src_gen.gene_src_species                   ? 
_entity_src_gen.gene_src_strain                    ? 
_entity_src_gen.gene_src_tissue                    ? 
_entity_src_gen.gene_src_tissue_fraction           ? 
_entity_src_gen.gene_src_details                   ? 
_entity_src_gen.pdbx_gene_src_fragment             ? 
_entity_src_gen.pdbx_gene_src_scientific_name      'Arabidopsis thaliana' 
_entity_src_gen.pdbx_gene_src_ncbi_taxonomy_id     3702 
_entity_src_gen.pdbx_gene_src_variant              ? 
_entity_src_gen.pdbx_gene_src_cell_line            ? 
_entity_src_gen.pdbx_gene_src_atcc                 ? 
_entity_src_gen.pdbx_gene_src_organ                ? 
_entity_src_gen.pdbx_gene_src_organelle            ? 
_entity_src_gen.pdbx_gene_src_cell                 ? 
_entity_src_gen.pdbx_gene_src_cellular_location    ? 
_entity_src_gen.host_org_common_name               ? 
_entity_src_gen.pdbx_host_org_scientific_name      'Escherichia coli BL21(DE3)' 
_entity_src_gen.pdbx_host_org_ncbi_taxonomy_id     469008 
_entity_src_gen.host_org_genus                     ? 
_entity_src_gen.pdbx_host_org_gene                 ? 
_entity_src_gen.pdbx_host_org_organ                ? 
_entity_src_gen.host_org_species                   ? 
_entity_src_gen.pdbx_host_org_tissue               ? 
_entity_src_gen.pdbx_host_org_tissue_fraction      ? 
_entity_src_gen.pdbx_host_org_strain               'BL21(DE3)' 
_entity_src_gen.pdbx_host_org_variant              ? 
_entity_src_gen.pdbx_host_org_cell_line            ? 
_entity_src_gen.pdbx_host_org_atcc                 ? 
_entity_src_gen.pdbx_host_org_culture_collection   ? 
_entity_src_gen.pdbx_host_org_cell                 ? 
_entity_src_gen.pdbx_host_org_organelle            ? 
_entity_src_gen.pdbx_host_org_cellular_location    ? 
_entity_src_gen.pdbx_host_org_vector_type          plasmid 
_entity_src_gen.pdbx_host_org_vector               ? 
_entity_src_gen.host_org_details                   ? 
_entity_src_gen.expression_system_id               ? 
_entity_src_gen.plasmid_name                       pET32a 
_entity_src_gen.plasmid_details                    ? 
_entity_src_gen.pdbx_description                   ? 
# 
loop_
_chem_comp.id 
_chem_comp.type 
_chem_comp.mon_nstd_flag 
_chem_comp.name 
_chem_comp.pdbx_synonyms 
_chem_comp.formula 
_chem_comp.formula_weight 
ALA 'L-peptide linking' y ALANINE         ?                                                                    'C3 H7 N O2'     
89.093  
ARG 'L-peptide linking' y ARGININE        ?                                                                    'C6 H15 N4 O2 1' 
175.209 
ASN 'L-peptide linking' y ASPARAGINE      ?                                                                    'C4 H8 N2 O3'    
132.118 
GLN 'L-peptide linking' y GLUTAMINE       ?                                                                    'C5 H10 N2 O3'   
146.144 
GLU 'L-peptide linking' y 'GLUTAMIC ACID' ?                                                                    'C5 H9 N O4'     
147.129 
GLY 'peptide linking'   y GLYCINE         ?                                                                    'C2 H5 N O2'     
75.067  
GOL non-polymer         . GLYCEROL        'GLYCERIN; PROPANE-1,2,3-TRIOL'                                      'C3 H8 O3'       
92.094  
HIS 'L-peptide linking' y HISTIDINE       ?                                                                    'C6 H10 N3 O2 1' 
156.162 
HOH non-polymer         . WATER           ?                                                                    'H2 O'           
18.015  
ILE 'L-peptide linking' y ISOLEUCINE      ?                                                                    'C6 H13 N O2'    
131.173 
LEU 'L-peptide linking' y LEUCINE         ?                                                                    'C6 H13 N O2'    
131.173 
LYS 'L-peptide linking' y LYSINE          ?                                                                    'C6 H15 N2 O2 1' 
147.195 
MET 'L-peptide linking' y METHIONINE      ?                                                                    'C5 H11 N O2 S'  
149.211 
MLA non-polymer         . 'MALONIC ACID'  'DICARBOXYLIC ACID C3; PROPANEDIOLIC ACID; METHANEDICARBOXYLIC ACID' 'C3 H4 O4'       
104.061 
PHE 'L-peptide linking' y PHENYLALANINE   ?                                                                    'C9 H11 N O2'    
165.189 
PRO 'L-peptide linking' y PROLINE         ?                                                                    'C5 H9 N O2'     
115.130 
SER 'L-peptide linking' y SERINE          ?                                                                    'C3 H7 N O3'     
105.093 
THR 'L-peptide linking' y THREONINE       ?                                                                    'C4 H9 N O3'     
119.119 
TRP 'L-peptide linking' y TRYPTOPHAN      ?                                                                    'C11 H12 N2 O2'  
204.225 
TYR 'L-peptide linking' y TYROSINE        ?                                                                    'C9 H11 N O3'    
181.189 
VAL 'L-peptide linking' y VALINE          ?                                                                    'C5 H11 N O2'    
117.146 
# 
loop_
_pdbx_poly_seq_scheme.asym_id 
_pdbx_poly_seq_scheme.entity_id 
_pdbx_poly_seq_scheme.seq_id 
_pdbx_poly_seq_scheme.mon_id 
_pdbx_poly_seq_scheme.ndb_seq_num 
_pdbx_poly_seq_scheme.pdb_seq_num 
_pdbx_poly_seq_scheme.auth_seq_num 
_pdbx_poly_seq_scheme.pdb_mon_id 
_pdbx_poly_seq_scheme.auth_mon_id 
_pdbx_poly_seq_scheme.pdb_strand_id 
_pdbx_poly_seq_scheme.pdb_ins_code 
_pdbx_poly_seq_scheme.hetero 
A 1 1  GLY 1  224 224 GLY GLY A . n 
A 1 2  LYS 2  225 225 LYS LYS A . n 
A 1 3  ALA 3  226 226 ALA ALA A . n 
A 1 4  ARG 4  227 227 ARG ARG A . n 
A 1 5  MET 5  228 228 MET MET A . n 
A 1 6  ARG 6  229 229 ARG ARG A . n 
A 1 7  TRP 7  230 230 TRP TRP A . n 
A 1 8  THR 8  231 231 THR THR A . n 
A 1 9  PRO 9  232 232 PRO PRO A . n 
A 1 10 GLU 10 233 233 GLU GLU A . n 
A 1 11 LEU 11 234 234 LEU LEU A . n 
A 1 12 HIS 12 235 235 HIS HIS A . n 
A 1 13 GLU 13 236 236 GLU GLU A . n 
A 1 14 ALA 14 237 237 ALA ALA A . n 
A 1 15 PHE 15 238 238 PHE PHE A . n 
A 1 16 VAL 16 239 239 VAL VAL A . n 
A 1 17 GLU 17 240 240 GLU GLU A . n 
A 1 18 ALA 18 241 241 ALA ALA A . n 
A 1 19 VAL 19 242 242 VAL VAL A . n 
A 1 20 ASN 20 243 243 ASN ASN A . n 
A 1 21 SER 21 244 244 SER SER A . n 
A 1 22 LEU 22 245 245 LEU LEU A . n 
A 1 23 GLY 23 246 246 GLY GLY A . n 
A 1 24 GLY 24 247 247 GLY GLY A . n 
A 1 25 SER 25 248 248 SER SER A . n 
A 1 26 GLU 26 249 249 GLU GLU A . n 
A 1 27 ARG 27 250 250 ARG ARG A . n 
A 1 28 ALA 28 251 251 ALA ALA A . n 
A 1 29 THR 29 252 252 THR THR A . n 
A 1 30 PRO 30 253 253 PRO PRO A . n 
A 1 31 LYS 31 254 254 LYS LYS A . n 
A 1 32 GLY 32 255 255 GLY GLY A . n 
A 1 33 VAL 33 256 256 VAL VAL A . n 
A 1 34 LEU 34 257 257 LEU LEU A . n 
A 1 35 LYS 35 258 258 LYS LYS A . n 
A 1 36 ILE 36 259 259 ILE ILE A . n 
A 1 37 MET 37 260 260 MET MET A . n 
A 1 38 LYS 38 261 261 LYS LYS A . n 
A 1 39 VAL 39 262 262 VAL VAL A . n 
A 1 40 GLU 40 263 263 GLU GLU A . n 
A 1 41 GLY 41 264 264 GLY GLY A . n 
A 1 42 LEU 42 265 265 LEU LEU A . n 
A 1 43 THR 43 266 266 THR THR A . n 
A 1 44 ILE 44 267 267 ILE ILE A . n 
A 1 45 TYR 45 268 268 TYR TYR A . n 
A 1 46 HIS 46 269 269 HIS HIS A . n 
A 1 47 VAL 47 270 270 VAL VAL A . n 
A 1 48 LYS 48 271 271 LYS LYS A . n 
A 1 49 SER 49 272 272 SER SER A . n 
A 1 50 HIS 50 273 273 HIS HIS A . n 
A 1 51 LEU 51 274 274 LEU LEU A . n 
A 1 52 GLN 52 275 275 GLN GLN A . n 
A 1 53 LYS 53 276 276 LYS LYS A . n 
A 1 54 TYR 54 277 277 TYR TYR A . n 
A 1 55 ARG 55 278 278 ARG ARG A . n 
A 1 56 THR 56 279 279 THR THR A . n 
A 1 57 ALA 57 280 280 ALA ALA A . n 
A 1 58 ARG 58 281 281 ARG ARG A . n 
A 1 59 TYR 59 282 282 TYR TYR A . n 
A 1 60 ARG 60 283 283 ARG ARG A . n 
B 1 1  GLY 1  224 224 GLY GLY B . n 
B 1 2  LYS 2  225 225 LYS LYS B . n 
B 1 3  ALA 3  226 226 ALA ALA B . n 
B 1 4  ARG 4  227 227 ARG ARG B . n 
B 1 5  MET 5  228 228 MET MET B . n 
B 1 6  ARG 6  229 229 ARG ARG B . n 
B 1 7  TRP 7  230 230 TRP TRP B . n 
B 1 8  THR 8  231 231 THR THR B . n 
B 1 9  PRO 9  232 232 PRO PRO B . n 
B 1 10 GLU 10 233 233 GLU GLU B . n 
B 1 11 LEU 11 234 234 LEU LEU B . n 
B 1 12 HIS 12 235 235 HIS HIS B . n 
B 1 13 GLU 13 236 236 GLU GLU B . n 
B 1 14 ALA 14 237 237 ALA ALA B . n 
B 1 15 PHE 15 238 238 PHE PHE B . n 
B 1 16 VAL 16 239 239 VAL VAL B . n 
B 1 17 GLU 17 240 240 GLU GLU B . n 
B 1 18 ALA 18 241 241 ALA ALA B . n 
B 1 19 VAL 19 242 242 VAL VAL B . n 
B 1 20 ASN 20 243 243 ASN ASN B . n 
B 1 21 SER 21 244 244 SER SER B . n 
B 1 22 LEU 22 245 245 LEU LEU B . n 
B 1 23 GLY 23 246 246 GLY GLY B . n 
B 1 24 GLY 24 247 247 GLY GLY B . n 
B 1 25 SER 25 248 248 SER SER B . n 
B 1 26 GLU 26 249 249 GLU GLU B . n 
B 1 27 ARG 27 250 250 ARG ARG B . n 
B 1 28 ALA 28 251 251 ALA ALA B . n 
B 1 29 THR 29 252 252 THR THR B . n 
B 1 30 PRO 30 253 253 PRO PRO B . n 
B 1 31 LYS 31 254 254 LYS LYS B . n 
B 1 32 GLY 32 255 255 GLY GLY B . n 
B 1 33 VAL 33 256 256 VAL VAL B . n 
B 1 34 LEU 34 257 257 LEU LEU B . n 
B 1 35 LYS 35 258 258 LYS LYS B . n 
B 1 36 ILE 36 259 259 ILE ILE B . n 
B 1 37 MET 37 260 260 MET MET B . n 
B 1 38 LYS 38 261 261 LYS LYS B . n 
B 1 39 VAL 39 262 262 VAL VAL B . n 
B 1 40 GLU 40 263 263 GLU GLU B . n 
B 1 41 GLY 41 264 264 GLY GLY B . n 
B 1 42 LEU 42 265 265 LEU LEU B . n 
B 1 43 THR 43 266 266 THR THR B . n 
B 1 44 ILE 44 267 267 ILE ILE B . n 
B 1 45 TYR 45 268 268 TYR TYR B . n 
B 1 46 HIS 46 269 269 HIS HIS B . n 
B 1 47 VAL 47 270 270 VAL VAL B . n 
B 1 48 LYS 48 271 271 LYS LYS B . n 
B 1 49 SER 49 272 272 SER SER B . n 
B 1 50 HIS 50 273 273 HIS HIS B . n 
B 1 51 LEU 51 274 274 LEU LEU B . n 
B 1 52 GLN 52 275 275 GLN GLN B . n 
B 1 53 LYS 53 276 276 LYS LYS B . n 
B 1 54 TYR 54 277 277 TYR TYR B . n 
B 1 55 ARG 55 278 278 ARG ARG B . n 
B 1 56 THR 56 279 279 THR THR B . n 
B 1 57 ALA 57 280 280 ALA ALA B . n 
B 1 58 ARG 58 281 281 ARG ARG B . n 
B 1 59 TYR 59 282 ?   ?   ?   B . n 
B 1 60 ARG 60 283 ?   ?   ?   B . n 
# 
loop_
_pdbx_nonpoly_scheme.asym_id 
_pdbx_nonpoly_scheme.entity_id 
_pdbx_nonpoly_scheme.mon_id 
_pdbx_nonpoly_scheme.ndb_seq_num 
_pdbx_nonpoly_scheme.pdb_seq_num 
_pdbx_nonpoly_scheme.auth_seq_num 
_pdbx_nonpoly_scheme.pdb_mon_id 
_pdbx_nonpoly_scheme.auth_mon_id 
_pdbx_nonpoly_scheme.pdb_strand_id 
_pdbx_nonpoly_scheme.pdb_ins_code 
C 2 GOL 1  301 301 GOL GOL A . 
D 2 GOL 1  302 401 GOL GOL A . 
E 2 GOL 1  303 501 GOL GOL A . 
F 2 GOL 1  304 701 GOL GOL A . 
G 2 GOL 1  305 101 GOL GOL A . 
H 3 MLA 1  306 1   MLA MLA A . 
I 3 MLA 1  307 2   MLA MLA A . 
J 3 MLA 1  308 4   MLA MLA A . 
K 3 MLA 1  309 5   MLA MLA A . 
L 4 HOH 1  401 49  HOH HOH A . 
L 4 HOH 2  402 80  HOH HOH A . 
L 4 HOH 3  403 62  HOH HOH A . 
L 4 HOH 4  404 8   HOH HOH A . 
L 4 HOH 5  405 56  HOH HOH A . 
L 4 HOH 6  406 24  HOH HOH A . 
L 4 HOH 7  407 25  HOH HOH A . 
L 4 HOH 8  408 1   HOH HOH A . 
L 4 HOH 9  409 8   HOH HOH A . 
L 4 HOH 10 410 97  HOH HOH A . 
L 4 HOH 11 411 4   HOH HOH A . 
L 4 HOH 12 412 71  HOH HOH A . 
L 4 HOH 13 413 6   HOH HOH A . 
L 4 HOH 14 414 17  HOH HOH A . 
L 4 HOH 15 415 35  HOH HOH A . 
L 4 HOH 16 416 82  HOH HOH A . 
L 4 HOH 17 417 96  HOH HOH A . 
L 4 HOH 18 418 5   HOH HOH A . 
L 4 HOH 19 419 12  HOH HOH A . 
L 4 HOH 20 420 10  HOH HOH A . 
L 4 HOH 21 421 23  HOH HOH A . 
L 4 HOH 22 422 5   HOH HOH A . 
L 4 HOH 23 423 9   HOH HOH A . 
L 4 HOH 24 424 13  HOH HOH A . 
L 4 HOH 25 425 68  HOH HOH A . 
L 4 HOH 26 426 90  HOH HOH A . 
L 4 HOH 27 427 18  HOH HOH A . 
L 4 HOH 28 428 6   HOH HOH A . 
L 4 HOH 29 429 84  HOH HOH A . 
L 4 HOH 30 430 2   HOH HOH A . 
L 4 HOH 31 431 69  HOH HOH A . 
L 4 HOH 32 432 36  HOH HOH A . 
L 4 HOH 33 433 3   HOH HOH A . 
L 4 HOH 34 434 14  HOH HOH A . 
L 4 HOH 35 435 38  HOH HOH A . 
L 4 HOH 36 436 83  HOH HOH A . 
L 4 HOH 37 437 9   HOH HOH A . 
L 4 HOH 38 438 26  HOH HOH A . 
L 4 HOH 39 439 52  HOH HOH A . 
L 4 HOH 40 440 3   HOH HOH A . 
L 4 HOH 41 441 21  HOH HOH A . 
L 4 HOH 42 442 47  HOH HOH A . 
L 4 HOH 43 443 16  HOH HOH A . 
L 4 HOH 44 444 15  HOH HOH A . 
L 4 HOH 45 445 74  HOH HOH A . 
L 4 HOH 46 446 41  HOH HOH A . 
L 4 HOH 47 447 46  HOH HOH A . 
L 4 HOH 48 448 11  HOH HOH A . 
L 4 HOH 49 449 11  HOH HOH A . 
L 4 HOH 50 450 39  HOH HOH A . 
L 4 HOH 51 451 1   HOH HOH A . 
L 4 HOH 52 452 4   HOH HOH A . 
L 4 HOH 53 453 45  HOH HOH A . 
L 4 HOH 54 454 77  HOH HOH A . 
L 4 HOH 55 455 67  HOH HOH A . 
L 4 HOH 56 456 48  HOH HOH A . 
L 4 HOH 57 457 29  HOH HOH A . 
L 4 HOH 58 458 65  HOH HOH A . 
L 4 HOH 59 459 73  HOH HOH A . 
L 4 HOH 60 460 30  HOH HOH A . 
L 4 HOH 61 461 75  HOH HOH A . 
L 4 HOH 62 462 2   HOH HOH A . 
L 4 HOH 63 463 72  HOH HOH A . 
L 4 HOH 64 464 51  HOH HOH A . 
L 4 HOH 65 465 60  HOH HOH A . 
L 4 HOH 66 466 34  HOH HOH A . 
L 4 HOH 67 467 50  HOH HOH A . 
M 4 HOH 1  301 53  HOH HOH B . 
M 4 HOH 2  302 91  HOH HOH B . 
M 4 HOH 3  303 57  HOH HOH B . 
M 4 HOH 4  304 42  HOH HOH B . 
M 4 HOH 5  305 33  HOH HOH B . 
M 4 HOH 6  306 7   HOH HOH B . 
M 4 HOH 7  307 32  HOH HOH B . 
M 4 HOH 8  308 55  HOH HOH B . 
M 4 HOH 9  309 27  HOH HOH B . 
M 4 HOH 10 310 22  HOH HOH B . 
M 4 HOH 11 311 40  HOH HOH B . 
M 4 HOH 12 312 95  HOH HOH B . 
M 4 HOH 13 313 58  HOH HOH B . 
M 4 HOH 14 314 92  HOH HOH B . 
M 4 HOH 15 315 87  HOH HOH B . 
M 4 HOH 16 316 19  HOH HOH B . 
M 4 HOH 17 317 28  HOH HOH B . 
M 4 HOH 18 318 86  HOH HOH B . 
M 4 HOH 19 319 89  HOH HOH B . 
M 4 HOH 20 320 88  HOH HOH B . 
M 4 HOH 21 321 66  HOH HOH B . 
M 4 HOH 22 322 85  HOH HOH B . 
M 4 HOH 23 323 10  HOH HOH B . 
M 4 HOH 24 324 93  HOH HOH B . 
M 4 HOH 25 325 63  HOH HOH B . 
M 4 HOH 26 326 64  HOH HOH B . 
# 
loop_
_software.citation_id 
_software.classification 
_software.compiler_name 
_software.compiler_version 
_software.contact_author 
_software.contact_author_email 
_software.date 
_software.description 
_software.dependencies 
_software.hardware 
_software.language 
_software.location 
_software.mods 
_software.name 
_software.os 
_software.os_version 
_software.type 
_software.version 
_software.pdbx_ordinal 
? refinement        ? ? ? ? ? ? ? ? ? ? ? REFMAC      ? ? ? 5.8.0238 1 
? 'data scaling'    ? ? ? ? ? ? ? ? ? ? ? XDS         ? ? ? .        2 
? 'data extraction' ? ? ? ? ? ? ? ? ? ? ? PDB_EXTRACT ? ? ? 3.24     3 
? 'data reduction'  ? ? ? ? ? ? ? ? ? ? ? XDS         ? ? ? .        4 
? phasing           ? ? ? ? ? ? ? ? ? ? ? PHENIX      ? ? ? .        5 
# 
_cell.angle_alpha                  90.000 
_cell.angle_alpha_esd              ? 
_cell.angle_beta                   90.000 
_cell.angle_beta_esd               ? 
_cell.angle_gamma                  90.000 
_cell.angle_gamma_esd              ? 
_cell.entry_id                     6J4K 
_cell.details                      ? 
_cell.formula_units_Z              ? 
_cell.length_a                     41.344 
_cell.length_a_esd                 ? 
_cell.length_b                     140.221 
_cell.length_b_esd                 ? 
_cell.length_c                     65.584 
_cell.length_c_esd                 ? 
_cell.volume                       ? 
_cell.volume_esd                   ? 
_cell.Z_PDB                        16 
_cell.reciprocal_angle_alpha       ? 
_cell.reciprocal_angle_beta        ? 
_cell.reciprocal_angle_gamma       ? 
_cell.reciprocal_angle_alpha_esd   ? 
_cell.reciprocal_angle_beta_esd    ? 
_cell.reciprocal_angle_gamma_esd   ? 
_cell.reciprocal_length_a          ? 
_cell.reciprocal_length_b          ? 
_cell.reciprocal_length_c          ? 
_cell.reciprocal_length_a_esd      ? 
_cell.reciprocal_length_b_esd      ? 
_cell.reciprocal_length_c_esd      ? 
_cell.pdbx_unique_axis             ? 
# 
_symmetry.entry_id                         6J4K 
_symmetry.cell_setting                     ? 
_symmetry.Int_Tables_number                20 
_symmetry.space_group_name_Hall            ? 
_symmetry.space_group_name_H-M             'C 2 2 21' 
_symmetry.pdbx_full_space_group_name_H-M   ? 
# 
_exptl.absorpt_coefficient_mu     ? 
_exptl.absorpt_correction_T_max   ? 
_exptl.absorpt_correction_T_min   ? 
_exptl.absorpt_correction_type    ? 
_exptl.absorpt_process_details    ? 
_exptl.entry_id                   6J4K 
_exptl.crystals_number            1 
_exptl.details                    ? 
_exptl.method                     'X-RAY DIFFRACTION' 
_exptl.method_details             ? 
# 
_exptl_crystal.colour                      ? 
_exptl_crystal.density_diffrn              ? 
_exptl_crystal.density_Matthews            3.62 
_exptl_crystal.density_method              ? 
_exptl_crystal.density_percent_sol         66.01 
_exptl_crystal.description                 ? 
_exptl_crystal.F_000                       ? 
_exptl_crystal.id                          1 
_exptl_crystal.preparation                 ? 
_exptl_crystal.size_max                    ? 
_exptl_crystal.size_mid                    ? 
_exptl_crystal.size_min                    ? 
_exptl_crystal.size_rad                    ? 
_exptl_crystal.colour_lustre               ? 
_exptl_crystal.colour_modifier             ? 
_exptl_crystal.colour_primary              ? 
_exptl_crystal.density_meas                ? 
_exptl_crystal.density_meas_esd            ? 
_exptl_crystal.density_meas_gt             ? 
_exptl_crystal.density_meas_lt             ? 
_exptl_crystal.density_meas_temp           ? 
_exptl_crystal.density_meas_temp_esd       ? 
_exptl_crystal.density_meas_temp_gt        ? 
_exptl_crystal.density_meas_temp_lt        ? 
_exptl_crystal.pdbx_crystal_image_url      ? 
_exptl_crystal.pdbx_crystal_image_format   ? 
_exptl_crystal.pdbx_mosaicity              0.249 
_exptl_crystal.pdbx_mosaicity_esd          ? 
# 
_exptl_crystal_grow.apparatus       ? 
_exptl_crystal_grow.atmosphere      ? 
_exptl_crystal_grow.crystal_id      1 
_exptl_crystal_grow.details         ? 
_exptl_crystal_grow.method          'VAPOR DIFFUSION, SITTING DROP' 
_exptl_crystal_grow.method_ref      ? 
_exptl_crystal_grow.pH              7.0 
_exptl_crystal_grow.pressure        ? 
_exptl_crystal_grow.pressure_esd    ? 
_exptl_crystal_grow.seeding         ? 
_exptl_crystal_grow.seeding_ref     ? 
_exptl_crystal_grow.temp            289 
_exptl_crystal_grow.temp_details    ? 
_exptl_crystal_grow.temp_esd        ? 
_exptl_crystal_grow.time            ? 
_exptl_crystal_grow.pdbx_details    '2.4M sodium malonate pH 7.0' 
_exptl_crystal_grow.pdbx_pH_range   ? 
# 
_diffrn.ambient_environment              ? 
_diffrn.ambient_temp                     100 
_diffrn.ambient_temp_details             ? 
_diffrn.ambient_temp_esd                 ? 
_diffrn.crystal_id                       1 
_diffrn.crystal_support                  ? 
_diffrn.crystal_treatment                ? 
_diffrn.details                          ? 
_diffrn.id                               1 
_diffrn.ambient_pressure                 ? 
_diffrn.ambient_pressure_esd             ? 
_diffrn.ambient_pressure_gt              ? 
_diffrn.ambient_pressure_lt              ? 
_diffrn.ambient_temp_gt                  ? 
_diffrn.ambient_temp_lt                  ? 
_diffrn.pdbx_serial_crystal_experiment   N 
# 
_diffrn_detector.details                      ? 
_diffrn_detector.detector                     PIXEL 
_diffrn_detector.diffrn_id                    1 
_diffrn_detector.type                         'DECTRIS PILATUS3 6M' 
_diffrn_detector.area_resol_mean              ? 
_diffrn_detector.dtime                        ? 
_diffrn_detector.pdbx_frames_total            ? 
_diffrn_detector.pdbx_collection_time_total   ? 
_diffrn_detector.pdbx_collection_date         2018-04-06 
_diffrn_detector.pdbx_frequency               ? 
# 
_diffrn_radiation.collimation                      ? 
_diffrn_radiation.diffrn_id                        1 
_diffrn_radiation.filter_edge                      ? 
_diffrn_radiation.inhomogeneity                    ? 
_diffrn_radiation.monochromator                    ? 
_diffrn_radiation.polarisn_norm                    ? 
_diffrn_radiation.polarisn_ratio                   ? 
_diffrn_radiation.probe                            ? 
_diffrn_radiation.type                             ? 
_diffrn_radiation.xray_symbol                      ? 
_diffrn_radiation.wavelength_id                    1 
_diffrn_radiation.pdbx_monochromatic_or_laue_m_l   M 
_diffrn_radiation.pdbx_wavelength_list             ? 
_diffrn_radiation.pdbx_wavelength                  ? 
_diffrn_radiation.pdbx_diffrn_protocol             'SINGLE WAVELENGTH' 
_diffrn_radiation.pdbx_analyzer                    ? 
_diffrn_radiation.pdbx_scattering_type             x-ray 
# 
_diffrn_radiation_wavelength.id           1 
_diffrn_radiation_wavelength.wavelength   0.979 
_diffrn_radiation_wavelength.wt           1.0 
# 
_diffrn_source.current                     ? 
_diffrn_source.details                     ? 
_diffrn_source.diffrn_id                   1 
_diffrn_source.power                       ? 
_diffrn_source.size                        ? 
_diffrn_source.source                      SYNCHROTRON 
_diffrn_source.target                      ? 
_diffrn_source.type                        'SSRF BEAMLINE BL19U1' 
_diffrn_source.voltage                     ? 
_diffrn_source.take-off_angle              ? 
_diffrn_source.pdbx_wavelength_list        0.979 
_diffrn_source.pdbx_wavelength             ? 
_diffrn_source.pdbx_synchrotron_beamline   BL19U1 
_diffrn_source.pdbx_synchrotron_site       SSRF 
# 
_reflns.B_iso_Wilson_estimate            ? 
_reflns.entry_id                         6J4K 
_reflns.data_reduction_details           ? 
_reflns.data_reduction_method            ? 
_reflns.d_resolution_high                1.580 
_reflns.d_resolution_low                 47.9400 
_reflns.details                          ? 
_reflns.limit_h_max                      ? 
_reflns.limit_h_min                      ? 
_reflns.limit_k_max                      ? 
_reflns.limit_k_min                      ? 
_reflns.limit_l_max                      ? 
_reflns.limit_l_min                      ? 
_reflns.number_all                       ? 
_reflns.number_obs                       26266 
_reflns.observed_criterion               ? 
_reflns.observed_criterion_F_max         ? 
_reflns.observed_criterion_F_min         ? 
_reflns.observed_criterion_I_max         ? 
_reflns.observed_criterion_I_min         ? 
_reflns.observed_criterion_sigma_F       ? 
_reflns.observed_criterion_sigma_I       ? 
_reflns.percent_possible_obs             98.700 
_reflns.R_free_details                   ? 
_reflns.Rmerge_F_all                     ? 
_reflns.Rmerge_F_obs                     ? 
_reflns.Friedel_coverage                 ? 
_reflns.number_gt                        ? 
_reflns.threshold_expression             ? 
_reflns.pdbx_redundancy                  11.300 
_reflns.pdbx_Rmerge_I_obs                0.043 
_reflns.pdbx_Rmerge_I_all                ? 
_reflns.pdbx_Rsym_value                  ? 
_reflns.pdbx_netI_over_av_sigmaI         ? 
_reflns.pdbx_netI_over_sigmaI            24.100 
_reflns.pdbx_res_netI_over_av_sigmaI_2   ? 
_reflns.pdbx_res_netI_over_sigmaI_2      ? 
_reflns.pdbx_chi_squared                 ? 
_reflns.pdbx_scaling_rejects             ? 
_reflns.pdbx_d_res_high_opt              ? 
_reflns.pdbx_d_res_low_opt               ? 
_reflns.pdbx_d_res_opt_method            ? 
_reflns.phase_calculation_details        ? 
_reflns.pdbx_Rrim_I_all                  0.045 
_reflns.pdbx_Rpim_I_all                  0.013 
_reflns.pdbx_d_opt                       ? 
_reflns.pdbx_number_measured_all         ? 
_reflns.pdbx_diffrn_id                   1 
_reflns.pdbx_ordinal                     1 
_reflns.pdbx_CC_half                     1.000 
_reflns.pdbx_R_split                     ? 
# 
loop_
_reflns_shell.d_res_high 
_reflns_shell.d_res_low 
_reflns_shell.meanI_over_sigI_all 
_reflns_shell.meanI_over_sigI_obs 
_reflns_shell.number_measured_all 
_reflns_shell.number_measured_obs 
_reflns_shell.number_possible 
_reflns_shell.number_unique_all 
_reflns_shell.number_unique_obs 
_reflns_shell.percent_possible_all 
_reflns_shell.percent_possible_obs 
_reflns_shell.Rmerge_F_all 
_reflns_shell.Rmerge_F_obs 
_reflns_shell.Rmerge_I_all 
_reflns_shell.Rmerge_I_obs 
_reflns_shell.meanI_over_sigI_gt 
_reflns_shell.meanI_over_uI_all 
_reflns_shell.meanI_over_uI_gt 
_reflns_shell.number_measured_gt 
_reflns_shell.number_unique_gt 
_reflns_shell.percent_possible_gt 
_reflns_shell.Rmerge_F_gt 
_reflns_shell.Rmerge_I_gt 
_reflns_shell.pdbx_redundancy 
_reflns_shell.pdbx_Rsym_value 
_reflns_shell.pdbx_chi_squared 
_reflns_shell.pdbx_netI_over_sigmaI_all 
_reflns_shell.pdbx_netI_over_sigmaI_obs 
_reflns_shell.pdbx_Rrim_I_all 
_reflns_shell.pdbx_Rpim_I_all 
_reflns_shell.pdbx_rejects 
_reflns_shell.pdbx_ordinal 
_reflns_shell.pdbx_diffrn_id 
_reflns_shell.pdbx_CC_half 
_reflns_shell.pdbx_R_split 
1.580 1.610  ? ? ? ? ? ? 1116 88.000 ? ? ? ? 1.806 ? ? ? ? ? ? ? ? 5.000 ? ? ? ? 2.015 0.871 ? 1 1 0.395 ? 
8.650 47.900 ? ? ? ? ? ? 203  99.500 ? ? ? ? 0.029 ? ? ? ? ? ? ? ? 9.800 ? ? ? ? 0.031 0.009 ? 2 1 0.999 ? 
# 
_refine.aniso_B[1][1]                            -1.7000 
_refine.aniso_B[1][2]                            0.0000 
_refine.aniso_B[1][3]                            0.0000 
_refine.aniso_B[2][2]                            -0.5600 
_refine.aniso_B[2][3]                            0.0000 
_refine.aniso_B[3][3]                            2.2600 
_refine.B_iso_max                                165.180 
_refine.B_iso_mean                               43.5190 
_refine.B_iso_min                                18.040 
_refine.correlation_coeff_Fo_to_Fc               0.9710 
_refine.correlation_coeff_Fo_to_Fc_free          0.9710 
_refine.details                                  'U VALUES      : REFINED INDIVIDUALLY' 
_refine.diff_density_max                         ? 
_refine.diff_density_max_esd                     ? 
_refine.diff_density_min                         ? 
_refine.diff_density_min_esd                     ? 
_refine.diff_density_rms                         ? 
_refine.diff_density_rms_esd                     ? 
_refine.entry_id                                 6J4K 
_refine.pdbx_refine_id                           'X-RAY DIFFRACTION' 
_refine.ls_abs_structure_details                 ? 
_refine.ls_abs_structure_Flack                   ? 
_refine.ls_abs_structure_Flack_esd               ? 
_refine.ls_abs_structure_Rogers                  ? 
_refine.ls_abs_structure_Rogers_esd              ? 
_refine.ls_d_res_high                            1.5800 
_refine.ls_d_res_low                             47.9400 
_refine.ls_extinction_coef                       ? 
_refine.ls_extinction_coef_esd                   ? 
_refine.ls_extinction_expression                 ? 
_refine.ls_extinction_method                     ? 
_refine.ls_goodness_of_fit_all                   ? 
_refine.ls_goodness_of_fit_all_esd               ? 
_refine.ls_goodness_of_fit_obs                   ? 
_refine.ls_goodness_of_fit_obs_esd               ? 
_refine.ls_hydrogen_treatment                    ? 
_refine.ls_matrix_type                           ? 
_refine.ls_number_constraints                    ? 
_refine.ls_number_parameters                     ? 
_refine.ls_number_reflns_all                     ? 
_refine.ls_number_reflns_obs                     24987 
_refine.ls_number_reflns_R_free                  1260 
_refine.ls_number_reflns_R_work                  ? 
_refine.ls_number_restraints                     ? 
_refine.ls_percent_reflns_obs                    98.5900 
_refine.ls_percent_reflns_R_free                 4.8000 
_refine.ls_R_factor_all                          ? 
_refine.ls_R_factor_obs                          0.1926 
_refine.ls_R_factor_R_free                       0.2173 
_refine.ls_R_factor_R_free_error                 ? 
_refine.ls_R_factor_R_free_error_details         ? 
_refine.ls_R_factor_R_work                       0.1913 
_refine.ls_R_Fsqd_factor_obs                     ? 
_refine.ls_R_I_factor_obs                        ? 
_refine.ls_redundancy_reflns_all                 ? 
_refine.ls_redundancy_reflns_obs                 ? 
_refine.ls_restrained_S_all                      ? 
_refine.ls_restrained_S_obs                      ? 
_refine.ls_shift_over_esd_max                    ? 
_refine.ls_shift_over_esd_mean                   ? 
_refine.ls_structure_factor_coef                 ? 
_refine.ls_weighting_details                     ? 
_refine.ls_weighting_scheme                      ? 
_refine.ls_wR_factor_all                         ? 
_refine.ls_wR_factor_obs                         ? 
_refine.ls_wR_factor_R_free                      ? 
_refine.ls_wR_factor_R_work                      ? 
_refine.occupancy_max                            ? 
_refine.occupancy_min                            ? 
_refine.solvent_model_details                    ? 
_refine.solvent_model_param_bsol                 ? 
_refine.solvent_model_param_ksol                 ? 
_refine.ls_R_factor_gt                           ? 
_refine.ls_goodness_of_fit_gt                    ? 
_refine.ls_goodness_of_fit_ref                   ? 
_refine.ls_shift_over_su_max                     ? 
_refine.ls_shift_over_su_max_lt                  ? 
_refine.ls_shift_over_su_mean                    ? 
_refine.ls_shift_over_su_mean_lt                 ? 
_refine.pdbx_ls_sigma_I                          ? 
_refine.pdbx_ls_sigma_F                          0.000 
_refine.pdbx_ls_sigma_Fsqd                       ? 
_refine.pdbx_data_cutoff_high_absF               ? 
_refine.pdbx_data_cutoff_high_rms_absF           ? 
_refine.pdbx_data_cutoff_low_absF                ? 
_refine.pdbx_isotropic_thermal_model             ? 
_refine.pdbx_ls_cross_valid_method               THROUGHOUT 
_refine.pdbx_method_to_determine_struct          SAD 
_refine.pdbx_starting_model                      ? 
_refine.pdbx_stereochemistry_target_values       ? 
_refine.pdbx_R_Free_selection_details            RANDOM 
_refine.pdbx_stereochem_target_val_spec_case     ? 
_refine.pdbx_overall_ESU_R                       0.0750 
_refine.pdbx_overall_ESU_R_Free                  0.0760 
_refine.pdbx_solvent_vdw_probe_radii             1.2000 
_refine.pdbx_solvent_ion_probe_radii             0.8000 
_refine.pdbx_solvent_shrinkage_radii             0.8000 
_refine.pdbx_real_space_R                        ? 
_refine.pdbx_density_correlation                 ? 
_refine.pdbx_pd_number_of_powder_patterns        ? 
_refine.pdbx_pd_number_of_points                 ? 
_refine.pdbx_pd_meas_number_of_points            ? 
_refine.pdbx_pd_proc_ls_prof_R_factor            ? 
_refine.pdbx_pd_proc_ls_prof_wR_factor           ? 
_refine.pdbx_pd_Marquardt_correlation_coeff      ? 
_refine.pdbx_pd_Fsqrd_R_factor                   ? 
_refine.pdbx_pd_ls_matrix_band_width             ? 
_refine.pdbx_overall_phase_error                 ? 
_refine.pdbx_overall_SU_R_free_Cruickshank_DPI   ? 
_refine.pdbx_overall_SU_R_free_Blow_DPI          ? 
_refine.pdbx_overall_SU_R_Blow_DPI               ? 
_refine.pdbx_TLS_residual_ADP_flag               ? 
_refine.pdbx_diffrn_id                           1 
_refine.overall_SU_B                             1.9380 
_refine.overall_SU_ML                            0.0640 
_refine.overall_SU_R_Cruickshank_DPI             ? 
_refine.overall_SU_R_free                        ? 
_refine.overall_FOM_free_R_set                   ? 
_refine.overall_FOM_work_R_set                   ? 
_refine.pdbx_average_fsc_overall                 ? 
_refine.pdbx_average_fsc_work                    ? 
_refine.pdbx_average_fsc_free                    ? 
# 
_refine_hist.cycle_id                         final 
_refine_hist.pdbx_refine_id                   'X-RAY DIFFRACTION' 
_refine_hist.d_res_high                       1.5800 
_refine_hist.d_res_low                        47.9400 
_refine_hist.pdbx_number_atoms_ligand         67 
_refine_hist.number_atoms_solvent             93 
_refine_hist.number_atoms_total               1108 
_refine_hist.pdbx_number_residues_total       118 
_refine_hist.pdbx_B_iso_mean_ligand           66.15 
_refine_hist.pdbx_B_iso_mean_solvent          52.88 
_refine_hist.pdbx_number_atoms_protein        948 
_refine_hist.pdbx_number_atoms_nucleic_acid   0 
# 
loop_
_refine_ls_restr_ncs.pdbx_ordinal 
_refine_ls_restr_ncs.pdbx_refine_id 
_refine_ls_restr_ncs.pdbx_ens_id 
_refine_ls_restr_ncs.dom_id 
_refine_ls_restr_ncs.pdbx_type 
_refine_ls_restr_ncs.pdbx_auth_asym_id 
_refine_ls_restr_ncs.pdbx_number 
_refine_ls_restr_ncs.rms_dev_position 
_refine_ls_restr_ncs.weight_position 
_refine_ls_restr_ncs.ncs_model_details 
_refine_ls_restr_ncs.rms_dev_B_iso 
_refine_ls_restr_ncs.weight_B_iso 
_refine_ls_restr_ncs.pdbx_asym_id 
_refine_ls_restr_ncs.pdbx_rms 
_refine_ls_restr_ncs.pdbx_weight 
1 'X-RAY DIFFRACTION' 1 1 'interatomic distance' A 1714 0.170 0.050 ? ? ? ? ? ? 
2 'X-RAY DIFFRACTION' 1 2 'interatomic distance' B 1714 0.170 0.050 ? ? ? ? ? ? 
# 
_refine_ls_shell.pdbx_refine_id                   'X-RAY DIFFRACTION' 
_refine_ls_shell.d_res_high                       1.5800 
_refine_ls_shell.d_res_low                        1.6210 
_refine_ls_shell.number_reflns_all                1701 
_refine_ls_shell.number_reflns_obs                ? 
_refine_ls_shell.number_reflns_R_free             78 
_refine_ls_shell.number_reflns_R_work             1623 
_refine_ls_shell.percent_reflns_obs               88.7300 
_refine_ls_shell.percent_reflns_R_free            ? 
_refine_ls_shell.R_factor_all                     ? 
_refine_ls_shell.R_factor_obs                     ? 
_refine_ls_shell.R_factor_R_free                  0.4080 
_refine_ls_shell.R_factor_R_free_error            0.0000 
_refine_ls_shell.R_factor_R_work                  0.3770 
_refine_ls_shell.redundancy_reflns_all            ? 
_refine_ls_shell.redundancy_reflns_obs            ? 
_refine_ls_shell.wR_factor_all                    ? 
_refine_ls_shell.wR_factor_obs                    ? 
_refine_ls_shell.wR_factor_R_free                 ? 
_refine_ls_shell.wR_factor_R_work                 ? 
_refine_ls_shell.pdbx_total_number_of_bins_used   20 
_refine_ls_shell.pdbx_phase_error                 ? 
_refine_ls_shell.pdbx_fsc_work                    ? 
_refine_ls_shell.pdbx_fsc_free                    ? 
# 
loop_
_struct_ncs_dom.pdbx_ens_id 
_struct_ncs_dom.id 
_struct_ncs_dom.details 
1 1 A 
1 2 B 
# 
loop_
_struct_ncs_dom_lim.pdbx_ens_id 
_struct_ncs_dom_lim.dom_id 
_struct_ncs_dom_lim.pdbx_component_id 
_struct_ncs_dom_lim.beg_label_asym_id 
_struct_ncs_dom_lim.beg_label_comp_id 
_struct_ncs_dom_lim.beg_label_seq_id 
_struct_ncs_dom_lim.beg_label_alt_id 
_struct_ncs_dom_lim.end_label_asym_id 
_struct_ncs_dom_lim.end_label_comp_id 
_struct_ncs_dom_lim.end_label_seq_id 
_struct_ncs_dom_lim.end_label_alt_id 
_struct_ncs_dom_lim.beg_auth_asym_id 
_struct_ncs_dom_lim.beg_auth_comp_id 
_struct_ncs_dom_lim.beg_auth_seq_id 
_struct_ncs_dom_lim.end_auth_asym_id 
_struct_ncs_dom_lim.end_auth_comp_id 
_struct_ncs_dom_lim.end_auth_seq_id 
_struct_ncs_dom_lim.pdbx_refine_code 
_struct_ncs_dom_lim.selection_details 
1 1 0 A GLY 1 . A ALA 57 . A GLY 224 A ALA 280 0 ? 
1 2 0 B GLY 1 . B ALA 57 . B GLY 224 B ALA 280 0 ? 
# 
_struct_ncs_ens.id        1 
_struct_ncs_ens.details   ? 
# 
_struct.entry_id                     6J4K 
_struct.title                        
'Structural basis for the target DNA recognition and binding by the MYB domain of phosphate starvation response 1' 
_struct.pdbx_model_details           ? 
_struct.pdbx_formula_weight          ? 
_struct.pdbx_formula_weight_method   ? 
_struct.pdbx_model_type_details      ? 
_struct.pdbx_CASP_flag               N 
# 
_struct_keywords.entry_id        6J4K 
_struct_keywords.text            'MYB domain, TRANSCRIPTION' 
_struct_keywords.pdbx_keywords   TRANSCRIPTION 
# 
loop_
_struct_asym.id 
_struct_asym.pdbx_blank_PDB_chainid_flag 
_struct_asym.pdbx_modified 
_struct_asym.entity_id 
_struct_asym.details 
A N N 1 ? 
B N N 1 ? 
C N N 2 ? 
D N N 2 ? 
E N N 2 ? 
F N N 2 ? 
G N N 2 ? 
H N N 3 ? 
I N N 3 ? 
J N N 3 ? 
K N N 3 ? 
L N N 4 ? 
M N N 4 ? 
# 
_struct_ref.id                         1 
_struct_ref.db_name                    UNP 
_struct_ref.db_code                    PHR1_ARATH 
_struct_ref.pdbx_db_accession          Q94CL7 
_struct_ref.pdbx_db_isoform            ? 
_struct_ref.entity_id                  1 
_struct_ref.pdbx_seq_one_letter_code   GKARMRWTPELHEAFVEAVNSLGGSERATPKGVLKIMKVEGLTIYHVKSHLQKYRTARYR 
_struct_ref.pdbx_align_begin           224 
# 
loop_
_struct_ref_seq.align_id 
_struct_ref_seq.ref_id 
_struct_ref_seq.pdbx_PDB_id_code 
_struct_ref_seq.pdbx_strand_id 
_struct_ref_seq.seq_align_beg 
_struct_ref_seq.pdbx_seq_align_beg_ins_code 
_struct_ref_seq.seq_align_end 
_struct_ref_seq.pdbx_seq_align_end_ins_code 
_struct_ref_seq.pdbx_db_accession 
_struct_ref_seq.db_align_beg 
_struct_ref_seq.pdbx_db_align_beg_ins_code 
_struct_ref_seq.db_align_end 
_struct_ref_seq.pdbx_db_align_end_ins_code 
_struct_ref_seq.pdbx_auth_seq_align_beg 
_struct_ref_seq.pdbx_auth_seq_align_end 
1 1 6J4K A 1 ? 60 ? Q94CL7 224 ? 283 ? 224 283 
2 1 6J4K B 1 ? 60 ? Q94CL7 224 ? 283 ? 224 283 
# 
_pdbx_struct_assembly.id                   1 
_pdbx_struct_assembly.details              author_defined_assembly 
_pdbx_struct_assembly.method_details       ? 
_pdbx_struct_assembly.oligomeric_details   dimeric 
_pdbx_struct_assembly.oligomeric_count     2 
# 
loop_
_pdbx_struct_assembly_prop.biol_id 
_pdbx_struct_assembly_prop.type 
_pdbx_struct_assembly_prop.value 
_pdbx_struct_assembly_prop.details 
1 'ABSA (A^2)' 2690 ? 
1 MORE         -20  ? 
1 'SSA (A^2)'  8300 ? 
# 
_pdbx_struct_assembly_gen.assembly_id       1 
_pdbx_struct_assembly_gen.oper_expression   1 
_pdbx_struct_assembly_gen.asym_id_list      A,B,C,D,E,F,G,H,I,J,K,L,M 
# 
_pdbx_struct_assembly_auth_evidence.id                     1 
_pdbx_struct_assembly_auth_evidence.assembly_id            1 
_pdbx_struct_assembly_auth_evidence.experimental_support   cross-linking 
_pdbx_struct_assembly_auth_evidence.details                ? 
# 
_pdbx_struct_oper_list.id                   1 
_pdbx_struct_oper_list.type                 'identity operation' 
_pdbx_struct_oper_list.name                 1_555 
_pdbx_struct_oper_list.symmetry_operation   x,y,z 
_pdbx_struct_oper_list.matrix[1][1]         1.0000000000 
_pdbx_struct_oper_list.matrix[1][2]         0.0000000000 
_pdbx_struct_oper_list.matrix[1][3]         0.0000000000 
_pdbx_struct_oper_list.vector[1]            0.0000000000 
_pdbx_struct_oper_list.matrix[2][1]         0.0000000000 
_pdbx_struct_oper_list.matrix[2][2]         1.0000000000 
_pdbx_struct_oper_list.matrix[2][3]         0.0000000000 
_pdbx_struct_oper_list.vector[2]            0.0000000000 
_pdbx_struct_oper_list.matrix[3][1]         0.0000000000 
_pdbx_struct_oper_list.matrix[3][2]         0.0000000000 
_pdbx_struct_oper_list.matrix[3][3]         1.0000000000 
_pdbx_struct_oper_list.vector[3]            0.0000000000 
# 
loop_
_struct_conf.conf_type_id 
_struct_conf.id 
_struct_conf.pdbx_PDB_helix_id 
_struct_conf.beg_label_comp_id 
_struct_conf.beg_label_asym_id 
_struct_conf.beg_label_seq_id 
_struct_conf.pdbx_beg_PDB_ins_code 
_struct_conf.end_label_comp_id 
_struct_conf.end_label_asym_id 
_struct_conf.end_label_seq_id 
_struct_conf.pdbx_end_PDB_ins_code 
_struct_conf.beg_auth_comp_id 
_struct_conf.beg_auth_asym_id 
_struct_conf.beg_auth_seq_id 
_struct_conf.end_auth_comp_id 
_struct_conf.end_auth_asym_id 
_struct_conf.end_auth_seq_id 
_struct_conf.pdbx_PDB_helix_class 
_struct_conf.details 
_struct_conf.pdbx_PDB_helix_length 
HELX_P HELX_P1 AA1 THR A 8  ? LEU A 22 ? THR A 231 LEU A 245 1 ? 15 
HELX_P HELX_P2 AA2 THR A 29 ? LYS A 38 ? THR A 252 LYS A 261 1 ? 10 
HELX_P HELX_P3 AA3 THR A 43 ? ALA A 57 ? THR A 266 ALA A 280 1 ? 15 
HELX_P HELX_P4 AA4 THR B 8  ? LEU B 22 ? THR B 231 LEU B 245 1 ? 15 
HELX_P HELX_P5 AA5 THR B 29 ? LYS B 38 ? THR B 252 LYS B 261 1 ? 10 
HELX_P HELX_P6 AA6 THR B 43 ? ARG B 58 ? THR B 266 ARG B 281 1 ? 16 
# 
_struct_conf_type.id          HELX_P 
_struct_conf_type.criteria    ? 
_struct_conf_type.reference   ? 
# 
loop_
_struct_site.id 
_struct_site.pdbx_evidence_code 
_struct_site.pdbx_auth_asym_id 
_struct_site.pdbx_auth_comp_id 
_struct_site.pdbx_auth_seq_id 
_struct_site.pdbx_auth_ins_code 
_struct_site.pdbx_num_residues 
_struct_site.details 
AC1 Software A GOL 301 ? 8 'binding site for residue GOL A 301' 
AC2 Software A GOL 302 ? 6 'binding site for residue GOL A 302' 
AC3 Software A GOL 303 ? 6 'binding site for residue GOL A 303' 
AC4 Software A GOL 304 ? 5 'binding site for residue GOL A 304' 
AC5 Software A GOL 305 ? 8 'binding site for residue GOL A 305' 
AC6 Software A MLA 306 ? 8 'binding site for residue MLA A 306' 
AC7 Software A MLA 307 ? 7 'binding site for residue MLA A 307' 
AC8 Software A MLA 308 ? 7 'binding site for residue MLA A 308' 
AC9 Software A MLA 309 ? 9 'binding site for residue MLA A 309' 
# 
loop_
_struct_site_gen.id 
_struct_site_gen.site_id 
_struct_site_gen.pdbx_num_res 
_struct_site_gen.label_comp_id 
_struct_site_gen.label_asym_id 
_struct_site_gen.label_seq_id 
_struct_site_gen.pdbx_auth_ins_code 
_struct_site_gen.auth_comp_id 
_struct_site_gen.auth_asym_id 
_struct_site_gen.auth_seq_id 
_struct_site_gen.label_atom_id 
_struct_site_gen.label_alt_id 
_struct_site_gen.symmetry 
_struct_site_gen.details 
1  AC1 8 ARG A 4  ? ARG A 227 . ? 1_555 ? 
2  AC1 8 MET A 5  ? MET A 228 . ? 1_555 ? 
3  AC1 8 ARG A 6  ? ARG A 229 . ? 1_555 ? 
4  AC1 8 THR A 8  ? THR A 231 . ? 1_555 ? 
5  AC1 8 LEU A 11 ? LEU A 234 . ? 1_555 ? 
6  AC1 8 TYR A 59 ? TYR A 282 . ? 8_545 ? 
7  AC1 8 GLU B 17 ? GLU B 240 . ? 1_555 ? 
8  AC1 8 SER B 21 ? SER B 244 . ? 1_555 ? 
9  AC2 6 HIS A 12 ? HIS A 235 . ? 8_545 ? 
10 AC2 6 GLU A 13 ? GLU A 236 . ? 8_545 ? 
11 AC2 6 HIS A 46 ? HIS A 269 . ? 1_555 ? 
12 AC2 6 ARG A 60 ? ARG A 283 . ? 8_545 ? 
13 AC2 6 HOH L .  ? HOH A 408 . ? 8_545 ? 
14 AC2 6 HOH L .  ? HOH A 436 . ? 1_555 ? 
15 AC3 6 ALA A 57 ? ALA A 280 . ? 1_555 ? 
16 AC3 6 ARG A 58 ? ARG A 281 . ? 1_555 ? 
17 AC3 6 MLA J .  ? MLA A 308 . ? 1_555 ? 
18 AC3 6 HOH L .  ? HOH A 404 . ? 1_555 ? 
19 AC3 6 HOH L .  ? HOH A 422 . ? 8_445 ? 
20 AC3 6 HOH L .  ? HOH A 441 . ? 1_555 ? 
21 AC4 5 ARG A 4  ? ARG A 227 . ? 1_555 ? 
22 AC4 5 TRP A 7  ? TRP A 230 . ? 1_555 ? 
23 AC4 5 MLA H .  ? MLA A 306 . ? 1_555 ? 
24 AC4 5 HOH L .  ? HOH A 417 . ? 1_555 ? 
25 AC4 5 HOH L .  ? HOH A 418 . ? 1_555 ? 
26 AC5 8 ILE A 36 ? ILE A 259 . ? 1_555 ? 
27 AC5 8 MET A 37 ? MET A 260 . ? 1_555 ? 
28 AC5 8 HOH L .  ? HOH A 402 . ? 3_554 ? 
29 AC5 8 HOH L .  ? HOH A 407 . ? 3_554 ? 
30 AC5 8 HOH L .  ? HOH A 419 . ? 1_555 ? 
31 AC5 8 HOH L .  ? HOH A 423 . ? 1_555 ? 
32 AC5 8 GLU B 26 ? GLU B 249 . ? 1_555 ? 
33 AC5 8 ARG B 27 ? ARG B 250 . ? 1_555 ? 
34 AC6 8 TYR A 45 ? TYR A 268 . ? 8_445 ? 
35 AC6 8 GOL F .  ? GOL A 304 . ? 1_555 ? 
36 AC6 8 MLA J .  ? MLA A 308 . ? 1_555 ? 
37 AC6 8 MLA K .  ? MLA A 309 . ? 1_555 ? 
38 AC6 8 HOH L .  ? HOH A 416 . ? 1_555 ? 
39 AC6 8 HOH L .  ? HOH A 418 . ? 1_555 ? 
40 AC6 8 HOH L .  ? HOH A 440 . ? 8_445 ? 
41 AC6 8 HOH L .  ? HOH A 452 . ? 1_555 ? 
42 AC7 7 ARG A 27 ? ARG A 250 . ? 1_555 ? 
43 AC7 7 PRO A 30 ? PRO A 253 . ? 3_554 ? 
44 AC7 7 LYS A 48 ? LYS A 271 . ? 3_554 ? 
45 AC7 7 ARG A 55 ? ARG A 278 . ? 3_554 ? 
46 AC7 7 HOH L .  ? HOH A 429 . ? 1_555 ? 
47 AC7 7 HOH L .  ? HOH A 437 . ? 1_555 ? 
48 AC7 7 HOH L .  ? HOH A 446 . ? 1_555 ? 
49 AC8 7 THR A 43 ? THR A 266 . ? 8_445 ? 
50 AC8 7 HIS A 50 ? HIS A 273 . ? 1_555 ? 
51 AC8 7 TYR A 54 ? TYR A 277 . ? 1_555 ? 
52 AC8 7 GOL E .  ? GOL A 303 . ? 1_555 ? 
53 AC8 7 MLA H .  ? MLA A 306 . ? 1_555 ? 
54 AC8 7 MLA K .  ? MLA A 309 . ? 1_555 ? 
55 AC8 7 HOH L .  ? HOH A 408 . ? 1_555 ? 
56 AC9 9 TRP A 7  ? TRP A 230 . ? 1_555 ? 
57 AC9 9 SER A 49 ? SER A 272 . ? 1_555 ? 
58 AC9 9 HIS A 50 ? HIS A 273 . ? 1_555 ? 
59 AC9 9 LYS A 53 ? LYS A 276 . ? 1_555 ? 
60 AC9 9 MLA H .  ? MLA A 306 . ? 1_555 ? 
61 AC9 9 MLA J .  ? MLA A 308 . ? 1_555 ? 
62 AC9 9 HOH L .  ? HOH A 410 . ? 1_555 ? 
63 AC9 9 HOH L .  ? HOH A 417 . ? 1_555 ? 
64 AC9 9 HOH L .  ? HOH A 425 . ? 1_555 ? 
# 
loop_
_pdbx_validate_rmsd_bond.id 
_pdbx_validate_rmsd_bond.PDB_model_num 
_pdbx_validate_rmsd_bond.auth_atom_id_1 
_pdbx_validate_rmsd_bond.auth_asym_id_1 
_pdbx_validate_rmsd_bond.auth_comp_id_1 
_pdbx_validate_rmsd_bond.auth_seq_id_1 
_pdbx_validate_rmsd_bond.PDB_ins_code_1 
_pdbx_validate_rmsd_bond.label_alt_id_1 
_pdbx_validate_rmsd_bond.auth_atom_id_2 
_pdbx_validate_rmsd_bond.auth_asym_id_2 
_pdbx_validate_rmsd_bond.auth_comp_id_2 
_pdbx_validate_rmsd_bond.auth_seq_id_2 
_pdbx_validate_rmsd_bond.PDB_ins_code_2 
_pdbx_validate_rmsd_bond.label_alt_id_2 
_pdbx_validate_rmsd_bond.bond_value 
_pdbx_validate_rmsd_bond.bond_target_value 
_pdbx_validate_rmsd_bond.bond_deviation 
_pdbx_validate_rmsd_bond.bond_standard_deviation 
_pdbx_validate_rmsd_bond.linker_flag 
1 1 CD A GLU 236 ? A OE2 A GLU 236 ? A 1.324 1.252 0.072 0.011 N 
2 1 N  A ARG 283 ? ? CA  A ARG 283 ? ? 1.590 1.459 0.131 0.020 N 
# 
_pdbx_validate_rmsd_angle.id                         1 
_pdbx_validate_rmsd_angle.PDB_model_num              1 
_pdbx_validate_rmsd_angle.auth_atom_id_1             NE 
_pdbx_validate_rmsd_angle.auth_asym_id_1             A 
_pdbx_validate_rmsd_angle.auth_comp_id_1             ARG 
_pdbx_validate_rmsd_angle.auth_seq_id_1              281 
_pdbx_validate_rmsd_angle.PDB_ins_code_1             ? 
_pdbx_validate_rmsd_angle.label_alt_id_1             ? 
_pdbx_validate_rmsd_angle.auth_atom_id_2             CZ 
_pdbx_validate_rmsd_angle.auth_asym_id_2             A 
_pdbx_validate_rmsd_angle.auth_comp_id_2             ARG 
_pdbx_validate_rmsd_angle.auth_seq_id_2              281 
_pdbx_validate_rmsd_angle.PDB_ins_code_2             ? 
_pdbx_validate_rmsd_angle.label_alt_id_2             ? 
_pdbx_validate_rmsd_angle.auth_atom_id_3             NH2 
_pdbx_validate_rmsd_angle.auth_asym_id_3             A 
_pdbx_validate_rmsd_angle.auth_comp_id_3             ARG 
_pdbx_validate_rmsd_angle.auth_seq_id_3              281 
_pdbx_validate_rmsd_angle.PDB_ins_code_3             ? 
_pdbx_validate_rmsd_angle.label_alt_id_3             ? 
_pdbx_validate_rmsd_angle.angle_value                116.98 
_pdbx_validate_rmsd_angle.angle_target_value         120.30 
_pdbx_validate_rmsd_angle.angle_deviation            -3.32 
_pdbx_validate_rmsd_angle.angle_standard_deviation   0.50 
_pdbx_validate_rmsd_angle.linker_flag                N 
# 
loop_
_pdbx_unobs_or_zero_occ_residues.id 
_pdbx_unobs_or_zero_occ_residues.PDB_model_num 
_pdbx_unobs_or_zero_occ_residues.polymer_flag 
_pdbx_unobs_or_zero_occ_residues.occupancy_flag 
_pdbx_unobs_or_zero_occ_residues.auth_asym_id 
_pdbx_unobs_or_zero_occ_residues.auth_comp_id 
_pdbx_unobs_or_zero_occ_residues.auth_seq_id 
_pdbx_unobs_or_zero_occ_residues.PDB_ins_code 
_pdbx_unobs_or_zero_occ_residues.label_asym_id 
_pdbx_unobs_or_zero_occ_residues.label_comp_id 
_pdbx_unobs_or_zero_occ_residues.label_seq_id 
1 1 Y 1 B TYR 282 ? B TYR 59 
2 1 Y 1 B ARG 283 ? B ARG 60 
# 
loop_
_chem_comp_atom.comp_id 
_chem_comp_atom.atom_id 
_chem_comp_atom.type_symbol 
_chem_comp_atom.pdbx_aromatic_flag 
_chem_comp_atom.pdbx_stereo_config 
_chem_comp_atom.pdbx_ordinal 
ALA N    N N N 1   
ALA CA   C N S 2   
ALA C    C N N 3   
ALA O    O N N 4   
ALA CB   C N N 5   
ALA OXT  O N N 6   
ALA H    H N N 7   
ALA H2   H N N 8   
ALA HA   H N N 9   
ALA HB1  H N N 10  
ALA HB2  H N N 11  
ALA HB3  H N N 12  
ALA HXT  H N N 13  
ARG N    N N N 14  
ARG CA   C N S 15  
ARG C    C N N 16  
ARG O    O N N 17  
ARG CB   C N N 18  
ARG CG   C N N 19  
ARG CD   C N N 20  
ARG NE   N N N 21  
ARG CZ   C N N 22  
ARG NH1  N N N 23  
ARG NH2  N N N 24  
ARG OXT  O N N 25  
ARG H    H N N 26  
ARG H2   H N N 27  
ARG HA   H N N 28  
ARG HB2  H N N 29  
ARG HB3  H N N 30  
ARG HG2  H N N 31  
ARG HG3  H N N 32  
ARG HD2  H N N 33  
ARG HD3  H N N 34  
ARG HE   H N N 35  
ARG HH11 H N N 36  
ARG HH12 H N N 37  
ARG HH21 H N N 38  
ARG HH22 H N N 39  
ARG HXT  H N N 40  
ASN N    N N N 41  
ASN CA   C N S 42  
ASN C    C N N 43  
ASN O    O N N 44  
ASN CB   C N N 45  
ASN CG   C N N 46  
ASN OD1  O N N 47  
ASN ND2  N N N 48  
ASN OXT  O N N 49  
ASN H    H N N 50  
ASN H2   H N N 51  
ASN HA   H N N 52  
ASN HB2  H N N 53  
ASN HB3  H N N 54  
ASN HD21 H N N 55  
ASN HD22 H N N 56  
ASN HXT  H N N 57  
GLN N    N N N 58  
GLN CA   C N S 59  
GLN C    C N N 60  
GLN O    O N N 61  
GLN CB   C N N 62  
GLN CG   C N N 63  
GLN CD   C N N 64  
GLN OE1  O N N 65  
GLN NE2  N N N 66  
GLN OXT  O N N 67  
GLN H    H N N 68  
GLN H2   H N N 69  
GLN HA   H N N 70  
GLN HB2  H N N 71  
GLN HB3  H N N 72  
GLN HG2  H N N 73  
GLN HG3  H N N 74  
GLN HE21 H N N 75  
GLN HE22 H N N 76  
GLN HXT  H N N 77  
GLU N    N N N 78  
GLU CA   C N S 79  
GLU C    C N N 80  
GLU O    O N N 81  
GLU CB   C N N 82  
GLU CG   C N N 83  
GLU CD   C N N 84  
GLU OE1  O N N 85  
GLU OE2  O N N 86  
GLU OXT  O N N 87  
GLU H    H N N 88  
GLU H2   H N N 89  
GLU HA   H N N 90  
GLU HB2  H N N 91  
GLU HB3  H N N 92  
GLU HG2  H N N 93  
GLU HG3  H N N 94  
GLU HE2  H N N 95  
GLU HXT  H N N 96  
GLY N    N N N 97  
GLY CA   C N N 98  
GLY C    C N N 99  
GLY O    O N N 100 
GLY OXT  O N N 101 
GLY H    H N N 102 
GLY H2   H N N 103 
GLY HA2  H N N 104 
GLY HA3  H N N 105 
GLY HXT  H N N 106 
GOL C1   C N N 107 
GOL O1   O N N 108 
GOL C2   C N N 109 
GOL O2   O N N 110 
GOL C3   C N N 111 
GOL O3   O N N 112 
GOL H11  H N N 113 
GOL H12  H N N 114 
GOL HO1  H N N 115 
GOL H2   H N N 116 
GOL HO2  H N N 117 
GOL H31  H N N 118 
GOL H32  H N N 119 
GOL HO3  H N N 120 
HIS N    N N N 121 
HIS CA   C N S 122 
HIS C    C N N 123 
HIS O    O N N 124 
HIS CB   C N N 125 
HIS CG   C Y N 126 
HIS ND1  N Y N 127 
HIS CD2  C Y N 128 
HIS CE1  C Y N 129 
HIS NE2  N Y N 130 
HIS OXT  O N N 131 
HIS H    H N N 132 
HIS H2   H N N 133 
HIS HA   H N N 134 
HIS HB2  H N N 135 
HIS HB3  H N N 136 
HIS HD1  H N N 137 
HIS HD2  H N N 138 
HIS HE1  H N N 139 
HIS HE2  H N N 140 
HIS HXT  H N N 141 
HOH O    O N N 142 
HOH H1   H N N 143 
HOH H2   H N N 144 
ILE N    N N N 145 
ILE CA   C N S 146 
ILE C    C N N 147 
ILE O    O N N 148 
ILE CB   C N S 149 
ILE CG1  C N N 150 
ILE CG2  C N N 151 
ILE CD1  C N N 152 
ILE OXT  O N N 153 
ILE H    H N N 154 
ILE H2   H N N 155 
ILE HA   H N N 156 
ILE HB   H N N 157 
ILE HG12 H N N 158 
ILE HG13 H N N 159 
ILE HG21 H N N 160 
ILE HG22 H N N 161 
ILE HG23 H N N 162 
ILE HD11 H N N 163 
ILE HD12 H N N 164 
ILE HD13 H N N 165 
ILE HXT  H N N 166 
LEU N    N N N 167 
LEU CA   C N S 168 
LEU C    C N N 169 
LEU O    O N N 170 
LEU CB   C N N 171 
LEU CG   C N N 172 
LEU CD1  C N N 173 
LEU CD2  C N N 174 
LEU OXT  O N N 175 
LEU H    H N N 176 
LEU H2   H N N 177 
LEU HA   H N N 178 
LEU HB2  H N N 179 
LEU HB3  H N N 180 
LEU HG   H N N 181 
LEU HD11 H N N 182 
LEU HD12 H N N 183 
LEU HD13 H N N 184 
LEU HD21 H N N 185 
LEU HD22 H N N 186 
LEU HD23 H N N 187 
LEU HXT  H N N 188 
LYS N    N N N 189 
LYS CA   C N S 190 
LYS C    C N N 191 
LYS O    O N N 192 
LYS CB   C N N 193 
LYS CG   C N N 194 
LYS CD   C N N 195 
LYS CE   C N N 196 
LYS NZ   N N N 197 
LYS OXT  O N N 198 
LYS H    H N N 199 
LYS H2   H N N 200 
LYS HA   H N N 201 
LYS HB2  H N N 202 
LYS HB3  H N N 203 
LYS HG2  H N N 204 
LYS HG3  H N N 205 
LYS HD2  H N N 206 
LYS HD3  H N N 207 
LYS HE2  H N N 208 
LYS HE3  H N N 209 
LYS HZ1  H N N 210 
LYS HZ2  H N N 211 
LYS HZ3  H N N 212 
LYS HXT  H N N 213 
MET N    N N N 214 
MET CA   C N S 215 
MET C    C N N 216 
MET O    O N N 217 
MET CB   C N N 218 
MET CG   C N N 219 
MET SD   S N N 220 
MET CE   C N N 221 
MET OXT  O N N 222 
MET H    H N N 223 
MET H2   H N N 224 
MET HA   H N N 225 
MET HB2  H N N 226 
MET HB3  H N N 227 
MET HG2  H N N 228 
MET HG3  H N N 229 
MET HE1  H N N 230 
MET HE2  H N N 231 
MET HE3  H N N 232 
MET HXT  H N N 233 
MLA C1   C N N 234 
MLA O1A  O N N 235 
MLA O1B  O N N 236 
MLA C2   C N N 237 
MLA C3   C N N 238 
MLA O3A  O N N 239 
MLA O3B  O N N 240 
MLA H1A  H N N 241 
MLA HC21 H N N 242 
MLA HC22 H N N 243 
MLA H3B  H N N 244 
PHE N    N N N 245 
PHE CA   C N S 246 
PHE C    C N N 247 
PHE O    O N N 248 
PHE CB   C N N 249 
PHE CG   C Y N 250 
PHE CD1  C Y N 251 
PHE CD2  C Y N 252 
PHE CE1  C Y N 253 
PHE CE2  C Y N 254 
PHE CZ   C Y N 255 
PHE OXT  O N N 256 
PHE H    H N N 257 
PHE H2   H N N 258 
PHE HA   H N N 259 
PHE HB2  H N N 260 
PHE HB3  H N N 261 
PHE HD1  H N N 262 
PHE HD2  H N N 263 
PHE HE1  H N N 264 
PHE HE2  H N N 265 
PHE HZ   H N N 266 
PHE HXT  H N N 267 
PRO N    N N N 268 
PRO CA   C N S 269 
PRO C    C N N 270 
PRO O    O N N 271 
PRO CB   C N N 272 
PRO CG   C N N 273 
PRO CD   C N N 274 
PRO OXT  O N N 275 
PRO H    H N N 276 
PRO HA   H N N 277 
PRO HB2  H N N 278 
PRO HB3  H N N 279 
PRO HG2  H N N 280 
PRO HG3  H N N 281 
PRO HD2  H N N 282 
PRO HD3  H N N 283 
PRO HXT  H N N 284 
SER N    N N N 285 
SER CA   C N S 286 
SER C    C N N 287 
SER O    O N N 288 
SER CB   C N N 289 
SER OG   O N N 290 
SER OXT  O N N 291 
SER H    H N N 292 
SER H2   H N N 293 
SER HA   H N N 294 
SER HB2  H N N 295 
SER HB3  H N N 296 
SER HG   H N N 297 
SER HXT  H N N 298 
THR N    N N N 299 
THR CA   C N S 300 
THR C    C N N 301 
THR O    O N N 302 
THR CB   C N R 303 
THR OG1  O N N 304 
THR CG2  C N N 305 
THR OXT  O N N 306 
THR H    H N N 307 
THR H2   H N N 308 
THR HA   H N N 309 
THR HB   H N N 310 
THR HG1  H N N 311 
THR HG21 H N N 312 
THR HG22 H N N 313 
THR HG23 H N N 314 
THR HXT  H N N 315 
TRP N    N N N 316 
TRP CA   C N S 317 
TRP C    C N N 318 
TRP O    O N N 319 
TRP CB   C N N 320 
TRP CG   C Y N 321 
TRP CD1  C Y N 322 
TRP CD2  C Y N 323 
TRP NE1  N Y N 324 
TRP CE2  C Y N 325 
TRP CE3  C Y N 326 
TRP CZ2  C Y N 327 
TRP CZ3  C Y N 328 
TRP CH2  C Y N 329 
TRP OXT  O N N 330 
TRP H    H N N 331 
TRP H2   H N N 332 
TRP HA   H N N 333 
TRP HB2  H N N 334 
TRP HB3  H N N 335 
TRP HD1  H N N 336 
TRP HE1  H N N 337 
TRP HE3  H N N 338 
TRP HZ2  H N N 339 
TRP HZ3  H N N 340 
TRP HH2  H N N 341 
TRP HXT  H N N 342 
TYR N    N N N 343 
TYR CA   C N S 344 
TYR C    C N N 345 
TYR O    O N N 346 
TYR CB   C N N 347 
TYR CG   C Y N 348 
TYR CD1  C Y N 349 
TYR CD2  C Y N 350 
TYR CE1  C Y N 351 
TYR CE2  C Y N 352 
TYR CZ   C Y N 353 
TYR OH   O N N 354 
TYR OXT  O N N 355 
TYR H    H N N 356 
TYR H2   H N N 357 
TYR HA   H N N 358 
TYR HB2  H N N 359 
TYR HB3  H N N 360 
TYR HD1  H N N 361 
TYR HD2  H N N 362 
TYR HE1  H N N 363 
TYR HE2  H N N 364 
TYR HH   H N N 365 
TYR HXT  H N N 366 
VAL N    N N N 367 
VAL CA   C N S 368 
VAL C    C N N 369 
VAL O    O N N 370 
VAL CB   C N N 371 
VAL CG1  C N N 372 
VAL CG2  C N N 373 
VAL OXT  O N N 374 
VAL H    H N N 375 
VAL H2   H N N 376 
VAL HA   H N N 377 
VAL HB   H N N 378 
VAL HG11 H N N 379 
VAL HG12 H N N 380 
VAL HG13 H N N 381 
VAL HG21 H N N 382 
VAL HG22 H N N 383 
VAL HG23 H N N 384 
VAL HXT  H N N 385 
# 
loop_
_chem_comp_bond.comp_id 
_chem_comp_bond.atom_id_1 
_chem_comp_bond.atom_id_2 
_chem_comp_bond.value_order 
_chem_comp_bond.pdbx_aromatic_flag 
_chem_comp_bond.pdbx_stereo_config 
_chem_comp_bond.pdbx_ordinal 
ALA N   CA   sing N N 1   
ALA N   H    sing N N 2   
ALA N   H2   sing N N 3   
ALA CA  C    sing N N 4   
ALA CA  CB   sing N N 5   
ALA CA  HA   sing N N 6   
ALA C   O    doub N N 7   
ALA C   OXT  sing N N 8   
ALA CB  HB1  sing N N 9   
ALA CB  HB2  sing N N 10  
ALA CB  HB3  sing N N 11  
ALA OXT HXT  sing N N 12  
ARG N   CA   sing N N 13  
ARG N   H    sing N N 14  
ARG N   H2   sing N N 15  
ARG CA  C    sing N N 16  
ARG CA  CB   sing N N 17  
ARG CA  HA   sing N N 18  
ARG C   O    doub N N 19  
ARG C   OXT  sing N N 20  
ARG CB  CG   sing N N 21  
ARG CB  HB2  sing N N 22  
ARG CB  HB3  sing N N 23  
ARG CG  CD   sing N N 24  
ARG CG  HG2  sing N N 25  
ARG CG  HG3  sing N N 26  
ARG CD  NE   sing N N 27  
ARG CD  HD2  sing N N 28  
ARG CD  HD3  sing N N 29  
ARG NE  CZ   sing N N 30  
ARG NE  HE   sing N N 31  
ARG CZ  NH1  sing N N 32  
ARG CZ  NH2  doub N N 33  
ARG NH1 HH11 sing N N 34  
ARG NH1 HH12 sing N N 35  
ARG NH2 HH21 sing N N 36  
ARG NH2 HH22 sing N N 37  
ARG OXT HXT  sing N N 38  
ASN N   CA   sing N N 39  
ASN N   H    sing N N 40  
ASN N   H2   sing N N 41  
ASN CA  C    sing N N 42  
ASN CA  CB   sing N N 43  
ASN CA  HA   sing N N 44  
ASN C   O    doub N N 45  
ASN C   OXT  sing N N 46  
ASN CB  CG   sing N N 47  
ASN CB  HB2  sing N N 48  
ASN CB  HB3  sing N N 49  
ASN CG  OD1  doub N N 50  
ASN CG  ND2  sing N N 51  
ASN ND2 HD21 sing N N 52  
ASN ND2 HD22 sing N N 53  
ASN OXT HXT  sing N N 54  
GLN N   CA   sing N N 55  
GLN N   H    sing N N 56  
GLN N   H2   sing N N 57  
GLN CA  C    sing N N 58  
GLN CA  CB   sing N N 59  
GLN CA  HA   sing N N 60  
GLN C   O    doub N N 61  
GLN C   OXT  sing N N 62  
GLN CB  CG   sing N N 63  
GLN CB  HB2  sing N N 64  
GLN CB  HB3  sing N N 65  
GLN CG  CD   sing N N 66  
GLN CG  HG2  sing N N 67  
GLN CG  HG3  sing N N 68  
GLN CD  OE1  doub N N 69  
GLN CD  NE2  sing N N 70  
GLN NE2 HE21 sing N N 71  
GLN NE2 HE22 sing N N 72  
GLN OXT HXT  sing N N 73  
GLU N   CA   sing N N 74  
GLU N   H    sing N N 75  
GLU N   H2   sing N N 76  
GLU CA  C    sing N N 77  
GLU CA  CB   sing N N 78  
GLU CA  HA   sing N N 79  
GLU C   O    doub N N 80  
GLU C   OXT  sing N N 81  
GLU CB  CG   sing N N 82  
GLU CB  HB2  sing N N 83  
GLU CB  HB3  sing N N 84  
GLU CG  CD   sing N N 85  
GLU CG  HG2  sing N N 86  
GLU CG  HG3  sing N N 87  
GLU CD  OE1  doub N N 88  
GLU CD  OE2  sing N N 89  
GLU OE2 HE2  sing N N 90  
GLU OXT HXT  sing N N 91  
GLY N   CA   sing N N 92  
GLY N   H    sing N N 93  
GLY N   H2   sing N N 94  
GLY CA  C    sing N N 95  
GLY CA  HA2  sing N N 96  
GLY CA  HA3  sing N N 97  
GLY C   O    doub N N 98  
GLY C   OXT  sing N N 99  
GLY OXT HXT  sing N N 100 
GOL C1  O1   sing N N 101 
GOL C1  C2   sing N N 102 
GOL C1  H11  sing N N 103 
GOL C1  H12  sing N N 104 
GOL O1  HO1  sing N N 105 
GOL C2  O2   sing N N 106 
GOL C2  C3   sing N N 107 
GOL C2  H2   sing N N 108 
GOL O2  HO2  sing N N 109 
GOL C3  O3   sing N N 110 
GOL C3  H31  sing N N 111 
GOL C3  H32  sing N N 112 
GOL O3  HO3  sing N N 113 
HIS N   CA   sing N N 114 
HIS N   H    sing N N 115 
HIS N   H2   sing N N 116 
HIS CA  C    sing N N 117 
HIS CA  CB   sing N N 118 
HIS CA  HA   sing N N 119 
HIS C   O    doub N N 120 
HIS C   OXT  sing N N 121 
HIS CB  CG   sing N N 122 
HIS CB  HB2  sing N N 123 
HIS CB  HB3  sing N N 124 
HIS CG  ND1  sing Y N 125 
HIS CG  CD2  doub Y N 126 
HIS ND1 CE1  doub Y N 127 
HIS ND1 HD1  sing N N 128 
HIS CD2 NE2  sing Y N 129 
HIS CD2 HD2  sing N N 130 
HIS CE1 NE2  sing Y N 131 
HIS CE1 HE1  sing N N 132 
HIS NE2 HE2  sing N N 133 
HIS OXT HXT  sing N N 134 
HOH O   H1   sing N N 135 
HOH O   H2   sing N N 136 
ILE N   CA   sing N N 137 
ILE N   H    sing N N 138 
ILE N   H2   sing N N 139 
ILE CA  C    sing N N 140 
ILE CA  CB   sing N N 141 
ILE CA  HA   sing N N 142 
ILE C   O    doub N N 143 
ILE C   OXT  sing N N 144 
ILE CB  CG1  sing N N 145 
ILE CB  CG2  sing N N 146 
ILE CB  HB   sing N N 147 
ILE CG1 CD1  sing N N 148 
ILE CG1 HG12 sing N N 149 
ILE CG1 HG13 sing N N 150 
ILE CG2 HG21 sing N N 151 
ILE CG2 HG22 sing N N 152 
ILE CG2 HG23 sing N N 153 
ILE CD1 HD11 sing N N 154 
ILE CD1 HD12 sing N N 155 
ILE CD1 HD13 sing N N 156 
ILE OXT HXT  sing N N 157 
LEU N   CA   sing N N 158 
LEU N   H    sing N N 159 
LEU N   H2   sing N N 160 
LEU CA  C    sing N N 161 
LEU CA  CB   sing N N 162 
LEU CA  HA   sing N N 163 
LEU C   O    doub N N 164 
LEU C   OXT  sing N N 165 
LEU CB  CG   sing N N 166 
LEU CB  HB2  sing N N 167 
LEU CB  HB3  sing N N 168 
LEU CG  CD1  sing N N 169 
LEU CG  CD2  sing N N 170 
LEU CG  HG   sing N N 171 
LEU CD1 HD11 sing N N 172 
LEU CD1 HD12 sing N N 173 
LEU CD1 HD13 sing N N 174 
LEU CD2 HD21 sing N N 175 
LEU CD2 HD22 sing N N 176 
LEU CD2 HD23 sing N N 177 
LEU OXT HXT  sing N N 178 
LYS N   CA   sing N N 179 
LYS N   H    sing N N 180 
LYS N   H2   sing N N 181 
LYS CA  C    sing N N 182 
LYS CA  CB   sing N N 183 
LYS CA  HA   sing N N 184 
LYS C   O    doub N N 185 
LYS C   OXT  sing N N 186 
LYS CB  CG   sing N N 187 
LYS CB  HB2  sing N N 188 
LYS CB  HB3  sing N N 189 
LYS CG  CD   sing N N 190 
LYS CG  HG2  sing N N 191 
LYS CG  HG3  sing N N 192 
LYS CD  CE   sing N N 193 
LYS CD  HD2  sing N N 194 
LYS CD  HD3  sing N N 195 
LYS CE  NZ   sing N N 196 
LYS CE  HE2  sing N N 197 
LYS CE  HE3  sing N N 198 
LYS NZ  HZ1  sing N N 199 
LYS NZ  HZ2  sing N N 200 
LYS NZ  HZ3  sing N N 201 
LYS OXT HXT  sing N N 202 
MET N   CA   sing N N 203 
MET N   H    sing N N 204 
MET N   H2   sing N N 205 
MET CA  C    sing N N 206 
MET CA  CB   sing N N 207 
MET CA  HA   sing N N 208 
MET C   O    doub N N 209 
MET C   OXT  sing N N 210 
MET CB  CG   sing N N 211 
MET CB  HB2  sing N N 212 
MET CB  HB3  sing N N 213 
MET CG  SD   sing N N 214 
MET CG  HG2  sing N N 215 
MET CG  HG3  sing N N 216 
MET SD  CE   sing N N 217 
MET CE  HE1  sing N N 218 
MET CE  HE2  sing N N 219 
MET CE  HE3  sing N N 220 
MET OXT HXT  sing N N 221 
MLA C1  O1A  sing N N 222 
MLA C1  O1B  doub N N 223 
MLA C1  C2   sing N N 224 
MLA O1A H1A  sing N N 225 
MLA C2  C3   sing N N 226 
MLA C2  HC21 sing N N 227 
MLA C2  HC22 sing N N 228 
MLA C3  O3A  doub N N 229 
MLA C3  O3B  sing N N 230 
MLA O3B H3B  sing N N 231 
PHE N   CA   sing N N 232 
PHE N   H    sing N N 233 
PHE N   H2   sing N N 234 
PHE CA  C    sing N N 235 
PHE CA  CB   sing N N 236 
PHE CA  HA   sing N N 237 
PHE C   O    doub N N 238 
PHE C   OXT  sing N N 239 
PHE CB  CG   sing N N 240 
PHE CB  HB2  sing N N 241 
PHE CB  HB3  sing N N 242 
PHE CG  CD1  doub Y N 243 
PHE CG  CD2  sing Y N 244 
PHE CD1 CE1  sing Y N 245 
PHE CD1 HD1  sing N N 246 
PHE CD2 CE2  doub Y N 247 
PHE CD2 HD2  sing N N 248 
PHE CE1 CZ   doub Y N 249 
PHE CE1 HE1  sing N N 250 
PHE CE2 CZ   sing Y N 251 
PHE CE2 HE2  sing N N 252 
PHE CZ  HZ   sing N N 253 
PHE OXT HXT  sing N N 254 
PRO N   CA   sing N N 255 
PRO N   CD   sing N N 256 
PRO N   H    sing N N 257 
PRO CA  C    sing N N 258 
PRO CA  CB   sing N N 259 
PRO CA  HA   sing N N 260 
PRO C   O    doub N N 261 
PRO C   OXT  sing N N 262 
PRO CB  CG   sing N N 263 
PRO CB  HB2  sing N N 264 
PRO CB  HB3  sing N N 265 
PRO CG  CD   sing N N 266 
PRO CG  HG2  sing N N 267 
PRO CG  HG3  sing N N 268 
PRO CD  HD2  sing N N 269 
PRO CD  HD3  sing N N 270 
PRO OXT HXT  sing N N 271 
SER N   CA   sing N N 272 
SER N   H    sing N N 273 
SER N   H2   sing N N 274 
SER CA  C    sing N N 275 
SER CA  CB   sing N N 276 
SER CA  HA   sing N N 277 
SER C   O    doub N N 278 
SER C   OXT  sing N N 279 
SER CB  OG   sing N N 280 
SER CB  HB2  sing N N 281 
SER CB  HB3  sing N N 282 
SER OG  HG   sing N N 283 
SER OXT HXT  sing N N 284 
THR N   CA   sing N N 285 
THR N   H    sing N N 286 
THR N   H2   sing N N 287 
THR CA  C    sing N N 288 
THR CA  CB   sing N N 289 
THR CA  HA   sing N N 290 
THR C   O    doub N N 291 
THR C   OXT  sing N N 292 
THR CB  OG1  sing N N 293 
THR CB  CG2  sing N N 294 
THR CB  HB   sing N N 295 
THR OG1 HG1  sing N N 296 
THR CG2 HG21 sing N N 297 
THR CG2 HG22 sing N N 298 
THR CG2 HG23 sing N N 299 
THR OXT HXT  sing N N 300 
TRP N   CA   sing N N 301 
TRP N   H    sing N N 302 
TRP N   H2   sing N N 303 
TRP CA  C    sing N N 304 
TRP CA  CB   sing N N 305 
TRP CA  HA   sing N N 306 
TRP C   O    doub N N 307 
TRP C   OXT  sing N N 308 
TRP CB  CG   sing N N 309 
TRP CB  HB2  sing N N 310 
TRP CB  HB3  sing N N 311 
TRP CG  CD1  doub Y N 312 
TRP CG  CD2  sing Y N 313 
TRP CD1 NE1  sing Y N 314 
TRP CD1 HD1  sing N N 315 
TRP CD2 CE2  doub Y N 316 
TRP CD2 CE3  sing Y N 317 
TRP NE1 CE2  sing Y N 318 
TRP NE1 HE1  sing N N 319 
TRP CE2 CZ2  sing Y N 320 
TRP CE3 CZ3  doub Y N 321 
TRP CE3 HE3  sing N N 322 
TRP CZ2 CH2  doub Y N 323 
TRP CZ2 HZ2  sing N N 324 
TRP CZ3 CH2  sing Y N 325 
TRP CZ3 HZ3  sing N N 326 
TRP CH2 HH2  sing N N 327 
TRP OXT HXT  sing N N 328 
TYR N   CA   sing N N 329 
TYR N   H    sing N N 330 
TYR N   H2   sing N N 331 
TYR CA  C    sing N N 332 
TYR CA  CB   sing N N 333 
TYR CA  HA   sing N N 334 
TYR C   O    doub N N 335 
TYR C   OXT  sing N N 336 
TYR CB  CG   sing N N 337 
TYR CB  HB2  sing N N 338 
TYR CB  HB3  sing N N 339 
TYR CG  CD1  doub Y N 340 
TYR CG  CD2  sing Y N 341 
TYR CD1 CE1  sing Y N 342 
TYR CD1 HD1  sing N N 343 
TYR CD2 CE2  doub Y N 344 
TYR CD2 HD2  sing N N 345 
TYR CE1 CZ   doub Y N 346 
TYR CE1 HE1  sing N N 347 
TYR CE2 CZ   sing Y N 348 
TYR CE2 HE2  sing N N 349 
TYR CZ  OH   sing N N 350 
TYR OH  HH   sing N N 351 
TYR OXT HXT  sing N N 352 
VAL N   CA   sing N N 353 
VAL N   H    sing N N 354 
VAL N   H2   sing N N 355 
VAL CA  C    sing N N 356 
VAL CA  CB   sing N N 357 
VAL CA  HA   sing N N 358 
VAL C   O    doub N N 359 
VAL C   OXT  sing N N 360 
VAL CB  CG1  sing N N 361 
VAL CB  CG2  sing N N 362 
VAL CB  HB   sing N N 363 
VAL CG1 HG11 sing N N 364 
VAL CG1 HG12 sing N N 365 
VAL CG1 HG13 sing N N 366 
VAL CG2 HG21 sing N N 367 
VAL CG2 HG22 sing N N 368 
VAL CG2 HG23 sing N N 369 
VAL OXT HXT  sing N N 370 
# 
_pdbx_audit_support.funding_organization   'National Science Foundation (China)' 
_pdbx_audit_support.country                China 
_pdbx_audit_support.grant_number           31470741 
_pdbx_audit_support.ordinal                1 
# 
_atom_sites.entry_id                    6J4K 
_atom_sites.fract_transf_matrix[1][1]   -0.01856684 
_atom_sites.fract_transf_matrix[1][2]   0.00768247 
_atom_sites.fract_transf_matrix[1][3]   -0.01346339 
_atom_sites.fract_transf_matrix[2][1]   0.00054672 
_atom_sites.fract_transf_matrix[2][2]   0.00647454 
_atom_sites.fract_transf_matrix[2][3]   0.00294054 
_atom_sites.fract_transf_matrix[3][1]   0.00970205 
_atom_sites.fract_transf_matrix[3][2]   0.00417535 
_atom_sites.fract_transf_matrix[3][3]   -0.01099719 
_atom_sites.fract_transf_vector[1]      -0.069565 
_atom_sites.fract_transf_vector[2]      -0.168538 
_atom_sites.fract_transf_vector[3]      -0.059553 
# 
loop_
_atom_type.symbol 
C 
N 
O 
S 
# 
loop_
_atom_site.group_PDB 
_atom_site.id 
_atom_site.type_symbol 
_atom_site.label_atom_id 
_atom_site.label_alt_id 
_atom_site.label_comp_id 
_atom_site.label_asym_id 
_atom_site.label_entity_id 
_atom_site.label_seq_id 
_atom_site.pdbx_PDB_ins_code 
_atom_site.Cartn_x 
_atom_site.Cartn_y 
_atom_site.Cartn_z 
_atom_site.occupancy 
_atom_site.B_iso_or_equiv 
_atom_site.pdbx_formal_charge 
_atom_site.auth_seq_id 
_atom_site.auth_comp_id 
_atom_site.auth_asym_id 
_atom_site.auth_atom_id 
_atom_site.pdbx_PDB_model_num 
ATOM   1    N N   . GLY A 1 1  ? 1.931   9.501   -17.353 1.00 122.29 ? 224 GLY A N   1 
ATOM   2    C CA  . GLY A 1 1  ? 0.490   9.114   -17.364 1.00 112.48 ? 224 GLY A CA  1 
ATOM   3    C C   . GLY A 1 1  ? 0.093   8.397   -16.076 1.00 105.11 ? 224 GLY A C   1 
ATOM   4    O O   . GLY A 1 1  ? -0.347  9.030   -15.112 1.00 98.20  ? 224 GLY A O   1 
ATOM   5    N N   . LYS A 1 2  ? 0.280   7.070   -16.077 1.00 64.44  ? 225 LYS A N   1 
ATOM   6    C CA  . LYS A 1 2  ? -0.074  6.215   -14.948 1.00 58.08  ? 225 LYS A CA  1 
ATOM   7    C C   . LYS A 1 2  ? 1.174   5.508   -14.401 1.00 41.62  ? 225 LYS A C   1 
ATOM   8    O O   . LYS A 1 2  ? 1.934   4.903   -15.170 1.00 52.27  ? 225 LYS A O   1 
ATOM   9    C CB  . LYS A 1 2  ? -1.098  5.145   -15.380 1.00 40.00  ? 225 LYS A CB  1 
ATOM   10   C CG  . LYS A 1 2  ? -2.536  5.613   -15.429 1.00 35.49  ? 225 LYS A CG  1 
ATOM   11   C CD  . LYS A 1 2  ? -3.488  4.418   -15.718 1.00 29.68  ? 225 LYS A CD  1 
ATOM   12   C CE  . LYS A 1 2  ? -4.705  4.958   -16.461 1.00 29.19  ? 225 LYS A CE  1 
ATOM   13   N NZ  . LYS A 1 2  ? -5.335  6.094   -15.754 1.00 28.77  ? 225 LYS A NZ  1 
ATOM   14   N N   . ALA A 1 3  ? 1.230   5.423   -13.058 1.00 41.20  ? 226 ALA A N   1 
ATOM   15   C CA  . ALA A 1 3  ? 2.267   4.653   -12.369 1.00 45.64  ? 226 ALA A CA  1 
ATOM   16   C C   . ALA A 1 3  ? 2.062   3.155   -12.621 1.00 48.07  ? 226 ALA A C   1 
ATOM   17   O O   . ALA A 1 3  ? 0.935   2.714   -12.825 1.00 35.86  ? 226 ALA A O   1 
ATOM   18   C CB  . ALA A 1 3  ? 2.214   4.973   -10.901 1.00 43.84  ? 226 ALA A CB  1 
ATOM   19   N N   . ARG A 1 4  ? 3.145   2.378   -12.675 1.00 42.04  ? 227 ARG A N   1 
ATOM   20   C CA  . ARG A 1 4  ? 3.018   0.932   -12.588 1.00 40.26  ? 227 ARG A CA  1 
ATOM   21   C C   . ARG A 1 4  ? 2.685   0.576   -11.132 1.00 35.02  ? 227 ARG A C   1 
ATOM   22   O O   . ARG A 1 4  ? 3.209   1.157   -10.197 1.00 33.12  ? 227 ARG A O   1 
ATOM   23   C CB  . ARG A 1 4  ? 4.286   0.242   -13.085 1.00 55.87  ? 227 ARG A CB  1 
ATOM   24   C CG  . ARG A 1 4  ? 3.994   -1.074  -13.795 1.00 75.77  ? 227 ARG A CG  1 
ATOM   25   C CD  . ARG A 1 4  ? 4.923   -2.189  -13.378 1.00 87.71  ? 227 ARG A CD  1 
ATOM   26   N NE  . ARG A 1 4  ? 6.306   -1.867  -13.684 1.00 96.45  ? 227 ARG A NE  1 
ATOM   27   C CZ  . ARG A 1 4  ? 7.391   -2.317  -13.030 1.00 120.17 ? 227 ARG A CZ  1 
ATOM   28   N NH1 . ARG A 1 4  ? 7.281   -3.137  -11.987 1.00 104.35 ? 227 ARG A NH1 1 
ATOM   29   N NH2 . ARG A 1 4  ? 8.590   -1.915  -13.422 1.00 86.62  ? 227 ARG A NH2 1 
ATOM   30   N N   . MET A 1 5  ? 1.829   -0.418  -10.912 1.00 30.17  ? 228 MET A N   1 
ATOM   31   C CA  . MET A 1 5  ? 1.617   -0.959  -9.565  1.00 28.29  ? 228 MET A CA  1 
ATOM   32   C C   . MET A 1 5  ? 2.727   -1.989  -9.338  1.00 29.71  ? 228 MET A C   1 
ATOM   33   O O   . MET A 1 5  ? 2.661   -3.082  -9.904  1.00 32.64  ? 228 MET A O   1 
ATOM   34   C CB  . MET A 1 5  ? 0.245   -1.633  -9.503  1.00 28.82  ? 228 MET A CB  1 
ATOM   35   C CG  . MET A 1 5  ? -0.428  -1.598  -8.135  1.00 32.08  ? 228 MET A CG  1 
ATOM   36   S SD  . MET A 1 5  ? 0.520   -2.233  -6.734  1.00 32.87  ? 228 MET A SD  1 
ATOM   37   C CE  . MET A 1 5  ? 0.637   -3.936  -7.331  1.00 30.94  ? 228 MET A CE  1 
ATOM   38   N N   . ARG A 1 6  ? 3.711   -1.648  -8.486  1.00 26.85  ? 229 ARG A N   1 
ATOM   39   C CA  A ARG A 1 6  ? 4.844   -2.542  -8.288  0.50 27.40  ? 229 ARG A CA  1 
ATOM   40   C CA  B ARG A 1 6  ? 4.854   -2.518  -8.270  0.50 28.00  ? 229 ARG A CA  1 
ATOM   41   C C   . ARG A 1 6  ? 4.633   -3.342  -7.006  1.00 22.92  ? 229 ARG A C   1 
ATOM   42   O O   . ARG A 1 6  ? 4.331   -2.813  -5.952  1.00 26.23  ? 229 ARG A O   1 
ATOM   43   C CB  A ARG A 1 6  ? 6.169   -1.771  -8.252  0.50 34.34  ? 229 ARG A CB  1 
ATOM   44   C CB  B ARG A 1 6  ? 6.098   -1.657  -8.048  0.50 33.98  ? 229 ARG A CB  1 
ATOM   45   C CG  A ARG A 1 6  ? 6.603   -1.234  -9.612  0.50 34.21  ? 229 ARG A CG  1 
ATOM   46   C CG  B ARG A 1 6  ? 6.542   -0.862  -9.268  0.50 39.53  ? 229 ARG A CG  1 
ATOM   47   C CD  A ARG A 1 6  ? 7.992   -0.601  -9.613  0.50 42.31  ? 229 ARG A CD  1 
ATOM   48   C CD  B ARG A 1 6  ? 7.597   0.142   -8.814  0.50 41.45  ? 229 ARG A CD  1 
ATOM   49   N NE  A ARG A 1 6  ? 8.270   -0.045  -10.935 0.50 57.01  ? 229 ARG A NE  1 
ATOM   50   N NE  B ARG A 1 6  ? 7.440   0.371   -7.386  0.50 68.02  ? 229 ARG A NE  1 
ATOM   51   C CZ  A ARG A 1 6  ? 8.061   1.218   -11.304 0.50 64.81  ? 229 ARG A CZ  1 
ATOM   52   C CZ  B ARG A 1 6  ? 7.708   1.492   -6.724  0.50 67.01  ? 229 ARG A CZ  1 
ATOM   53   N NH1 A ARG A 1 6  ? 7.614   2.111   -10.435 0.50 65.17  ? 229 ARG A NH1 1 
ATOM   54   N NH1 B ARG A 1 6  ? 8.165   2.565   -7.354  0.50 68.00  ? 229 ARG A NH1 1 
ATOM   55   N NH2 A ARG A 1 6  ? 8.317   1.586   -12.547 0.50 61.34  ? 229 ARG A NH2 1 
ATOM   56   N NH2 B ARG A 1 6  ? 7.498   1.527   -5.420  0.50 49.02  ? 229 ARG A NH2 1 
ATOM   57   N N   . TRP A 1 7  ? 4.835   -4.672  -7.129  1.00 23.30  ? 230 TRP A N   1 
ATOM   58   C CA  . TRP A 1 7  ? 4.737   -5.554  -5.966  1.00 22.28  ? 230 TRP A CA  1 
ATOM   59   C C   . TRP A 1 7  ? 6.043   -5.525  -5.153  1.00 24.86  ? 230 TRP A C   1 
ATOM   60   O O   . TRP A 1 7  ? 6.895   -6.412  -5.235  1.00 26.26  ? 230 TRP A O   1 
ATOM   61   C CB  . TRP A 1 7  ? 4.432   -6.982  -6.472  1.00 21.57  ? 230 TRP A CB  1 
ATOM   62   C CG  . TRP A 1 7  ? 2.976   -7.067  -6.874  1.00 23.54  ? 230 TRP A CG  1 
ATOM   63   C CD1 . TRP A 1 7  ? 2.467   -7.037  -8.144  1.00 23.23  ? 230 TRP A CD1 1 
ATOM   64   C CD2 . TRP A 1 7  ? 1.847   -7.247  -6.012  1.00 23.50  ? 230 TRP A CD2 1 
ATOM   65   N NE1 . TRP A 1 7  ? 1.097   -7.179  -8.141  1.00 24.33  ? 230 TRP A NE1 1 
ATOM   66   C CE2 . TRP A 1 7  ? 0.689   -7.344  -6.830  1.00 23.55  ? 230 TRP A CE2 1 
ATOM   67   C CE3 . TRP A 1 7  ? 1.692   -7.354  -4.633  1.00 19.98  ? 230 TRP A CE3 1 
ATOM   68   C CZ2 . TRP A 1 7  ? -0.625  -7.429  -6.310  1.00 22.38  ? 230 TRP A CZ2 1 
ATOM   69   C CZ3 . TRP A 1 7  ? 0.427   -7.485  -4.099  1.00 23.46  ? 230 TRP A CZ3 1 
ATOM   70   C CH2 . TRP A 1 7  ? -0.719  -7.585  -4.947  1.00 24.12  ? 230 TRP A CH2 1 
ATOM   71   N N   . THR A 1 8  ? 6.138   -4.482  -4.323  1.00 24.39  ? 231 THR A N   1 
ATOM   72   C CA  . THR A 1 8  ? 7.289   -4.304  -3.448  1.00 27.40  ? 231 THR A CA  1 
ATOM   73   C C   . THR A 1 8  ? 7.305   -5.443  -2.441  1.00 26.16  ? 231 THR A C   1 
ATOM   74   O O   . THR A 1 8  ? 6.311   -6.097  -2.191  1.00 24.98  ? 231 THR A O   1 
ATOM   75   C CB  . THR A 1 8  ? 7.148   -2.967  -2.685  1.00 24.13  ? 231 THR A CB  1 
ATOM   76   O OG1 . THR A 1 8  ? 5.971   -2.981  -1.871  1.00 26.97  ? 231 THR A OG1 1 
ATOM   77   C CG2 . THR A 1 8  ? 7.197   -1.826  -3.684  1.00 31.82  ? 231 THR A CG2 1 
ATOM   78   N N   . PRO A 1 9  ? 8.454   -5.723  -1.788  1.00 26.01  ? 232 PRO A N   1 
ATOM   79   C CA  . PRO A 1 9  ? 8.454   -6.738  -0.736  1.00 25.86  ? 232 PRO A CA  1 
ATOM   80   C C   . PRO A 1 9  ? 7.363   -6.526  0.309   1.00 23.10  ? 232 PRO A C   1 
ATOM   81   O O   . PRO A 1 9  ? 6.755   -7.482  0.771   1.00 24.79  ? 232 PRO A O   1 
ATOM   82   C CB  . PRO A 1 9  ? 9.910   -6.582  -0.212  1.00 25.91  ? 232 PRO A CB  1 
ATOM   83   C CG  . PRO A 1 9  ? 10.662  -6.139  -1.389  1.00 34.67  ? 232 PRO A CG  1 
ATOM   84   C CD  . PRO A 1 9  ? 9.757   -5.102  -2.064  1.00 30.89  ? 232 PRO A CD  1 
ATOM   85   N N   . GLU A 1 10 ? 7.086   -5.238  0.740   1.00 24.83  ? 233 GLU A N   1 
ATOM   86   C CA  . GLU A 1 10 ? 6.062   -5.040  1.752   1.00 26.53  ? 233 GLU A CA  1 
ATOM   87   C C   . GLU A 1 10 ? 4.641   -5.287  1.242   1.00 24.18  ? 233 GLU A C   1 
ATOM   88   O O   . GLU A 1 10 ? 3.820   -5.817  1.972   1.00 25.05  ? 233 GLU A O   1 
ATOM   89   C CB  . GLU A 1 10 ? 6.103   -3.561  2.247   1.00 31.10  ? 233 GLU A CB  1 
ATOM   90   C CG  . GLU A 1 10 ? 7.438   -3.246  2.911   1.00 34.12  ? 233 GLU A CG  1 
ATOM   91   C CD  . GLU A 1 10 ? 8.564   -2.817  1.983   1.00 42.07  ? 233 GLU A CD  1 
ATOM   92   O OE1 . GLU A 1 10 ? 8.514   -2.968  0.684   1.00 37.71  ? 233 GLU A OE1 1 
ATOM   93   O OE2 . GLU A 1 10 ? 9.550   -2.290  2.554   1.00 54.12  ? 233 GLU A OE2 1 
ATOM   94   N N   . LEU A 1 11 ? 4.353   -4.927  -0.018  1.00 25.58  ? 234 LEU A N   1 
ATOM   95   C CA  A LEU A 1 11 ? 3.026   -5.173  -0.555  0.50 23.17  ? 234 LEU A CA  1 
ATOM   96   C CA  B LEU A 1 11 ? 3.031   -5.180  -0.579  0.50 23.87  ? 234 LEU A CA  1 
ATOM   97   C C   . LEU A 1 11 ? 2.841   -6.674  -0.802  1.00 23.23  ? 234 LEU A C   1 
ATOM   98   O O   . LEU A 1 11 ? 1.778   -7.224  -0.495  1.00 23.82  ? 234 LEU A O   1 
ATOM   99   C CB  A LEU A 1 11 ? 2.902   -4.356  -1.848  0.50 24.42  ? 234 LEU A CB  1 
ATOM   100  C CB  B LEU A 1 11 ? 2.888   -4.475  -1.930  0.50 26.36  ? 234 LEU A CB  1 
ATOM   101  C CG  A LEU A 1 11 ? 1.504   -4.155  -2.401  0.50 22.99  ? 234 LEU A CG  1 
ATOM   102  C CG  B LEU A 1 11 ? 2.198   -3.134  -1.873  0.50 23.39  ? 234 LEU A CG  1 
ATOM   103  C CD1 A LEU A 1 11 ? 0.679   -3.355  -1.397  0.50 26.10  ? 234 LEU A CD1 1 
ATOM   104  C CD1 B LEU A 1 11 ? 2.292   -2.397  -3.179  0.50 20.96  ? 234 LEU A CD1 1 
ATOM   105  C CD2 A LEU A 1 11 ? 1.639   -3.364  -3.721  0.50 20.03  ? 234 LEU A CD2 1 
ATOM   106  C CD2 B LEU A 1 11 ? 0.768   -3.218  -1.356  0.50 25.26  ? 234 LEU A CD2 1 
ATOM   107  N N   . HIS A 1 12 ? 3.915   -7.335  -1.266  1.00 24.25  ? 235 HIS A N   1 
ATOM   108  C CA  . HIS A 1 12 ? 3.835   -8.776  -1.447  1.00 22.94  ? 235 HIS A CA  1 
ATOM   109  C C   . HIS A 1 12 ? 3.580   -9.463  -0.093  1.00 22.35  ? 235 HIS A C   1 
ATOM   110  O O   . HIS A 1 12 ? 2.808   -10.432 -0.029  1.00 23.36  ? 235 HIS A O   1 
ATOM   111  C CB  . HIS A 1 12 ? 5.161   -9.257  -2.106  1.00 22.07  ? 235 HIS A CB  1 
ATOM   112  C CG  . HIS A 1 12 ? 5.230   -10.733 -2.213  1.00 21.15  ? 235 HIS A CG  1 
ATOM   113  N ND1 . HIS A 1 12 ? 4.434   -11.419 -3.135  1.00 24.29  ? 235 HIS A ND1 1 
ATOM   114  C CD2 . HIS A 1 12 ? 5.870   -11.664 -1.466  1.00 20.19  ? 235 HIS A CD2 1 
ATOM   115  C CE1 . HIS A 1 12 ? 4.654   -12.720 -2.975  1.00 23.15  ? 235 HIS A CE1 1 
ATOM   116  N NE2 . HIS A 1 12 ? 5.566   -12.915 -1.944  1.00 21.36  ? 235 HIS A NE2 1 
ATOM   117  N N   . GLU A 1 13 ? 4.310   -9.006  0.977   1.00 23.02  ? 236 GLU A N   1 
ATOM   118  C CA  A GLU A 1 13 ? 4.102   -9.612  2.277   0.60 24.25  ? 236 GLU A CA  1 
ATOM   119  C CA  B GLU A 1 13 ? 4.105   -9.583  2.302   0.40 24.20  ? 236 GLU A CA  1 
ATOM   120  C C   . GLU A 1 13 ? 2.632   -9.452  2.731   1.00 24.09  ? 236 GLU A C   1 
ATOM   121  O O   . GLU A 1 13 ? 2.047   -10.383 3.265   1.00 25.43  ? 236 GLU A O   1 
ATOM   122  C CB  A GLU A 1 13 ? 5.183   -9.142  3.246   0.60 29.48  ? 236 GLU A CB  1 
ATOM   123  C CB  B GLU A 1 13 ? 5.048   -8.994  3.360   0.40 28.90  ? 236 GLU A CB  1 
ATOM   124  C CG  A GLU A 1 13 ? 5.480   -10.195 4.301   0.60 34.16  ? 236 GLU A CG  1 
ATOM   125  C CG  B GLU A 1 13 ? 4.714   -9.447  4.797   0.40 29.85  ? 236 GLU A CG  1 
ATOM   126  C CD  A GLU A 1 13 ? 6.116   -11.496 3.822   0.60 33.31  ? 236 GLU A CD  1 
ATOM   127  C CD  B GLU A 1 13 ? 5.504   -8.702  5.877   0.40 39.64  ? 236 GLU A CD  1 
ATOM   128  O OE1 A GLU A 1 13 ? 5.802   -12.489 4.472   0.60 42.53  ? 236 GLU A OE1 1 
ATOM   129  O OE1 B GLU A 1 13 ? 6.604   -9.172  6.216   0.40 45.01  ? 236 GLU A OE1 1 
ATOM   130  O OE2 A GLU A 1 13 ? 6.989   -11.532 2.827   0.60 27.29  ? 236 GLU A OE2 1 
ATOM   131  O OE2 B GLU A 1 13 ? 5.032   -7.639  6.365   0.40 34.13  ? 236 GLU A OE2 1 
ATOM   132  N N   . ALA A 1 14 ? 2.043   -8.281  2.487   1.00 24.40  ? 237 ALA A N   1 
ATOM   133  C CA  . ALA A 1 14 ? 0.623   -8.085  2.855   1.00 24.07  ? 237 ALA A CA  1 
ATOM   134  C C   . ALA A 1 14 ? -0.278  -9.071  2.108   1.00 27.59  ? 237 ALA A C   1 
ATOM   135  O O   . ALA A 1 14 ? -1.229  -9.661  2.644   1.00 23.45  ? 237 ALA A O   1 
ATOM   136  C CB  . ALA A 1 14 ? 0.243   -6.656  2.573   1.00 27.51  ? 237 ALA A CB  1 
ATOM   137  N N   . PHE A 1 15 ? 0.016   -9.228  0.795   1.00 23.48  ? 238 PHE A N   1 
ATOM   138  C CA  . PHE A 1 15 ? -0.667  -10.214 -0.033  1.00 23.37  ? 238 PHE A CA  1 
ATOM   139  C C   . PHE A 1 15 ? -0.553  -11.622 0.532   1.00 22.69  ? 238 PHE A C   1 
ATOM   140  O O   . PHE A 1 15 ? -1.547  -12.370 0.585   1.00 23.15  ? 238 PHE A O   1 
ATOM   141  C CB  . PHE A 1 15 ? -0.125  -10.063 -1.475  1.00 21.59  ? 238 PHE A CB  1 
ATOM   142  C CG  . PHE A 1 15 ? -0.392  -11.203 -2.417  1.00 21.36  ? 238 PHE A CG  1 
ATOM   143  C CD1 . PHE A 1 15 ? 0.495   -12.262 -2.448  1.00 21.85  ? 238 PHE A CD1 1 
ATOM   144  C CD2 . PHE A 1 15 ? -1.499  -11.170 -3.278  1.00 23.30  ? 238 PHE A CD2 1 
ATOM   145  C CE1 . PHE A 1 15 ? 0.276   -13.339 -3.287  1.00 22.44  ? 238 PHE A CE1 1 
ATOM   146  C CE2 . PHE A 1 15 ? -1.716  -12.252 -4.116  1.00 25.97  ? 238 PHE A CE2 1 
ATOM   147  C CZ  . PHE A 1 15 ? -0.824  -13.322 -4.141  1.00 24.01  ? 238 PHE A CZ  1 
ATOM   148  N N   . VAL A 1 16 ? 0.652   -12.040 0.939   1.00 22.31  ? 239 VAL A N   1 
ATOM   149  C CA  . VAL A 1 16 ? 0.844   -13.410 1.398   1.00 20.74  ? 239 VAL A CA  1 
ATOM   150  C C   . VAL A 1 16 ? 0.039   -13.659 2.701   1.00 21.39  ? 239 VAL A C   1 
ATOM   151  O O   . VAL A 1 16 ? -0.622  -14.676 2.824   1.00 25.42  ? 239 VAL A O   1 
ATOM   152  C CB  . VAL A 1 16 ? 2.343   -13.702 1.631   1.00 25.16  ? 239 VAL A CB  1 
ATOM   153  C CG1 . VAL A 1 16 ? 2.509   -15.049 2.330   1.00 28.80  ? 239 VAL A CG1 1 
ATOM   154  C CG2 . VAL A 1 16 ? 3.069   -13.751 0.263   1.00 25.21  ? 239 VAL A CG2 1 
ATOM   155  N N   . GLU A 1 17 ? 0.042   -12.656 3.560   1.00 24.67  ? 240 GLU A N   1 
ATOM   156  C CA  . GLU A 1 17 ? -0.742  -12.767 4.791   1.00 30.20  ? 240 GLU A CA  1 
ATOM   157  C C   . GLU A 1 17 ? -2.237  -12.909 4.495   1.00 26.90  ? 240 GLU A C   1 
ATOM   158  O O   . GLU A 1 17 ? -2.909  -13.777 5.088   1.00 27.14  ? 240 GLU A O   1 
ATOM   159  C CB  . GLU A 1 17 ? -0.449  -11.615 5.728   1.00 32.64  ? 240 GLU A CB  1 
ATOM   160  C CG  . GLU A 1 17 ? 0.950   -11.713 6.286   1.00 38.87  ? 240 GLU A CG  1 
ATOM   161  C CD  . GLU A 1 17 ? 1.279   -10.568 7.252   1.00 50.80  ? 240 GLU A CD  1 
ATOM   162  O OE1 . GLU A 1 17 ? 0.324   -10.039 7.884   1.00 65.35  ? 240 GLU A OE1 1 
ATOM   163  O OE2 . GLU A 1 17 ? 2.494   -10.218 7.375   1.00 53.90  ? 240 GLU A OE2 1 
ATOM   164  N N   . ALA A 1 18 ? -2.726  -12.139 3.498   1.00 25.04  ? 241 ALA A N   1 
ATOM   165  C CA  . ALA A 1 18 ? -4.141  -12.256 3.134   1.00 24.59  ? 241 ALA A CA  1 
ATOM   166  C C   . ALA A 1 18 ? -4.443  -13.635 2.564   1.00 29.32  ? 241 ALA A C   1 
ATOM   167  O O   . ALA A 1 18 ? -5.436  -14.276 2.901   1.00 26.67  ? 241 ALA A O   1 
ATOM   168  C CB  . ALA A 1 18 ? -4.459  -11.129 2.139   1.00 26.37  ? 241 ALA A CB  1 
ATOM   169  N N   . VAL A 1 19 ? -3.597  -14.117 1.619   1.00 22.92  ? 242 VAL A N   1 
ATOM   170  C CA  . VAL A 1 19 ? -3.818  -15.420 1.010   1.00 23.34  ? 242 VAL A CA  1 
ATOM   171  C C   . VAL A 1 19 ? -3.840  -16.500 2.100   1.00 25.70  ? 242 VAL A C   1 
ATOM   172  O O   . VAL A 1 19 ? -4.657  -17.418 1.997   1.00 26.32  ? 242 VAL A O   1 
ATOM   173  C CB  . VAL A 1 19 ? -2.670  -15.675 -0.004  1.00 20.19  ? 242 VAL A CB  1 
ATOM   174  C CG1 . VAL A 1 19 ? -2.679  -17.142 -0.494  1.00 22.36  ? 242 VAL A CG1 1 
ATOM   175  C CG2 . VAL A 1 19 ? -2.895  -14.741 -1.188  1.00 21.11  ? 242 VAL A CG2 1 
ATOM   176  N N   . ASN A 1 20 ? -2.919  -16.401 3.060   1.00 25.32  ? 243 ASN A N   1 
ATOM   177  C CA  . ASN A 1 20 ? -2.822  -17.450 4.075   1.00 25.73  ? 243 ASN A CA  1 
ATOM   178  C C   . ASN A 1 20 ? -4.140  -17.504 4.882   1.00 29.44  ? 243 ASN A C   1 
ATOM   179  O O   . ASN A 1 20 ? -4.642  -18.611 5.113   1.00 30.12  ? 243 ASN A O   1 
ATOM   180  C CB  . ASN A 1 20 ? -1.619  -17.268 4.991   1.00 25.86  ? 243 ASN A CB  1 
ATOM   181  C CG  . ASN A 1 20 ? -0.336  -17.590 4.239   1.00 35.49  ? 243 ASN A CG  1 
ATOM   182  O OD1 . ASN A 1 20 ? -0.383  -18.327 3.263   1.00 36.62  ? 243 ASN A OD1 1 
ATOM   183  N ND2 . ASN A 1 20 ? 0.812   -17.185 4.781   1.00 39.28  ? 243 ASN A ND2 1 
ATOM   184  N N   . SER A 1 21 ? -4.635  -16.341 5.238   1.00 28.29  ? 244 SER A N   1 
ATOM   185  C CA  A SER A 1 21 ? -5.890  -16.321 5.985   0.60 32.59  ? 244 SER A CA  1 
ATOM   186  C CA  B SER A 1 21 ? -5.906  -16.277 5.965   0.40 32.28  ? 244 SER A CA  1 
ATOM   187  C C   . SER A 1 21 ? -7.049  -16.933 5.198   1.00 35.14  ? 244 SER A C   1 
ATOM   188  O O   . SER A 1 21 ? -8.005  -17.457 5.781   1.00 29.42  ? 244 SER A O   1 
ATOM   189  C CB  A SER A 1 21 ? -6.183  -14.951 6.471   0.60 29.35  ? 244 SER A CB  1 
ATOM   190  C CB  B SER A 1 21 ? -6.283  -14.877 6.329   0.40 32.30  ? 244 SER A CB  1 
ATOM   191  O OG  A SER A 1 21 ? -6.636  -14.156 5.394   0.60 31.27  ? 244 SER A OG  1 
ATOM   192  O OG  B SER A 1 21 ? -5.272  -14.265 7.089   0.40 29.17  ? 244 SER A OG  1 
ATOM   193  N N   . LEU A 1 22 ? -7.024  -16.865 3.866   1.00 26.71  ? 245 LEU A N   1 
ATOM   194  C CA  . LEU A 1 22 ? -8.090  -17.378 3.040   1.00 27.63  ? 245 LEU A CA  1 
ATOM   195  C C   . LEU A 1 22 ? -7.872  -18.837 2.665   1.00 30.48  ? 245 LEU A C   1 
ATOM   196  O O   . LEU A 1 22 ? -8.612  -19.361 1.835   1.00 32.17  ? 245 LEU A O   1 
ATOM   197  C CB  . LEU A 1 22 ? -8.143  -16.492 1.771   1.00 24.46  ? 245 LEU A CB  1 
ATOM   198  C CG  . LEU A 1 22 ? -8.411  -15.018 2.016   1.00 29.76  ? 245 LEU A CG  1 
ATOM   199  C CD1 . LEU A 1 22 ? -8.653  -14.295 0.675   1.00 31.48  ? 245 LEU A CD1 1 
ATOM   200  C CD2 . LEU A 1 22 ? -9.706  -14.847 2.812   1.00 34.52  ? 245 LEU A CD2 1 
ATOM   201  N N   . GLY A 1 23 ? -6.862  -19.489 3.292   1.00 26.96  ? 246 GLY A N   1 
ATOM   202  C CA  . GLY A 1 23 ? -6.709  -20.917 3.138   1.00 31.97  ? 246 GLY A CA  1 
ATOM   203  C C   . GLY A 1 23 ? -5.696  -21.316 2.066   1.00 29.66  ? 246 GLY A C   1 
ATOM   204  O O   . GLY A 1 23 ? -5.732  -22.454 1.583   1.00 33.37  ? 246 GLY A O   1 
ATOM   205  N N   . GLY A 1 24 ? -4.904  -20.322 1.625   1.00 29.13  ? 247 GLY A N   1 
ATOM   206  C CA  . GLY A 1 24 ? -3.875  -20.643 0.663   1.00 28.35  ? 247 GLY A CA  1 
ATOM   207  C C   . GLY A 1 24 ? -4.179  -20.134 -0.730  1.00 28.45  ? 247 GLY A C   1 
ATOM   208  O O   . GLY A 1 24 ? -5.304  -19.746 -1.067  1.00 27.05  ? 247 GLY A O   1 
ATOM   209  N N   . SER A 1 25 ? -3.202  -20.272 -1.622  1.00 26.71  ? 248 SER A N   1 
ATOM   210  C CA  . SER A 1 25 ? -3.340  -19.590 -2.900  1.00 25.47  ? 248 SER A CA  1 
ATOM   211  C C   . SER A 1 25 ? -4.463  -20.113 -3.791  1.00 28.85  ? 248 SER A C   1 
ATOM   212  O O   . SER A 1 25 ? -5.021  -19.297 -4.531  1.00 29.64  ? 248 SER A O   1 
ATOM   213  C CB  . SER A 1 25 ? -1.974  -19.649 -3.622  1.00 28.84  ? 248 SER A CB  1 
ATOM   214  O OG  . SER A 1 25 ? -1.683  -20.963 -4.044  1.00 29.82  ? 248 SER A OG  1 
ATOM   215  N N   . GLU A 1 26 ? -4.776  -21.414 -3.745  1.00 30.08  ? 249 GLU A N   1 
ATOM   216  C CA  A GLU A 1 26 ? -5.803  -21.896 -4.653  0.60 29.11  ? 249 GLU A CA  1 
ATOM   217  C CA  B GLU A 1 26 ? -5.804  -21.995 -4.593  0.40 32.00  ? 249 GLU A CA  1 
ATOM   218  C C   . GLU A 1 26 ? -7.176  -21.524 -4.101  1.00 31.43  ? 249 GLU A C   1 
ATOM   219  O O   . GLU A 1 26 ? -8.068  -21.214 -4.916  1.00 31.60  ? 249 GLU A O   1 
ATOM   220  C CB  A GLU A 1 26 ? -5.640  -23.387 -4.941  0.60 33.01  ? 249 GLU A CB  1 
ATOM   221  C CB  B GLU A 1 26 ? -5.711  -23.525 -4.530  0.40 33.55  ? 249 GLU A CB  1 
ATOM   222  C CG  A GLU A 1 26 ? -4.496  -23.623 -5.898  0.60 32.56  ? 249 GLU A CG  1 
ATOM   223  C CG  B GLU A 1 26 ? -6.616  -24.219 -5.541  0.40 39.64  ? 249 GLU A CG  1 
ATOM   224  C CD  A GLU A 1 26 ? -4.693  -23.227 -7.351  0.60 35.41  ? 249 GLU A CD  1 
ATOM   225  C CD  B GLU A 1 26 ? -6.727  -25.739 -5.456  0.40 50.55  ? 249 GLU A CD  1 
ATOM   226  O OE1 A GLU A 1 26 ? -5.812  -22.804 -7.791  0.60 48.57  ? 249 GLU A OE1 1 
ATOM   227  O OE1 B GLU A 1 26 ? -7.855  -26.242 -5.603  0.40 42.26  ? 249 GLU A OE1 1 
ATOM   228  O OE2 A GLU A 1 26 ? -3.713  -23.381 -8.066  0.60 41.98  ? 249 GLU A OE2 1 
ATOM   229  O OE2 B GLU A 1 26 ? -5.695  -26.418 -5.240  0.40 48.67  ? 249 GLU A OE2 1 
ATOM   230  N N   . ARG A 1 27 ? -7.292  -21.532 -2.780  1.00 27.77  ? 250 ARG A N   1 
ATOM   231  C CA  . ARG A 1 27 ? -8.613  -21.272 -2.178  1.00 31.48  ? 250 ARG A CA  1 
ATOM   232  C C   . ARG A 1 27 ? -8.937  -19.790 -2.162  1.00 32.34  ? 250 ARG A C   1 
ATOM   233  O O   . ARG A 1 27 ? -10.104 -19.405 -2.257  1.00 30.52  ? 250 ARG A O   1 
ATOM   234  C CB  . ARG A 1 27 ? -8.649  -21.810 -0.748  1.00 28.19  ? 250 ARG A CB  1 
ATOM   235  C CG  . ARG A 1 27 ? -10.062 -21.849 -0.153  1.00 27.58  ? 250 ARG A CG  1 
ATOM   236  C CD  . ARG A 1 27 ? -9.969  -22.640 1.119   1.00 29.82  ? 250 ARG A CD  1 
ATOM   237  N NE  . ARG A 1 27 ? -11.302 -22.635 1.745   1.00 28.14  ? 250 ARG A NE  1 
ATOM   238  C CZ  . ARG A 1 27 ? -11.538 -23.274 2.874   1.00 32.35  ? 250 ARG A CZ  1 
ATOM   239  N NH1 . ARG A 1 27 ? -10.573 -23.969 3.515   1.00 33.04  ? 250 ARG A NH1 1 
ATOM   240  N NH2 . ARG A 1 27 ? -12.754 -23.173 3.392   1.00 37.76  ? 250 ARG A NH2 1 
ATOM   241  N N   . ALA A 1 28 ? -7.915  -18.938 -1.972  1.00 29.28  ? 251 ALA A N   1 
ATOM   242  C CA  . ALA A 1 28 ? -8.138  -17.493 -1.956  1.00 24.93  ? 251 ALA A CA  1 
ATOM   243  C C   . ALA A 1 28 ? -8.750  -17.029 -3.260  1.00 24.26  ? 251 ALA A C   1 
ATOM   244  O O   . ALA A 1 28 ? -8.408  -17.502 -4.343  1.00 29.46  ? 251 ALA A O   1 
ATOM   245  C CB  . ALA A 1 28 ? -6.789  -16.783 -1.779  1.00 27.65  ? 251 ALA A CB  1 
ATOM   246  N N   . THR A 1 29 ? -9.637  -16.029 -3.140  1.00 27.34  ? 252 THR A N   1 
ATOM   247  C CA  . THR A 1 29 ? -10.119 -15.376 -4.360  1.00 26.94  ? 252 THR A CA  1 
ATOM   248  C C   . THR A 1 29 ? -9.417  -14.035 -4.466  1.00 27.81  ? 252 THR A C   1 
ATOM   249  O O   . THR A 1 29 ? -9.105  -13.356 -3.494  1.00 25.24  ? 252 THR A O   1 
ATOM   250  C CB  . THR A 1 29 ? -11.628 -15.019 -4.237  1.00 27.82  ? 252 THR A CB  1 
ATOM   251  O OG1 . THR A 1 29 ? -11.884 -14.233 -3.071  1.00 28.75  ? 252 THR A OG1 1 
ATOM   252  C CG2 . THR A 1 29 ? -12.450 -16.294 -4.225  1.00 29.72  ? 252 THR A CG2 1 
ATOM   253  N N   . PRO A 1 30 ? -9.244  -13.536 -5.704  1.00 27.27  ? 253 PRO A N   1 
ATOM   254  C CA  . PRO A 1 30 ? -8.712  -12.176 -5.843  1.00 27.21  ? 253 PRO A CA  1 
ATOM   255  C C   . PRO A 1 30 ? -9.483  -11.077 -5.159  1.00 25.09  ? 253 PRO A C   1 
ATOM   256  O O   . PRO A 1 30 ? -8.931  -10.194 -4.544  1.00 24.56  ? 253 PRO A O   1 
ATOM   257  C CB  . PRO A 1 30 ? -8.719  -11.954 -7.383  1.00 32.55  ? 253 PRO A CB  1 
ATOM   258  C CG  . PRO A 1 30 ? -8.935  -13.280 -7.998  1.00 31.36  ? 253 PRO A CG  1 
ATOM   259  C CD  . PRO A 1 30 ? -9.477  -14.244 -6.947  1.00 30.30  ? 253 PRO A CD  1 
ATOM   260  N N   A LYS A 1 31 ? -10.841 -11.153 -5.227  0.70 27.84  ? 254 LYS A N   1 
ATOM   261  N N   B LYS A 1 31 ? -10.824 -11.180 -5.205  0.30 28.87  ? 254 LYS A N   1 
ATOM   262  C CA  A LYS A 1 31 ? -11.587 -10.136 -4.516  0.70 25.40  ? 254 LYS A CA  1 
ATOM   263  C CA  B LYS A 1 31 ? -11.679 -10.212 -4.545  0.30 29.66  ? 254 LYS A CA  1 
ATOM   264  C C   A LYS A 1 31 ? -11.412 -10.210 -3.005  0.70 27.11  ? 254 LYS A C   1 
ATOM   265  C C   B LYS A 1 31 ? -11.460 -10.222 -3.030  0.30 29.09  ? 254 LYS A C   1 
ATOM   266  O O   A LYS A 1 31 ? -11.372 -9.171  -2.356  0.70 23.96  ? 254 LYS A O   1 
ATOM   267  O O   B LYS A 1 31 ? -11.434 -9.168  -2.397  0.30 27.15  ? 254 LYS A O   1 
ATOM   268  C CB  A LYS A 1 31 ? -13.092 -10.196 -4.841  0.70 29.77  ? 254 LYS A CB  1 
ATOM   269  C CB  B LYS A 1 31 ? -13.138 -10.504 -4.930  0.30 27.95  ? 254 LYS A CB  1 
ATOM   270  C CG  A LYS A 1 31 ? -13.907 -9.219  -4.018  0.70 35.84  ? 254 LYS A CG  1 
ATOM   271  C CG  B LYS A 1 31 ? -14.076 -9.310  -4.909  0.30 32.94  ? 254 LYS A CG  1 
ATOM   272  C CD  A LYS A 1 31 ? -13.744 -7.787  -4.475  0.70 39.27  ? 254 LYS A CD  1 
ATOM   273  C CD  B LYS A 1 31 ? -15.511 -9.725  -5.151  0.30 27.04  ? 254 LYS A CD  1 
ATOM   274  C CE  A LYS A 1 31 ? -13.072 -6.883  -3.463  0.70 32.77  ? 254 LYS A CE  1 
ATOM   275  C CE  B LYS A 1 31 ? -15.779 -10.070 -6.597  0.30 31.64  ? 254 LYS A CE  1 
ATOM   276  N NZ  A LYS A 1 31 ? -13.550 -5.477  -3.567  0.70 64.02  ? 254 LYS A NZ  1 
ATOM   277  N NZ  B LYS A 1 31 ? -14.876 -9.311  -7.495  0.30 36.38  ? 254 LYS A NZ  1 
ATOM   278  N N   . GLY A 1 32 ? -11.330 -11.417 -2.457  1.00 28.53  ? 255 GLY A N   1 
ATOM   279  C CA  . GLY A 1 32 ? -11.117 -11.525 -1.031  1.00 24.23  ? 255 GLY A CA  1 
ATOM   280  C C   . GLY A 1 32 ? -9.785  -10.903 -0.591  1.00 23.10  ? 255 GLY A C   1 
ATOM   281  O O   . GLY A 1 32 ? -9.669  -10.167 0.368   1.00 26.53  ? 255 GLY A O   1 
ATOM   282  N N   . VAL A 1 33 ? -8.725  -11.208 -1.382  1.00 24.58  ? 256 VAL A N   1 
ATOM   283  C CA  . VAL A 1 33 ? -7.411  -10.622 -1.116  1.00 24.50  ? 256 VAL A CA  1 
ATOM   284  C C   . VAL A 1 33 ? -7.457  -9.098  -1.183  1.00 23.48  ? 256 VAL A C   1 
ATOM   285  O O   . VAL A 1 33 ? -6.969  -8.369  -0.362  1.00 24.13  ? 256 VAL A O   1 
ATOM   286  C CB  . VAL A 1 33 ? -6.346  -11.241 -2.043  1.00 23.58  ? 256 VAL A CB  1 
ATOM   287  C CG1 . VAL A 1 33 ? -5.039  -10.441 -1.914  1.00 25.95  ? 256 VAL A CG1 1 
ATOM   288  C CG2 . VAL A 1 33 ? -6.128  -12.757 -1.815  1.00 25.61  ? 256 VAL A CG2 1 
ATOM   289  N N   . LEU A 1 34 ? -8.087  -8.563  -2.250  1.00 25.47  ? 257 LEU A N   1 
ATOM   290  C CA  . LEU A 1 34 ? -8.253  -7.136  -2.439  1.00 26.17  ? 257 LEU A CA  1 
ATOM   291  C C   . LEU A 1 34 ? -8.976  -6.484  -1.267  1.00 31.04  ? 257 LEU A C   1 
ATOM   292  O O   . LEU A 1 34 ? -8.532  -5.491  -0.745  1.00 30.81  ? 257 LEU A O   1 
ATOM   293  C CB  . LEU A 1 34 ? -8.971  -6.983  -3.788  1.00 28.16  ? 257 LEU A CB  1 
ATOM   294  C CG  . LEU A 1 34 ? -9.123  -5.586  -4.325  1.00 29.84  ? 257 LEU A CG  1 
ATOM   295  C CD1 . LEU A 1 34 ? -7.725  -5.135  -4.731  1.00 24.85  ? 257 LEU A CD1 1 
ATOM   296  C CD2 . LEU A 1 34 ? -10.106 -5.659  -5.526  1.00 28.70  ? 257 LEU A CD2 1 
ATOM   297  N N   . LYS A 1 35 ? -10.023 -7.158  -0.772  1.00 30.66  ? 258 LYS A N   1 
ATOM   298  C CA  . LYS A 1 35 ? -10.786 -6.625  0.357   1.00 30.04  ? 258 LYS A CA  1 
ATOM   299  C C   . LYS A 1 35 ? -9.963  -6.549  1.633   1.00 32.14  ? 258 LYS A C   1 
ATOM   300  O O   . LYS A 1 35 ? -10.032 -5.561  2.376   1.00 33.92  ? 258 LYS A O   1 
ATOM   301  C CB  . LYS A 1 35 ? -12.022 -7.510  0.602   1.00 32.96  ? 258 LYS A CB  1 
ATOM   302  C CG  . LYS A 1 35 ? -13.343 -6.935  0.116   1.00 57.72  ? 258 LYS A CG  1 
ATOM   303  C CD  . LYS A 1 35 ? -14.528 -7.441  0.904   1.00 62.45  ? 258 LYS A CD  1 
ATOM   304  C CE  . LYS A 1 35 ? -15.810 -6.710  0.558   1.00 70.17  ? 258 LYS A CE  1 
ATOM   305  N NZ  . LYS A 1 35 ? -16.974 -7.620  0.684   1.00 70.91  ? 258 LYS A NZ  1 
ATOM   306  N N   . ILE A 1 36 ? -9.145  -7.599  1.873   1.00 28.41  ? 259 ILE A N   1 
ATOM   307  C CA  . ILE A 1 36 ? -8.286  -7.615  3.028   1.00 27.04  ? 259 ILE A CA  1 
ATOM   308  C C   . ILE A 1 36 ? -7.176  -6.564  2.965   1.00 27.59  ? 259 ILE A C   1 
ATOM   309  O O   . ILE A 1 36 ? -6.848  -5.850  3.916   1.00 31.79  ? 259 ILE A O   1 
ATOM   310  C CB  . ILE A 1 36 ? -7.772  -9.060  3.272   1.00 27.41  ? 259 ILE A CB  1 
ATOM   311  C CG1 . ILE A 1 36 ? -8.931  -9.953  3.775   1.00 31.25  ? 259 ILE A CG1 1 
ATOM   312  C CG2 . ILE A 1 36 ? -6.602  -8.975  4.245   1.00 29.03  ? 259 ILE A CG2 1 
ATOM   313  C CD1 . ILE A 1 36 ? -8.607  -11.442 3.854   1.00 30.99  ? 259 ILE A CD1 1 
ATOM   314  N N   . MET A 1 37 ? -6.559  -6.415  1.766   1.00 27.13  ? 260 MET A N   1 
ATOM   315  C CA  . MET A 1 37 ? -5.414  -5.540  1.650   1.00 24.33  ? 260 MET A CA  1 
ATOM   316  C C   . MET A 1 37 ? -5.769  -4.055  1.749   1.00 26.95  ? 260 MET A C   1 
ATOM   317  O O   . MET A 1 37 ? -4.940  -3.289  2.234   1.00 29.52  ? 260 MET A O   1 
ATOM   318  C CB  . MET A 1 37 ? -4.735  -5.791  0.284   1.00 24.83  ? 260 MET A CB  1 
ATOM   319  C CG  . MET A 1 37 ? -3.956  -7.135  0.319   1.00 30.35  ? 260 MET A CG  1 
ATOM   320  S SD  . MET A 1 37 ? -3.000  -7.428  -1.194  1.00 26.12  ? 260 MET A SD  1 
ATOM   321  C CE  . MET A 1 37 ? -1.737  -6.157  -1.050  1.00 25.91  ? 260 MET A CE  1 
ATOM   322  N N   . LYS A 1 38 ? -6.970  -3.668  1.281   1.00 27.32  ? 261 LYS A N   1 
ATOM   323  C CA  . LYS A 1 38 ? -7.342  -2.247  1.372   1.00 33.34  ? 261 LYS A CA  1 
ATOM   324  C C   . LYS A 1 38 ? -6.247  -1.248  0.943   1.00 34.83  ? 261 LYS A C   1 
ATOM   325  O O   . LYS A 1 38 ? -5.862  -0.364  1.700   1.00 36.33  ? 261 LYS A O   1 
ATOM   326  C CB  . LYS A 1 38 ? -7.806  -1.962  2.820   1.00 36.54  ? 261 LYS A CB  1 
ATOM   327  C CG  . LYS A 1 38 ? -9.232  -2.381  3.134   1.00 61.39  ? 261 LYS A CG  1 
ATOM   328  C CD  . LYS A 1 38 ? -9.540  -2.366  4.619   1.00 66.21  ? 261 LYS A CD  1 
ATOM   329  C CE  . LYS A 1 38 ? -10.616 -3.369  4.982   1.00 93.73  ? 261 LYS A CE  1 
ATOM   330  N NZ  . LYS A 1 38 ? -11.150 -3.120  6.342   1.00 165.18 ? 261 LYS A NZ  1 
ATOM   331  N N   . VAL A 1 39 ? -5.734  -1.324  -0.306  1.00 27.73  ? 262 VAL A N   1 
ATOM   332  C CA  . VAL A 1 39 ? -4.707  -0.442  -0.816  1.00 23.24  ? 262 VAL A CA  1 
ATOM   333  C C   . VAL A 1 39 ? -5.341  0.417   -1.937  1.00 26.83  ? 262 VAL A C   1 
ATOM   334  O O   . VAL A 1 39 ? -5.931  -0.115  -2.872  1.00 25.40  ? 262 VAL A O   1 
ATOM   335  C CB  . VAL A 1 39 ? -3.541  -1.274  -1.407  1.00 26.67  ? 262 VAL A CB  1 
ATOM   336  C CG1 . VAL A 1 39 ? -2.572  -0.458  -2.240  1.00 25.74  ? 262 VAL A CG1 1 
ATOM   337  C CG2 . VAL A 1 39 ? -2.777  -1.990  -0.275  1.00 26.06  ? 262 VAL A CG2 1 
ATOM   338  N N   . GLU A 1 40 ? -5.205  1.751   -1.830  1.00 26.08  ? 263 GLU A N   1 
ATOM   339  C CA  . GLU A 1 40 ? -5.872  2.612   -2.806  1.00 27.82  ? 263 GLU A CA  1 
ATOM   340  C C   . GLU A 1 40 ? -5.248  2.459   -4.192  1.00 26.19  ? 263 GLU A C   1 
ATOM   341  O O   . GLU A 1 40 ? -4.046  2.606   -4.392  1.00 26.58  ? 263 GLU A O   1 
ATOM   342  C CB  . GLU A 1 40 ? -5.845  4.059   -2.263  1.00 32.90  ? 263 GLU A CB  1 
ATOM   343  C CG  . GLU A 1 40 ? -6.490  5.037   -3.271  1.00 32.63  ? 263 GLU A CG  1 
ATOM   344  C CD  . GLU A 1 40 ? -6.331  6.526   -2.971  1.00 42.60  ? 263 GLU A CD  1 
ATOM   345  O OE1 . GLU A 1 40 ? -5.919  6.885   -1.849  1.00 36.29  ? 263 GLU A OE1 1 
ATOM   346  O OE2 . GLU A 1 40 ? -6.650  7.326   -3.887  1.00 46.76  ? 263 GLU A OE2 1 
ATOM   347  N N   . GLY A 1 41 ? -6.145  2.193   -5.195  1.00 25.41  ? 264 GLY A N   1 
ATOM   348  C CA  . GLY A 1 41 ? -5.581  2.012   -6.517  1.00 27.35  ? 264 GLY A CA  1 
ATOM   349  C C   . GLY A 1 41 ? -5.373  0.546   -6.859  1.00 24.15  ? 264 GLY A C   1 
ATOM   350  O O   . GLY A 1 41 ? -5.216  0.253   -8.033  1.00 24.29  ? 264 GLY A O   1 
ATOM   351  N N   . LEU A 1 42 ? -5.258  -0.341  -5.844  1.00 23.04  ? 265 LEU A N   1 
ATOM   352  C CA  . LEU A 1 42 ? -5.035  -1.764  -6.213  1.00 20.39  ? 265 LEU A CA  1 
ATOM   353  C C   . LEU A 1 42 ? -6.348  -2.257  -6.784  1.00 21.88  ? 265 LEU A C   1 
ATOM   354  O O   . LEU A 1 42 ? -7.453  -2.023  -6.211  1.00 23.53  ? 265 LEU A O   1 
ATOM   355  C CB  . LEU A 1 42 ? -4.670  -2.532  -4.926  1.00 21.49  ? 265 LEU A CB  1 
ATOM   356  C CG  . LEU A 1 42 ? -4.249  -3.984  -5.168  1.00 20.70  ? 265 LEU A CG  1 
ATOM   357  C CD1 . LEU A 1 42 ? -2.899  -4.008  -5.903  1.00 22.10  ? 265 LEU A CD1 1 
ATOM   358  C CD2 . LEU A 1 42 ? -3.990  -4.625  -3.762  1.00 22.82  ? 265 LEU A CD2 1 
ATOM   359  N N   . THR A 1 43 ? -6.231  -3.025  -7.879  1.00 21.65  ? 266 THR A N   1 
ATOM   360  C CA  . THR A 1 43 ? -7.417  -3.565  -8.487  1.00 21.46  ? 266 THR A CA  1 
ATOM   361  C C   . THR A 1 43 ? -7.442  -5.085  -8.488  1.00 19.42  ? 266 THR A C   1 
ATOM   362  O O   . THR A 1 43 ? -6.460  -5.807  -8.245  1.00 21.41  ? 266 THR A O   1 
ATOM   363  C CB  . THR A 1 43 ? -7.552  -3.109  -9.959  1.00 22.11  ? 266 THR A CB  1 
ATOM   364  O OG1 . THR A 1 43 ? -6.665  -3.824  -10.803 1.00 21.00  ? 266 THR A OG1 1 
ATOM   365  C CG2 . THR A 1 43 ? -7.360  -1.634  -10.101 1.00 23.18  ? 266 THR A CG2 1 
ATOM   366  N N   . ILE A 1 44 ? -8.630  -5.589  -8.828  1.00 20.61  ? 267 ILE A N   1 
ATOM   367  C CA  . ILE A 1 44 ? -8.771  -7.029  -8.997  1.00 21.48  ? 267 ILE A CA  1 
ATOM   368  C C   . ILE A 1 44 ? -7.816  -7.593  -10.021 1.00 22.30  ? 267 ILE A C   1 
ATOM   369  O O   . ILE A 1 44 ? -7.397  -8.730  -9.932  1.00 22.64  ? 267 ILE A O   1 
ATOM   370  C CB  . ILE A 1 44 ? -10.266 -7.377  -9.311  1.00 27.34  ? 267 ILE A CB  1 
ATOM   371  C CG1 . ILE A 1 44 ? -10.462 -8.877  -9.222  1.00 33.59  ? 267 ILE A CG1 1 
ATOM   372  C CG2 . ILE A 1 44 ? -10.646 -6.895  -10.677 1.00 26.97  ? 267 ILE A CG2 1 
ATOM   373  C CD1 . ILE A 1 44 ? -10.719 -9.294  -7.830  1.00 43.74  ? 267 ILE A CD1 1 
ATOM   374  N N   . TYR A 1 45 ? -7.493  -6.803  -11.048 1.00 21.10  ? 268 TYR A N   1 
ATOM   375  C CA  . TYR A 1 45 ? -6.565  -7.307  -12.035 1.00 18.48  ? 268 TYR A CA  1 
ATOM   376  C C   . TYR A 1 45 ? -5.129  -7.411  -11.545 1.00 18.04  ? 268 TYR A C   1 
ATOM   377  O O   . TYR A 1 45 ? -4.417  -8.324  -11.962 1.00 20.73  ? 268 TYR A O   1 
ATOM   378  C CB  . TYR A 1 45 ? -6.690  -6.506  -13.326 1.00 21.85  ? 268 TYR A CB  1 
ATOM   379  C CG  . TYR A 1 45 ? -8.101  -6.375  -13.823 1.00 18.39  ? 268 TYR A CG  1 
ATOM   380  C CD1 . TYR A 1 45 ? -8.702  -7.476  -14.407 1.00 22.01  ? 268 TYR A CD1 1 
ATOM   381  C CD2 . TYR A 1 45 ? -8.758  -5.163  -13.756 1.00 19.39  ? 268 TYR A CD2 1 
ATOM   382  C CE1 . TYR A 1 45 ? -9.994  -7.377  -14.895 1.00 23.94  ? 268 TYR A CE1 1 
ATOM   383  C CE2 . TYR A 1 45 ? -10.045 -5.036  -14.271 1.00 21.62  ? 268 TYR A CE2 1 
ATOM   384  C CZ  . TYR A 1 45 ? -10.655 -6.169  -14.814 1.00 25.63  ? 268 TYR A CZ  1 
ATOM   385  O OH  . TYR A 1 45 ? -11.949 -6.137  -15.294 1.00 25.95  ? 268 TYR A OH  1 
ATOM   386  N N   . HIS A 1 46 ? -4.671  -6.425  -10.746 1.00 18.81  ? 269 HIS A N   1 
ATOM   387  C CA  . HIS A 1 46 ? -3.320  -6.557  -10.185 1.00 20.00  ? 269 HIS A CA  1 
ATOM   388  C C   . HIS A 1 46 ? -3.287  -7.818  -9.327  1.00 21.07  ? 269 HIS A C   1 
ATOM   389  O O   . HIS A 1 46 ? -2.341  -8.602  -9.350  1.00 18.89  ? 269 HIS A O   1 
ATOM   390  C CB  . HIS A 1 46 ? -3.044  -5.346  -9.289  1.00 18.59  ? 269 HIS A CB  1 
ATOM   391  C CG  . HIS A 1 46 ? -3.126  -4.044  -10.015 1.00 20.74  ? 269 HIS A CG  1 
ATOM   392  N ND1 . HIS A 1 46 ? -3.810  -2.935  -9.508  1.00 23.16  ? 269 HIS A ND1 1 
ATOM   393  C CD2 . HIS A 1 46 ? -2.580  -3.678  -11.206 1.00 25.28  ? 269 HIS A CD2 1 
ATOM   394  C CE1 . HIS A 1 46 ? -3.675  -1.919  -10.403 1.00 23.80  ? 269 HIS A CE1 1 
ATOM   395  N NE2 . HIS A 1 46 ? -2.952  -2.361  -11.423 1.00 23.90  ? 269 HIS A NE2 1 
ATOM   396  N N   . VAL A 1 47 ? -4.322  -7.971  -8.457  1.00 19.88  ? 270 VAL A N   1 
ATOM   397  C CA  . VAL A 1 47 ? -4.240  -9.094  -7.531  1.00 19.86  ? 270 VAL A CA  1 
ATOM   398  C C   . VAL A 1 47 ? -4.379  -10.413 -8.303  1.00 20.09  ? 270 VAL A C   1 
ATOM   399  O O   . VAL A 1 47 ? -3.692  -11.416 -7.982  1.00 22.75  ? 270 VAL A O   1 
ATOM   400  C CB  . VAL A 1 47 ? -5.384  -8.940  -6.476  1.00 18.47  ? 270 VAL A CB  1 
ATOM   401  C CG1 . VAL A 1 47 ? -5.435  -10.227 -5.632  1.00 23.35  ? 270 VAL A CG1 1 
ATOM   402  C CG2 . VAL A 1 47 ? -5.117  -7.720  -5.593  1.00 21.81  ? 270 VAL A CG2 1 
ATOM   403  N N   . LYS A 1 48 ? -5.277  -10.517 -9.332  1.00 19.15  ? 271 LYS A N   1 
ATOM   404  C CA  . LYS A 1 48 ? -5.364  -11.777 -10.084 1.00 20.24  ? 271 LYS A CA  1 
ATOM   405  C C   . LYS A 1 48 ? -4.038  -12.146 -10.717 1.00 22.25  ? 271 LYS A C   1 
ATOM   406  O O   . LYS A 1 48 ? -3.661  -13.337 -10.700 1.00 23.06  ? 271 LYS A O   1 
ATOM   407  C CB  . LYS A 1 48 ? -6.506  -11.674 -11.130 1.00 21.27  ? 271 LYS A CB  1 
ATOM   408  C CG  . LYS A 1 48 ? -6.520  -12.851 -12.112 1.00 28.15  ? 271 LYS A CG  1 
ATOM   409  C CD  . LYS A 1 48 ? -6.964  -14.128 -11.497 1.00 35.42  ? 271 LYS A CD  1 
ATOM   410  C CE  . LYS A 1 48 ? -6.893  -15.226 -12.548 1.00 45.00  ? 271 LYS A CE  1 
ATOM   411  N NZ  . LYS A 1 48 ? -7.622  -16.411 -12.054 1.00 53.25  ? 271 LYS A NZ  1 
ATOM   412  N N   . SER A 1 49 ? -3.383  -11.157 -11.319 1.00 22.13  ? 272 SER A N   1 
ATOM   413  C CA  . SER A 1 49 ? -2.095  -11.403 -11.951 1.00 23.93  ? 272 SER A CA  1 
ATOM   414  C C   . SER A 1 49 ? -1.078  -11.979 -10.953 1.00 23.97  ? 272 SER A C   1 
ATOM   415  O O   . SER A 1 49 ? -0.424  -12.988 -11.250 1.00 23.97  ? 272 SER A O   1 
ATOM   416  C CB  . SER A 1 49 ? -1.552  -10.086 -12.573 1.00 26.23  ? 272 SER A CB  1 
ATOM   417  O OG  . SER A 1 49 ? -0.314  -10.383 -13.264 1.00 30.79  ? 272 SER A OG  1 
ATOM   418  N N   . HIS A 1 50 ? -0.986  -11.335 -9.782  1.00 20.78  ? 273 HIS A N   1 
ATOM   419  C CA  . HIS A 1 50 ? -0.020  -11.784 -8.805  1.00 21.58  ? 273 HIS A CA  1 
ATOM   420  C C   . HIS A 1 50 ? -0.429  -13.153 -8.250  1.00 20.67  ? 273 HIS A C   1 
ATOM   421  O O   . HIS A 1 50 ? 0.431   -13.990 -7.976  1.00 22.46  ? 273 HIS A O   1 
ATOM   422  C CB  . HIS A 1 50 ? 0.066   -10.715 -7.727  1.00 20.33  ? 273 HIS A CB  1 
ATOM   423  C CG  . HIS A 1 50 ? 1.347   -10.694 -6.966  1.00 19.43  ? 273 HIS A CG  1 
ATOM   424  N ND1 . HIS A 1 50 ? 2.582   -10.476 -7.604  1.00 20.88  ? 273 HIS A ND1 1 
ATOM   425  C CD2 . HIS A 1 50 ? 1.563   -10.879 -5.644  1.00 22.11  ? 273 HIS A CD2 1 
ATOM   426  C CE1 . HIS A 1 50 ? 3.520   -10.594 -6.689  1.00 23.05  ? 273 HIS A CE1 1 
ATOM   427  N NE2 . HIS A 1 50 ? 2.923   -10.778 -5.434  1.00 21.49  ? 273 HIS A NE2 1 
ATOM   428  N N   . LEU A 1 51 ? -1.740  -13.319 -7.984  1.00 20.29  ? 274 LEU A N   1 
ATOM   429  C CA  . LEU A 1 51 ? -2.190  -14.590 -7.389  1.00 22.02  ? 274 LEU A CA  1 
ATOM   430  C C   . LEU A 1 51 ? -2.034  -15.744 -8.382  1.00 23.37  ? 274 LEU A C   1 
ATOM   431  O O   . LEU A 1 51 ? -1.678  -16.874 -7.956  1.00 24.65  ? 274 LEU A O   1 
ATOM   432  C CB  . LEU A 1 51 ? -3.665  -14.410 -6.985  1.00 22.53  ? 274 LEU A CB  1 
ATOM   433  C CG  . LEU A 1 51 ? -4.299  -15.627 -6.282  1.00 26.36  ? 274 LEU A CG  1 
ATOM   434  C CD1 . LEU A 1 51 ? -3.542  -16.023 -5.008  1.00 25.76  ? 274 LEU A CD1 1 
ATOM   435  C CD2 . LEU A 1 51 ? -5.749  -15.314 -5.930  1.00 28.14  ? 274 LEU A CD2 1 
ATOM   436  N N   . GLN A 1 52 ? -2.156  -15.505 -9.697  1.00 23.35  ? 275 GLN A N   1 
ATOM   437  C CA  A GLN A 1 52 ? -1.970  -16.603 -10.649 0.60 27.62  ? 275 GLN A CA  1 
ATOM   438  C CA  B GLN A 1 52 ? -1.985  -16.633 -10.604 0.40 27.54  ? 275 GLN A CA  1 
ATOM   439  C C   . GLN A 1 52 ? -0.524  -17.089 -10.599 1.00 27.69  ? 275 GLN A C   1 
ATOM   440  O O   . GLN A 1 52 ? -0.277  -18.320 -10.632 1.00 26.66  ? 275 GLN A O   1 
ATOM   441  C CB  A GLN A 1 52 ? -2.401  -16.273 -12.080 0.60 29.11  ? 275 GLN A CB  1 
ATOM   442  C CB  B GLN A 1 52 ? -2.617  -16.367 -11.968 0.40 34.24  ? 275 GLN A CB  1 
ATOM   443  C CG  A GLN A 1 52 ? -2.951  -17.539 -12.787 0.60 40.64  ? 275 GLN A CG  1 
ATOM   444  C CG  B GLN A 1 52 ? -1.888  -15.356 -12.799 0.40 26.95  ? 275 GLN A CG  1 
ATOM   445  C CD  A GLN A 1 52 ? -3.789  -18.532 -11.986 0.60 41.97  ? 275 GLN A CD  1 
ATOM   446  C CD  B GLN A 1 52 ? -2.499  -15.233 -14.176 0.40 50.02  ? 275 GLN A CD  1 
ATOM   447  O OE1 A GLN A 1 52 ? -4.869  -18.231 -11.472 0.60 33.79  ? 275 GLN A OE1 1 
ATOM   448  O OE1 B GLN A 1 52 ? -3.676  -14.913 -14.329 0.40 53.24  ? 275 GLN A OE1 1 
ATOM   449  N NE2 A GLN A 1 52 ? -3.305  -19.765 -11.884 0.60 44.77  ? 275 GLN A NE2 1 
ATOM   450  N NE2 B GLN A 1 52 ? -1.685  -15.470 -15.192 0.40 44.30  ? 275 GLN A NE2 1 
ATOM   451  N N   . LYS A 1 53 ? 0.411   -16.116 -10.541 1.00 24.77  ? 276 LYS A N   1 
ATOM   452  C CA  . LYS A 1 53 ? 1.801   -16.502 -10.397 1.00 25.79  ? 276 LYS A CA  1 
ATOM   453  C C   . LYS A 1 53 ? 2.017   -17.247 -9.074  1.00 24.95  ? 276 LYS A C   1 
ATOM   454  O O   . LYS A 1 53 ? 2.754   -18.268 -9.036  1.00 26.52  ? 276 LYS A O   1 
ATOM   455  C CB  . LYS A 1 53 ? 2.736   -15.295 -10.478 1.00 25.94  ? 276 LYS A CB  1 
ATOM   456  C CG  . LYS A 1 53 ? 2.717   -14.564 -11.801 1.00 31.50  ? 276 LYS A CG  1 
ATOM   457  C CD  . LYS A 1 53 ? 3.625   -13.329 -11.671 1.00 44.58  ? 276 LYS A CD  1 
ATOM   458  C CE  . LYS A 1 53 ? 3.560   -12.355 -12.819 1.00 54.13  ? 276 LYS A CE  1 
ATOM   459  N NZ  . LYS A 1 53 ? 4.823   -11.573 -12.860 1.00 61.13  ? 276 LYS A NZ  1 
ATOM   460  N N   . TYR A 1 54 ? 1.430   -16.711 -7.979  1.00 21.31  ? 277 TYR A N   1 
ATOM   461  C CA  . TYR A 1 54 ? 1.725   -17.283 -6.672  1.00 22.48  ? 277 TYR A CA  1 
ATOM   462  C C   . TYR A 1 54 ? 1.141   -18.716 -6.564  1.00 23.35  ? 277 TYR A C   1 
ATOM   463  O O   . TYR A 1 54 ? 1.680   -19.570 -5.865  1.00 24.22  ? 277 TYR A O   1 
ATOM   464  C CB  . TYR A 1 54 ? 1.151   -16.368 -5.584  1.00 24.81  ? 277 TYR A CB  1 
ATOM   465  C CG  . TYR A 1 54 ? 1.601   -16.728 -4.185  1.00 20.92  ? 277 TYR A CG  1 
ATOM   466  C CD1 . TYR A 1 54 ? 2.967   -16.758 -3.865  1.00 21.52  ? 277 TYR A CD1 1 
ATOM   467  C CD2 . TYR A 1 54 ? 0.680   -16.967 -3.173  1.00 24.05  ? 277 TYR A CD2 1 
ATOM   468  C CE1 . TYR A 1 54 ? 3.411   -16.997 -2.571  1.00 23.95  ? 277 TYR A CE1 1 
ATOM   469  C CE2 . TYR A 1 54 ? 1.119   -17.174 -1.886  1.00 24.07  ? 277 TYR A CE2 1 
ATOM   470  C CZ  . TYR A 1 54 ? 2.466   -17.271 -1.589  1.00 23.88  ? 277 TYR A CZ  1 
ATOM   471  O OH  . TYR A 1 54 ? 2.836   -17.504 -0.278  1.00 25.37  ? 277 TYR A OH  1 
ATOM   472  N N   . ARG A 1 55 ? 0.017   -18.998 -7.273  1.00 24.87  ? 278 ARG A N   1 
ATOM   473  C CA  . ARG A 1 55 ? -0.547  -20.336 -7.257  1.00 24.38  ? 278 ARG A CA  1 
ATOM   474  C C   . ARG A 1 55 ? 0.446   -21.365 -7.794  1.00 30.25  ? 278 ARG A C   1 
ATOM   475  O O   . ARG A 1 55 ? 0.384   -22.491 -7.372  1.00 30.60  ? 278 ARG A O   1 
ATOM   476  C CB  . ARG A 1 55 ? -1.855  -20.313 -8.066  1.00 25.79  ? 278 ARG A CB  1 
ATOM   477  C CG  . ARG A 1 55 ? -3.036  -19.847 -7.214  1.00 27.17  ? 278 ARG A CG  1 
ATOM   478  C CD  . ARG A 1 55 ? -4.206  -19.495 -8.105  1.00 28.31  ? 278 ARG A CD  1 
ATOM   479  N NE  . ARG A 1 55 ? -5.321  -19.086 -7.244  1.00 27.19  ? 278 ARG A NE  1 
ATOM   480  C CZ  . ARG A 1 55 ? -6.481  -18.618 -7.733  1.00 29.59  ? 278 ARG A CZ  1 
ATOM   481  N NH1 . ARG A 1 55 ? -6.671  -18.491 -9.037  1.00 31.82  ? 278 ARG A NH1 1 
ATOM   482  N NH2 . ARG A 1 55 ? -7.470  -18.322 -6.910  1.00 29.70  ? 278 ARG A NH2 1 
ATOM   483  N N   . THR A 1 56 ? 1.279   -20.987 -8.771  1.00 25.46  ? 279 THR A N   1 
ATOM   484  C CA  A THR A 1 56 ? 2.239   -21.895 -9.389  0.50 31.75  ? 279 THR A CA  1 
ATOM   485  C CA  B THR A 1 56 ? 2.254   -21.858 -9.419  0.50 30.91  ? 279 THR A CA  1 
ATOM   486  C C   . THR A 1 56 ? 3.546   -21.950 -8.590  1.00 30.99  ? 279 THR A C   1 
ATOM   487  O O   . THR A 1 56 ? 4.367   -22.852 -8.799  1.00 34.16  ? 279 THR A O   1 
ATOM   488  C CB  A THR A 1 56 ? 2.389   -21.495 -10.868 0.50 37.56  ? 279 THR A CB  1 
ATOM   489  C CB  B THR A 1 56 ? 2.527   -21.338 -10.849 0.50 26.69  ? 279 THR A CB  1 
ATOM   490  O OG1 A THR A 1 56 ? 1.247   -22.097 -11.492 0.50 38.90  ? 279 THR A OG1 1 
ATOM   491  O OG1 B THR A 1 56 ? 3.481   -20.295 -10.834 0.50 35.32  ? 279 THR A OG1 1 
ATOM   492  C CG2 A THR A 1 56 ? 3.669   -21.962 -11.532 0.50 51.87  ? 279 THR A CG2 1 
ATOM   493  C CG2 B THR A 1 56 ? 1.315   -20.800 -11.579 0.50 39.74  ? 279 THR A CG2 1 
ATOM   494  N N   . ALA A 1 57 ? 3.732   -21.050 -7.624  1.00 26.65  ? 280 ALA A N   1 
ATOM   495  C CA  . ALA A 1 57 ? 4.956   -20.991 -6.801  1.00 27.00  ? 280 ALA A CA  1 
ATOM   496  C C   . ALA A 1 57 ? 5.144   -22.243 -5.936  1.00 28.60  ? 280 ALA A C   1 
ATOM   497  O O   . ALA A 1 57 ? 4.291   -22.702 -5.169  1.00 29.42  ? 280 ALA A O   1 
ATOM   498  C CB  . ALA A 1 57 ? 5.007   -19.718 -5.962  1.00 27.20  ? 280 ALA A CB  1 
ATOM   499  N N   . ARG A 1 58 ? 6.411   -22.713 -5.916  1.00 28.52  ? 281 ARG A N   1 
ATOM   500  C CA  . ARG A 1 58 ? 6.793   -23.830 -5.086  1.00 30.70  ? 281 ARG A CA  1 
ATOM   501  C C   . ARG A 1 58 ? 6.725   -23.493 -3.588  1.00 32.55  ? 281 ARG A C   1 
ATOM   502  O O   . ARG A 1 58 ? 6.418   -24.355 -2.757  1.00 32.64  ? 281 ARG A O   1 
ATOM   503  C CB  . ARG A 1 58 ? 8.217   -24.163 -5.583  1.00 37.58  ? 281 ARG A CB  1 
ATOM   504  C CG  . ARG A 1 58 ? 9.051   -24.962 -4.606  1.00 37.39  ? 281 ARG A CG  1 
ATOM   505  C CD  . ARG A 1 58 ? 10.309  -25.620 -5.207  1.00 40.91  ? 281 ARG A CD  1 
ATOM   506  N NE  . ARG A 1 58 ? 10.083  -26.242 -6.475  1.00 53.66  ? 281 ARG A NE  1 
ATOM   507  C CZ  . ARG A 1 58 ? 9.772   -27.526 -6.659  1.00 43.10  ? 281 ARG A CZ  1 
ATOM   508  N NH1 . ARG A 1 58 ? 9.766   -28.401 -5.651  1.00 44.31  ? 281 ARG A NH1 1 
ATOM   509  N NH2 . ARG A 1 58 ? 9.595   -27.925 -7.898  1.00 50.61  ? 281 ARG A NH2 1 
ATOM   510  N N   . TYR A 1 59 ? 7.113   -22.255 -3.176  1.00 26.22  ? 282 TYR A N   1 
ATOM   511  C CA  . TYR A 1 59 ? 7.294   -21.955 -1.781  1.00 23.86  ? 282 TYR A CA  1 
ATOM   512  C C   . TYR A 1 59 ? 6.365   -20.826 -1.344  1.00 24.75  ? 282 TYR A C   1 
ATOM   513  O O   . TYR A 1 59 ? 5.992   -19.934 -2.143  1.00 27.92  ? 282 TYR A O   1 
ATOM   514  C CB  . TYR A 1 59 ? 8.727   -21.415 -1.531  1.00 26.56  ? 282 TYR A CB  1 
ATOM   515  C CG  . TYR A 1 59 ? 9.787   -22.488 -1.703  1.00 26.58  ? 282 TYR A CG  1 
ATOM   516  C CD1 . TYR A 1 59 ? 9.802   -23.601 -0.882  1.00 29.48  ? 282 TYR A CD1 1 
ATOM   517  C CD2 . TYR A 1 59 ? 10.694  -22.402 -2.735  1.00 25.64  ? 282 TYR A CD2 1 
ATOM   518  C CE1 . TYR A 1 59 ? 10.730  -24.626 -1.065  1.00 30.00  ? 282 TYR A CE1 1 
ATOM   519  C CE2 . TYR A 1 59 ? 11.675  -23.388 -2.901  1.00 28.48  ? 282 TYR A CE2 1 
ATOM   520  C CZ  . TYR A 1 59 ? 11.672  -24.496 -2.080  1.00 29.10  ? 282 TYR A CZ  1 
ATOM   521  O OH  . TYR A 1 59 ? 12.559  -25.506 -2.344  1.00 30.86  ? 282 TYR A OH  1 
ATOM   522  N N   . ARG A 1 60 ? 6.076   -20.826 -0.033  1.00 30.40  ? 283 ARG A N   1 
ATOM   523  C CA  . ARG A 1 60 ? 5.250   -19.593 0.538   1.00 30.03  ? 283 ARG A CA  1 
ATOM   524  C C   . ARG A 1 60 ? 6.004   -18.163 0.201   1.00 28.59  ? 283 ARG A C   1 
ATOM   525  O O   . ARG A 1 60 ? 5.355   -17.127 0.169   1.00 27.59  ? 283 ARG A O   1 
ATOM   526  C CB  . ARG A 1 60 ? 5.093   -19.832 2.050   1.00 37.89  ? 283 ARG A CB  1 
ATOM   527  C CG  . ARG A 1 60 ? 4.324   -21.133 2.307   1.00 57.02  ? 283 ARG A CG  1 
ATOM   528  C CD  . ARG A 1 60 ? 3.514   -21.391 3.581   1.00 58.36  ? 283 ARG A CD  1 
ATOM   529  N NE  . ARG A 1 60 ? 2.079   -21.094 3.469   1.00 98.05  ? 283 ARG A NE  1 
ATOM   530  C CZ  . ARG A 1 60 ? 1.106   -21.902 3.006   1.00 118.40 ? 283 ARG A CZ  1 
ATOM   531  N NH1 . ARG A 1 60 ? -0.153  -21.481 2.986   1.00 102.82 ? 283 ARG A NH1 1 
ATOM   532  N NH2 . ARG A 1 60 ? 1.380   -23.120 2.564   1.00 75.42  ? 283 ARG A NH2 1 
ATOM   533  O OXT . ARG A 1 60 ? 7.327   -18.300 0.347   1.00 27.43  ? 283 ARG A OXT 1 
ATOM   534  N N   . GLY B 1 1  ? -3.604  27.582  16.483  1.00 107.17 ? 224 GLY B N   1 
ATOM   535  C CA  . GLY B 1 1  ? -3.000  26.580  17.408  1.00 111.59 ? 224 GLY B CA  1 
ATOM   536  C C   . GLY B 1 1  ? -1.984  25.678  16.705  1.00 120.23 ? 224 GLY B C   1 
ATOM   537  O O   . GLY B 1 1  ? -0.875  25.481  17.216  1.00 73.64  ? 224 GLY B O   1 
ATOM   538  N N   . LYS B 1 2  ? -2.386  25.130  15.545  1.00 103.86 ? 225 LYS B N   1 
ATOM   539  C CA  . LYS B 1 2  ? -1.600  24.148  14.808  1.00 83.01  ? 225 LYS B CA  1 
ATOM   540  C C   . LYS B 1 2  ? -1.298  24.642  13.396  1.00 72.40  ? 225 LYS B C   1 
ATOM   541  O O   . LYS B 1 2  ? -2.198  25.094  12.686  1.00 73.72  ? 225 LYS B O   1 
ATOM   542  C CB  . LYS B 1 2  ? -2.360  22.820  14.677  1.00 89.65  ? 225 LYS B CB  1 
ATOM   543  C CG  . LYS B 1 2  ? -2.321  21.914  15.898  1.00 98.76  ? 225 LYS B CG  1 
ATOM   544  C CD  . LYS B 1 2  ? -3.584  21.111  16.107  1.00 115.07 ? 225 LYS B CD  1 
ATOM   545  C CE  . LYS B 1 2  ? -3.809  20.826  17.574  1.00 108.16 ? 225 LYS B CE  1 
ATOM   546  N NZ  . LYS B 1 2  ? -4.752  19.702  17.777  1.00 115.37 ? 225 LYS B NZ  1 
ATOM   547  N N   . ALA B 1 3  ? -0.030  24.504  12.977  1.00 54.30  ? 226 ALA B N   1 
ATOM   548  C CA  . ALA B 1 3  ? 0.340   24.764  11.594  1.00 50.12  ? 226 ALA B CA  1 
ATOM   549  C C   . ALA B 1 3  ? 0.048   23.503  10.785  1.00 74.55  ? 226 ALA B C   1 
ATOM   550  O O   . ALA B 1 3  ? 0.349   22.400  11.235  1.00 58.57  ? 226 ALA B O   1 
ATOM   551  C CB  . ALA B 1 3  ? 1.802   25.136  11.476  1.00 50.56  ? 226 ALA B CB  1 
ATOM   552  N N   . ARG B 1 4  ? -0.556  23.664  9.604   1.00 69.50  ? 227 ARG B N   1 
ATOM   553  C CA  . ARG B 1 4  ? -0.892  22.519  8.764   1.00 61.57  ? 227 ARG B CA  1 
ATOM   554  C C   . ARG B 1 4  ? -0.135  22.662  7.450   1.00 52.88  ? 227 ARG B C   1 
ATOM   555  O O   . ARG B 1 4  ? 0.146   23.756  6.967   1.00 64.64  ? 227 ARG B O   1 
ATOM   556  C CB  . ARG B 1 4  ? -2.393  22.416  8.459   1.00 60.66  ? 227 ARG B CB  1 
ATOM   557  C CG  . ARG B 1 4  ? -3.334  22.513  9.649   1.00 56.35  ? 227 ARG B CG  1 
ATOM   558  C CD  . ARG B 1 4  ? -3.821  21.178  10.184  1.00 89.09  ? 227 ARG B CD  1 
ATOM   559  N NE  . ARG B 1 4  ? -5.267  21.160  10.383  1.00 120.85 ? 227 ARG B NE  1 
ATOM   560  C CZ  . ARG B 1 4  ? -6.155  20.669  9.516   1.00 119.25 ? 227 ARG B CZ  1 
ATOM   561  N NH1 . ARG B 1 4  ? -7.447  20.694  9.802   1.00 107.63 ? 227 ARG B NH1 1 
ATOM   562  N NH2 . ARG B 1 4  ? -5.754  20.144  8.369   1.00 105.88 ? 227 ARG B NH2 1 
ATOM   563  N N   . MET B 1 5  ? 0.167   21.525  6.834   1.00 43.71  ? 228 MET B N   1 
ATOM   564  C CA  A MET B 1 5  ? 0.890   21.517  5.576   0.50 39.23  ? 228 MET B CA  1 
ATOM   565  C CA  B MET B 1 5  ? 0.882   21.520  5.579   0.50 41.03  ? 228 MET B CA  1 
ATOM   566  C C   . MET B 1 5  ? -0.110  21.698  4.424   1.00 35.19  ? 228 MET B C   1 
ATOM   567  O O   . MET B 1 5  ? -1.292  21.365  4.553   1.00 54.39  ? 228 MET B O   1 
ATOM   568  C CB  A MET B 1 5  ? 1.611   20.171  5.416   0.50 49.39  ? 228 MET B CB  1 
ATOM   569  C CB  B MET B 1 5  ? 1.545   20.151  5.461   0.50 54.48  ? 228 MET B CB  1 
ATOM   570  C CG  A MET B 1 5  ? 2.937   20.270  4.694   0.50 40.16  ? 228 MET B CG  1 
ATOM   571  C CG  B MET B 1 5  ? 2.223   19.927  4.160   0.50 49.56  ? 228 MET B CG  1 
ATOM   572  S SD  A MET B 1 5  ? 4.179   21.108  5.701   0.50 57.40  ? 228 MET B SD  1 
ATOM   573  S SD  B MET B 1 5  ? 3.447   18.690  4.546   0.50 56.10  ? 228 MET B SD  1 
ATOM   574  C CE  A MET B 1 5  ? 5.154   21.848  4.410   0.50 35.22  ? 228 MET B CE  1 
ATOM   575  C CE  B MET B 1 5  ? 4.592   19.687  5.501   0.50 91.93  ? 228 MET B CE  1 
ATOM   576  N N   . ARG B 1 6  ? 0.392   22.208  3.302   1.00 37.94  ? 229 ARG B N   1 
ATOM   577  C CA  . ARG B 1 6  ? -0.399  22.324  2.102   1.00 49.30  ? 229 ARG B CA  1 
ATOM   578  C C   . ARG B 1 6  ? -0.199  21.025  1.317   1.00 45.38  ? 229 ARG B C   1 
ATOM   579  O O   . ARG B 1 6  ? 0.821   20.833  0.663   1.00 48.79  ? 229 ARG B O   1 
ATOM   580  C CB  . ARG B 1 6  ? -0.004  23.581  1.328   1.00 60.10  ? 229 ARG B CB  1 
ATOM   581  C CG  . ARG B 1 6  ? -1.121  24.093  0.432   1.00 62.19  ? 229 ARG B CG  1 
ATOM   582  C CD  . ARG B 1 6  ? -1.134  25.607  0.431   1.00 84.09  ? 229 ARG B CD  1 
ATOM   583  N NE  . ARG B 1 6  ? -0.307  26.151  -0.636  1.00 89.85  ? 229 ARG B NE  1 
ATOM   584  C CZ  . ARG B 1 6  ? -0.785  26.751  -1.722  1.00 118.22 ? 229 ARG B CZ  1 
ATOM   585  N NH1 . ARG B 1 6  ? 0.038   27.219  -2.646  1.00 142.26 ? 229 ARG B NH1 1 
ATOM   586  N NH2 . ARG B 1 6  ? -2.088  26.891  -1.877  1.00 142.99 ? 229 ARG B NH2 1 
ATOM   587  N N   . TRP B 1 7  ? -1.197  20.147  1.435   1.00 48.25  ? 230 TRP B N   1 
ATOM   588  C CA  . TRP B 1 7  ? -1.192  18.878  0.717   1.00 47.66  ? 230 TRP B CA  1 
ATOM   589  C C   . TRP B 1 7  ? -1.755  19.089  -0.685  1.00 40.04  ? 230 TRP B C   1 
ATOM   590  O O   . TRP B 1 7  ? -2.949  18.896  -0.928  1.00 48.69  ? 230 TRP B O   1 
ATOM   591  C CB  . TRP B 1 7  ? -1.956  17.835  1.534   1.00 41.62  ? 230 TRP B CB  1 
ATOM   592  C CG  . TRP B 1 7  ? -1.140  17.382  2.709   1.00 42.70  ? 230 TRP B CG  1 
ATOM   593  C CD1 . TRP B 1 7  ? -1.222  17.830  4.001   1.00 50.20  ? 230 TRP B CD1 1 
ATOM   594  C CD2 . TRP B 1 7  ? -0.045  16.444  2.692   1.00 42.65  ? 230 TRP B CD2 1 
ATOM   595  N NE1 . TRP B 1 7  ? -0.271  17.228  4.786   1.00 45.22  ? 230 TRP B NE1 1 
ATOM   596  C CE2 . TRP B 1 7  ? 0.480   16.382  4.006   1.00 45.87  ? 230 TRP B CE2 1 
ATOM   597  C CE3 . TRP B 1 7  ? 0.519   15.623  1.710   1.00 44.52  ? 230 TRP B CE3 1 
ATOM   598  C CZ2 . TRP B 1 7  ? 1.537   15.535  4.353   1.00 46.03  ? 230 TRP B CZ2 1 
ATOM   599  C CZ3 . TRP B 1 7  ? 1.575   14.801  2.047   1.00 47.00  ? 230 TRP B CZ3 1 
ATOM   600  C CH2 . TRP B 1 7  ? 2.070   14.744  3.349   1.00 41.58  ? 230 TRP B CH2 1 
ATOM   601  N N   . THR B 1 8  ? -0.883  19.483  -1.603  1.00 37.80  ? 231 THR B N   1 
ATOM   602  C CA  . THR B 1 8  ? -1.279  19.661  -2.983  1.00 43.43  ? 231 THR B CA  1 
ATOM   603  C C   . THR B 1 8  ? -1.593  18.297  -3.583  1.00 62.60  ? 231 THR B C   1 
ATOM   604  O O   . THR B 1 8  ? -1.153  17.273  -3.075  1.00 46.68  ? 231 THR B O   1 
ATOM   605  C CB  . THR B 1 8  ? -0.163  20.307  -3.801  1.00 45.17  ? 231 THR B CB  1 
ATOM   606  O OG1 . THR B 1 8  ? 0.994   19.462  -3.768  1.00 49.37  ? 231 THR B OG1 1 
ATOM   607  C CG2 . THR B 1 8  ? 0.198   21.669  -3.239  1.00 51.42  ? 231 THR B CG2 1 
ATOM   608  N N   . PRO B 1 9  ? -2.289  18.227  -4.731  1.00 48.34  ? 232 PRO B N   1 
ATOM   609  C CA  . PRO B 1 9  ? -2.391  16.960  -5.460  1.00 50.90  ? 232 PRO B CA  1 
ATOM   610  C C   . PRO B 1 9  ? -1.067  16.223  -5.660  1.00 51.16  ? 232 PRO B C   1 
ATOM   611  O O   . PRO B 1 9  ? -1.004  15.022  -5.427  1.00 48.27  ? 232 PRO B O   1 
ATOM   612  C CB  . PRO B 1 9  ? -2.993  17.410  -6.803  1.00 47.06  ? 232 PRO B CB  1 
ATOM   613  C CG  . PRO B 1 9  ? -3.880  18.546  -6.367  1.00 48.18  ? 232 PRO B CG  1 
ATOM   614  C CD  . PRO B 1 9  ? -3.007  19.325  -5.396  1.00 45.18  ? 232 PRO B CD  1 
ATOM   615  N N   . GLU B 1 10 ? 0.000   16.926  -6.066  1.00 47.97  ? 233 GLU B N   1 
ATOM   616  C CA  A GLU B 1 10 ? 1.287   16.286  -6.322  0.50 50.84  ? 233 GLU B CA  1 
ATOM   617  C CA  B GLU B 1 10 ? 1.290   16.301  -6.318  0.50 50.56  ? 233 GLU B CA  1 
ATOM   618  C C   . GLU B 1 10 ? 1.852   15.692  -5.026  1.00 53.74  ? 233 GLU B C   1 
ATOM   619  O O   . GLU B 1 10 ? 2.401   14.588  -5.032  1.00 45.24  ? 233 GLU B O   1 
ATOM   620  C CB  A GLU B 1 10 ? 2.276   17.277  -6.947  0.50 51.74  ? 233 GLU B CB  1 
ATOM   621  C CB  B GLU B 1 10 ? 2.251   17.301  -6.972  0.50 50.99  ? 233 GLU B CB  1 
ATOM   622  C CG  A GLU B 1 10 ? 3.654   16.700  -7.250  0.50 51.70  ? 233 GLU B CG  1 
ATOM   623  C CG  B GLU B 1 10 ? 1.694   17.967  -8.225  0.50 59.09  ? 233 GLU B CG  1 
ATOM   624  C CD  A GLU B 1 10 ? 4.821   17.682  -7.238  0.50 73.27  ? 233 GLU B CD  1 
ATOM   625  C CD  B GLU B 1 10 ? 0.994   19.308  -8.033  0.50 42.87  ? 233 GLU B CD  1 
ATOM   626  O OE1 A GLU B 1 10 ? 4.624   18.839  -7.655  0.50 85.26  ? 233 GLU B OE1 1 
ATOM   627  O OE1 B GLU B 1 10 ? -0.056  19.353  -7.378  0.50 42.43  ? 233 GLU B OE1 1 
ATOM   628  O OE2 A GLU B 1 10 ? 5.934   17.289  -6.813  0.50 67.61  ? 233 GLU B OE2 1 
ATOM   629  O OE2 B GLU B 1 10 ? 1.507   20.306  -8.557  0.50 72.62  ? 233 GLU B OE2 1 
ATOM   630  N N   . LEU B 1 11 ? 1.736   16.426  -3.914  1.00 48.60  ? 234 LEU B N   1 
ATOM   631  C CA  . LEU B 1 11 ? 2.315   15.953  -2.672  1.00 47.53  ? 234 LEU B CA  1 
ATOM   632  C C   . LEU B 1 11 ? 1.500   14.777  -2.120  1.00 41.97  ? 234 LEU B C   1 
ATOM   633  O O   . LEU B 1 11 ? 2.082   13.802  -1.608  1.00 39.26  ? 234 LEU B O   1 
ATOM   634  C CB  . LEU B 1 11 ? 2.419   17.119  -1.673  1.00 44.91  ? 234 LEU B CB  1 
ATOM   635  C CG  . LEU B 1 11 ? 3.303   16.826  -0.462  1.00 46.73  ? 234 LEU B CG  1 
ATOM   636  C CD1 . LEU B 1 11 ? 4.770   16.751  -0.872  1.00 46.86  ? 234 LEU B CD1 1 
ATOM   637  C CD2 . LEU B 1 11 ? 3.070   17.857  0.645   1.00 57.64  ? 234 LEU B CD2 1 
ATOM   638  N N   . HIS B 1 12 ? 0.167   14.877  -2.207  1.00 37.44  ? 235 HIS B N   1 
ATOM   639  C CA  . HIS B 1 12 ? -0.675  13.811  -1.686  1.00 38.26  ? 235 HIS B CA  1 
ATOM   640  C C   . HIS B 1 12 ? -0.444  12.541  -2.506  1.00 39.15  ? 235 HIS B C   1 
ATOM   641  O O   . HIS B 1 12 ? -0.393  11.437  -1.933  1.00 37.80  ? 235 HIS B O   1 
ATOM   642  C CB  . HIS B 1 12 ? -2.141  14.196  -1.742  1.00 38.93  ? 235 HIS B CB  1 
ATOM   643  C CG  . HIS B 1 12 ? -3.037  13.122  -1.237  1.00 36.05  ? 235 HIS B CG  1 
ATOM   644  N ND1 . HIS B 1 12 ? -3.098  12.727  0.082   1.00 35.94  ? 235 HIS B ND1 1 
ATOM   645  C CD2 . HIS B 1 12 ? -3.883  12.310  -1.904  1.00 35.29  ? 235 HIS B CD2 1 
ATOM   646  C CE1 . HIS B 1 12 ? -3.994  11.768  0.221   1.00 42.35  ? 235 HIS B CE1 1 
ATOM   647  N NE2 . HIS B 1 12 ? -4.488  11.499  -0.971  1.00 35.60  ? 235 HIS B NE2 1 
ATOM   648  N N   . GLU B 1 13 ? -0.298  12.716  -3.829  1.00 36.98  ? 236 GLU B N   1 
ATOM   649  C CA  A GLU B 1 13 ? -0.032  11.574  -4.693  0.50 43.22  ? 236 GLU B CA  1 
ATOM   650  C CA  B GLU B 1 13 ? 0.012   11.627  -4.753  0.50 42.84  ? 236 GLU B CA  1 
ATOM   651  C C   . GLU B 1 13 ? 1.285   10.900  -4.309  1.00 45.46  ? 236 GLU B C   1 
ATOM   652  O O   . GLU B 1 13 ? 1.328   9.653   -4.259  1.00 40.13  ? 236 GLU B O   1 
ATOM   653  C CB  A GLU B 1 13 ? -0.189  11.923  -6.175  0.50 48.87  ? 236 GLU B CB  1 
ATOM   654  C CB  B GLU B 1 13 ? 0.159   12.149  -6.189  0.50 42.58  ? 236 GLU B CB  1 
ATOM   655  C CG  A GLU B 1 13 ? -1.638  12.207  -6.564  0.50 53.98  ? 236 GLU B CG  1 
ATOM   656  C CG  B GLU B 1 13 ? 0.499   11.069  -7.220  0.50 47.29  ? 236 GLU B CG  1 
ATOM   657  C CD  A GLU B 1 13 ? -2.607  11.048  -6.398  0.50 42.39  ? 236 GLU B CD  1 
ATOM   658  C CD  B GLU B 1 13 ? 0.886   11.551  -8.615  0.50 51.92  ? 236 GLU B CD  1 
ATOM   659  O OE1 A GLU B 1 13 ? -3.089  10.825  -5.268  0.50 44.17  ? 236 GLU B OE1 1 
ATOM   660  O OE1 B GLU B 1 13 ? 1.244   12.729  -8.768  0.50 58.50  ? 236 GLU B OE1 1 
ATOM   661  O OE2 A GLU B 1 13 ? -2.885  10.376  -7.412  0.50 69.67  ? 236 GLU B OE2 1 
ATOM   662  O OE2 B GLU B 1 13 ? 0.839   10.744  -9.549  0.50 50.49  ? 236 GLU B OE2 1 
ATOM   663  N N   . ALA B 1 14 ? 2.330   11.688  -4.005  1.00 38.96  ? 237 ALA B N   1 
ATOM   664  C CA  . ALA B 1 14 ? 3.605   11.107  -3.600  1.00 43.95  ? 237 ALA B CA  1 
ATOM   665  C C   . ALA B 1 14 ? 3.445   10.327  -2.292  1.00 46.55  ? 237 ALA B C   1 
ATOM   666  O O   . ALA B 1 14 ? 4.021   9.242   -2.115  1.00 35.95  ? 237 ALA B O   1 
ATOM   667  C CB  . ALA B 1 14 ? 4.685   12.137  -3.484  1.00 42.35  ? 237 ALA B CB  1 
ATOM   668  N N   . PHE B 1 15 ? 2.690   10.901  -1.366  1.00 33.74  ? 238 PHE B N   1 
ATOM   669  C CA  . PHE B 1 15 ? 2.346   10.252  -0.109  1.00 34.01  ? 238 PHE B CA  1 
ATOM   670  C C   . PHE B 1 15 ? 1.639   8.906   -0.347  1.00 34.70  ? 238 PHE B C   1 
ATOM   671  O O   . PHE B 1 15 ? 1.984   7.902   0.281   1.00 31.44  ? 238 PHE B O   1 
ATOM   672  C CB  . PHE B 1 15 ? 1.514   11.194  0.766   1.00 32.18  ? 238 PHE B CB  1 
ATOM   673  C CG  . PHE B 1 15 ? 0.783   10.584  1.918   1.00 29.00  ? 238 PHE B CG  1 
ATOM   674  C CD1 . PHE B 1 15 ? -0.516  10.098  1.763   1.00 29.63  ? 238 PHE B CD1 1 
ATOM   675  C CD2 . PHE B 1 15 ? 1.373   10.549  3.184   1.00 35.48  ? 238 PHE B CD2 1 
ATOM   676  C CE1 . PHE B 1 15 ? -1.222  9.558   2.831   1.00 35.52  ? 238 PHE B CE1 1 
ATOM   677  C CE2 . PHE B 1 15 ? 0.668   10.006  4.250   1.00 34.61  ? 238 PHE B CE2 1 
ATOM   678  C CZ  . PHE B 1 15 ? -0.611  9.515   4.063   1.00 41.59  ? 238 PHE B CZ  1 
ATOM   679  N N   . VAL B 1 16 ? 0.578   8.897   -1.169  1.00 29.88  ? 239 VAL B N   1 
ATOM   680  C CA  . VAL B 1 16 ? -0.149  7.640   -1.389  1.00 32.97  ? 239 VAL B CA  1 
ATOM   681  C C   . VAL B 1 16 ? 0.758   6.585   -2.019  1.00 31.30  ? 239 VAL B C   1 
ATOM   682  O O   . VAL B 1 16 ? 0.714   5.408   -1.629  1.00 30.53  ? 239 VAL B O   1 
ATOM   683  C CB  . VAL B 1 16 ? -1.410  7.901   -2.235  1.00 34.94  ? 239 VAL B CB  1 
ATOM   684  C CG1 . VAL B 1 16 ? -2.049  6.584   -2.637  1.00 30.46  ? 239 VAL B CG1 1 
ATOM   685  C CG2 . VAL B 1 16 ? -2.456  8.711   -1.459  1.00 32.21  ? 239 VAL B CG2 1 
ATOM   686  N N   . GLU B 1 17 ? 1.610   6.977   -2.959  1.00 29.29  ? 240 GLU B N   1 
ATOM   687  C CA  A GLU B 1 17 ? 2.546   6.026   -3.551  0.70 34.17  ? 240 GLU B CA  1 
ATOM   688  C CA  B GLU B 1 17 ? 2.529   6.016   -3.550  0.30 35.83  ? 240 GLU B CA  1 
ATOM   689  C C   . GLU B 1 17 ? 3.479   5.461   -2.487  1.00 45.43  ? 240 GLU B C   1 
ATOM   690  O O   . GLU B 1 17 ? 3.749   4.266   -2.474  1.00 32.80  ? 240 GLU B O   1 
ATOM   691  C CB  A GLU B 1 17 ? 3.370   6.644   -4.676  0.70 30.26  ? 240 GLU B CB  1 
ATOM   692  C CB  B GLU B 1 17 ? 3.242   6.588   -4.775  0.30 34.05  ? 240 GLU B CB  1 
ATOM   693  C CG  A GLU B 1 17 ? 2.495   7.139   -5.815  0.70 35.84  ? 240 GLU B CG  1 
ATOM   694  C CG  B GLU B 1 17 ? 2.292   6.832   -5.938  0.30 41.40  ? 240 GLU B CG  1 
ATOM   695  C CD  A GLU B 1 17 ? 1.527   6.080   -6.309  0.70 34.19  ? 240 GLU B CD  1 
ATOM   696  C CD  B GLU B 1 17 ? 2.934   7.075   -7.294  0.30 40.24  ? 240 GLU B CD  1 
ATOM   697  O OE1 A GLU B 1 17 ? 1.932   4.901   -6.303  0.70 35.43  ? 240 GLU B OE1 1 
ATOM   698  O OE1 B GLU B 1 17 ? 4.041   6.552   -7.527  0.30 53.56  ? 240 GLU B OE1 1 
ATOM   699  O OE2 A GLU B 1 17 ? 0.378   6.428   -6.694  0.70 35.91  ? 240 GLU B OE2 1 
ATOM   700  O OE2 B GLU B 1 17 ? 2.329   7.794   -8.110  0.30 42.72  ? 240 GLU B OE2 1 
ATOM   701  N N   . ALA B 1 18 ? 3.986   6.326   -1.596  1.00 33.69  ? 241 ALA B N   1 
ATOM   702  C CA  . ALA B 1 18 ? 4.829   5.853   -0.496  1.00 31.90  ? 241 ALA B CA  1 
ATOM   703  C C   . ALA B 1 18 ? 4.091   4.884   0.414   1.00 30.03  ? 241 ALA B C   1 
ATOM   704  O O   . ALA B 1 18 ? 4.660   3.803   0.737   1.00 33.39  ? 241 ALA B O   1 
ATOM   705  C CB  . ALA B 1 18 ? 5.401   7.047   0.316   1.00 33.83  ? 241 ALA B CB  1 
ATOM   706  N N   . VAL B 1 19 ? 2.856   5.215   0.822   1.00 27.88  ? 242 VAL B N   1 
ATOM   707  C CA  . VAL B 1 19 ? 2.067   4.402   1.726   1.00 26.89  ? 242 VAL B CA  1 
ATOM   708  C C   . VAL B 1 19 ? 1.894   3.033   1.040   1.00 30.18  ? 242 VAL B C   1 
ATOM   709  O O   . VAL B 1 19 ? 1.991   1.997   1.695   1.00 30.77  ? 242 VAL B O   1 
ATOM   710  C CB  . VAL B 1 19 ? 0.707   5.025   2.032   1.00 28.80  ? 242 VAL B CB  1 
ATOM   711  C CG1 . VAL B 1 19 ? -0.322  4.100   2.654   1.00 29.86  ? 242 VAL B CG1 1 
ATOM   712  C CG2 . VAL B 1 19 ? 0.979   6.228   2.971   1.00 30.47  ? 242 VAL B CG2 1 
ATOM   713  N N   . ASN B 1 20 ? 1.534   3.084   -0.258  1.00 26.50  ? 243 ASN B N   1 
ATOM   714  C CA  . ASN B 1 20 ? 1.223   1.803   -0.897  1.00 25.53  ? 243 ASN B CA  1 
ATOM   715  C C   . ASN B 1 20 ? 2.477   0.947   -1.008  1.00 30.93  ? 243 ASN B C   1 
ATOM   716  O O   . ASN B 1 20 ? 2.383   -0.283  -0.862  1.00 31.03  ? 243 ASN B O   1 
ATOM   717  C CB  . ASN B 1 20 ? 0.593   2.060   -2.272  1.00 25.82  ? 243 ASN B CB  1 
ATOM   718  C CG  . ASN B 1 20 ? -0.800  2.602   -2.117  1.00 24.05  ? 243 ASN B CG  1 
ATOM   719  O OD1 . ASN B 1 20 ? -1.451  2.527   -1.069  1.00 28.75  ? 243 ASN B OD1 1 
ATOM   720  N ND2 . ASN B 1 20 ? -1.402  2.898   -3.291  1.00 26.19  ? 243 ASN B ND2 1 
ATOM   721  N N   . SER B 1 21 ? 3.619   1.549   -1.340  1.00 27.15  ? 244 SER B N   1 
ATOM   722  C CA  A SER B 1 21 ? 4.849   0.790   -1.442  0.60 32.71  ? 244 SER B CA  1 
ATOM   723  C CA  B SER B 1 21 ? 4.877   0.823   -1.430  0.40 33.52  ? 244 SER B CA  1 
ATOM   724  C C   . SER B 1 21 ? 5.197   0.093   -0.127  1.00 35.64  ? 244 SER B C   1 
ATOM   725  O O   . SER B 1 21 ? 5.902   -0.938  -0.140  1.00 31.84  ? 244 SER B O   1 
ATOM   726  C CB  A SER B 1 21 ? 5.992   1.622   -1.956  0.60 30.34  ? 244 SER B CB  1 
ATOM   727  C CB  B SER B 1 21 ? 6.038   1.701   -1.827  0.40 36.11  ? 244 SER B CB  1 
ATOM   728  O OG  A SER B 1 21 ? 6.446   2.514   -0.945  0.60 31.72  ? 244 SER B OG  1 
ATOM   729  O OG  B SER B 1 21 ? 5.838   2.274   -3.100  0.40 36.24  ? 244 SER B OG  1 
ATOM   730  N N   . LEU B 1 22 ? 4.715   0.629   0.995   1.00 30.97  ? 245 LEU B N   1 
ATOM   731  C CA  . LEU B 1 22 ? 4.988   0.064   2.315   1.00 29.43  ? 245 LEU B CA  1 
ATOM   732  C C   . LEU B 1 22 ? 3.894   -0.890  2.740   1.00 33.22  ? 245 LEU B C   1 
ATOM   733  O O   . LEU B 1 22 ? 3.873   -1.351  3.889   1.00 33.39  ? 245 LEU B O   1 
ATOM   734  C CB  . LEU B 1 22 ? 5.142   1.241   3.318   1.00 28.63  ? 245 LEU B CB  1 
ATOM   735  C CG  . LEU B 1 22 ? 6.417   2.031   3.065   1.00 33.34  ? 245 LEU B CG  1 
ATOM   736  C CD1 . LEU B 1 22 ? 6.321   3.291   3.952   1.00 40.32  ? 245 LEU B CD1 1 
ATOM   737  C CD2 . LEU B 1 22 ? 7.604   1.180   3.515   1.00 45.04  ? 245 LEU B CD2 1 
ATOM   738  N N   . GLY B 1 23 ? 2.994   -1.263  1.797   1.00 27.19  ? 246 GLY B N   1 
ATOM   739  C CA  . GLY B 1 23 ? 1.962   -2.221  2.131   1.00 29.87  ? 246 GLY B CA  1 
ATOM   740  C C   . GLY B 1 23 ? 0.606   -1.665  2.492   1.00 27.66  ? 246 GLY B C   1 
ATOM   741  O O   . GLY B 1 23 ? -0.283  -2.392  2.894   1.00 31.62  ? 246 GLY B O   1 
ATOM   742  N N   . GLY B 1 24 ? 0.408   -0.336  2.325   1.00 29.69  ? 247 GLY B N   1 
ATOM   743  C CA  . GLY B 1 24 ? -0.899  0.179   2.667   1.00 29.34  ? 247 GLY B CA  1 
ATOM   744  C C   . GLY B 1 24 ? -0.918  1.003   3.985   1.00 33.01  ? 247 GLY B C   1 
ATOM   745  O O   . GLY B 1 24 ? 0.061   1.043   4.721   1.00 37.36  ? 247 GLY B O   1 
ATOM   746  N N   . SER B 1 25 ? -2.077  1.577   4.277   1.00 33.93  ? 248 SER B N   1 
ATOM   747  C CA  . SER B 1 25 ? -2.162  2.595   5.318   1.00 39.30  ? 248 SER B CA  1 
ATOM   748  C C   . SER B 1 25 ? -1.945  1.993   6.710   1.00 48.10  ? 248 SER B C   1 
ATOM   749  O O   . SER B 1 25 ? -1.516  2.699   7.621   1.00 49.79  ? 248 SER B O   1 
ATOM   750  C CB  . SER B 1 25 ? -3.476  3.334   5.227   1.00 36.48  ? 248 SER B CB  1 
ATOM   751  O OG  . SER B 1 25 ? -4.567  2.481   5.544   1.00 45.76  ? 248 SER B OG  1 
ATOM   752  N N   . GLU B 1 26 ? -2.271  0.712   6.863   1.00 43.19  ? 249 GLU B N   1 
ATOM   753  C CA  . GLU B 1 26 ? -2.217  0.027   8.146   1.00 46.11  ? 249 GLU B CA  1 
ATOM   754  C C   . GLU B 1 26 ? -0.792  -0.425  8.451   1.00 51.45  ? 249 GLU B C   1 
ATOM   755  O O   . GLU B 1 26 ? -0.399  -0.560  9.602   1.00 52.41  ? 249 GLU B O   1 
ATOM   756  C CB  . GLU B 1 26 ? -3.257  -1.086  8.231   1.00 45.50  ? 249 GLU B CB  1 
ATOM   757  C CG  . GLU B 1 26 ? -4.716  -0.641  8.142   1.00 59.61  ? 249 GLU B CG  1 
ATOM   758  C CD  . GLU B 1 26 ? -5.182  0.439   9.114   1.00 114.99 ? 249 GLU B CD  1 
ATOM   759  O OE1 . GLU B 1 26 ? -4.998  0.242   10.331  1.00 156.52 ? 249 GLU B OE1 1 
ATOM   760  O OE2 . GLU B 1 26 ? -5.708  1.489   8.656   1.00 110.97 ? 249 GLU B OE2 1 
ATOM   761  N N   . ARG B 1 27 ? 0.018   -0.626  7.424   1.00 37.96  ? 250 ARG B N   1 
ATOM   762  C CA  . ARG B 1 27 ? 1.356   -1.153  7.568   1.00 35.86  ? 250 ARG B CA  1 
ATOM   763  C C   . ARG B 1 27 ? 2.407   -0.065  7.501   1.00 44.40  ? 250 ARG B C   1 
ATOM   764  O O   . ARG B 1 27 ? 3.449   -0.190  8.141   1.00 40.10  ? 250 ARG B O   1 
ATOM   765  C CB  . ARG B 1 27 ? 1.633   -2.204  6.473   1.00 33.10  ? 250 ARG B CB  1 
ATOM   766  C CG  . ARG B 1 27 ? 0.839   -3.466  6.699   1.00 41.04  ? 250 ARG B CG  1 
ATOM   767  C CD  . ARG B 1 27 ? 0.958   -4.480  5.570   1.00 37.79  ? 250 ARG B CD  1 
ATOM   768  N NE  . ARG B 1 27 ? 0.120   -5.591  5.942   1.00 41.56  ? 250 ARG B NE  1 
ATOM   769  C CZ  . ARG B 1 27 ? 0.575   -6.769  6.379   1.00 38.80  ? 250 ARG B CZ  1 
ATOM   770  N NH1 . ARG B 1 27 ? 1.874   -7.033  6.423   1.00 39.73  ? 250 ARG B NH1 1 
ATOM   771  N NH2 . ARG B 1 27 ? -0.306  -7.697  6.699   1.00 41.72  ? 250 ARG B NH2 1 
ATOM   772  N N   . ALA B 1 28 ? 2.150   0.998   6.730   1.00 38.02  ? 251 ALA B N   1 
ATOM   773  C CA  . ALA B 1 28 ? 3.143   2.056   6.577   1.00 35.08  ? 251 ALA B CA  1 
ATOM   774  C C   . ALA B 1 28 ? 3.342   2.787   7.923   1.00 35.50  ? 251 ALA B C   1 
ATOM   775  O O   . ALA B 1 28 ? 2.425   2.856   8.751   1.00 40.61  ? 251 ALA B O   1 
ATOM   776  C CB  . ALA B 1 28 ? 2.687   3.068   5.549   1.00 37.42  ? 251 ALA B CB  1 
ATOM   777  N N   . THR B 1 29 ? 4.558   3.275   8.109   1.00 41.05  ? 252 THR B N   1 
ATOM   778  C CA  . THR B 1 29 ? 4.869   4.136   9.248   1.00 50.67  ? 252 THR B CA  1 
ATOM   779  C C   . THR B 1 29 ? 5.146   5.533   8.725   1.00 40.97  ? 252 THR B C   1 
ATOM   780  O O   . THR B 1 29 ? 5.721   5.710   7.654   1.00 40.12  ? 252 THR B O   1 
ATOM   781  C CB  . THR B 1 29 ? 6.120   3.658   10.025  1.00 35.82  ? 252 THR B CB  1 
ATOM   782  O OG1 . THR B 1 29 ? 7.310   3.652   9.227   1.00 39.99  ? 252 THR B OG1 1 
ATOM   783  C CG2 . THR B 1 29 ? 5.861   2.319   10.675  1.00 45.28  ? 252 THR B CG2 1 
ATOM   784  N N   . PRO B 1 30 ? 4.891   6.587   9.537   1.00 47.77  ? 253 PRO B N   1 
ATOM   785  C CA  . PRO B 1 30 ? 5.330   7.938   9.186   1.00 42.13  ? 253 PRO B CA  1 
ATOM   786  C C   . PRO B 1 30 ? 6.792   8.059   8.785   1.00 36.20  ? 253 PRO B C   1 
ATOM   787  O O   . PRO B 1 30 ? 7.148   8.704   7.808   1.00 42.68  ? 253 PRO B O   1 
ATOM   788  C CB  . PRO B 1 30 ? 5.066   8.737   10.470  1.00 49.28  ? 253 PRO B CB  1 
ATOM   789  C CG  . PRO B 1 30 ? 3.954   7.990   11.162  1.00 43.84  ? 253 PRO B CG  1 
ATOM   790  C CD  . PRO B 1 30 ? 4.114   6.523   10.775  1.00 40.74  ? 253 PRO B CD  1 
ATOM   791  N N   . LYS B 1 31 ? 7.679   7.393   9.539   1.00 43.51  ? 254 LYS B N   1 
ATOM   792  C CA  A LYS B 1 31 ? 9.097   7.486   9.233   0.70 40.53  ? 254 LYS B CA  1 
ATOM   793  C CA  B LYS B 1 31 ? 9.112   7.425   9.274   0.30 42.05  ? 254 LYS B CA  1 
ATOM   794  C C   . LYS B 1 31 ? 9.427   6.835   7.901   1.00 40.63  ? 254 LYS B C   1 
ATOM   795  O O   . LYS B 1 31 ? 10.224  7.383   7.124   1.00 41.33  ? 254 LYS B O   1 
ATOM   796  C CB  A LYS B 1 31 ? 9.977   6.891   10.343  0.70 59.47  ? 254 LYS B CB  1 
ATOM   797  C CB  B LYS B 1 31 ? 9.857   6.672   10.388  0.30 48.32  ? 254 LYS B CB  1 
ATOM   798  C CG  A LYS B 1 31 ? 9.380   6.925   11.740  0.70 62.93  ? 254 LYS B CG  1 
ATOM   799  C CG  B LYS B 1 31 ? 11.172  7.294   10.840  0.30 53.91  ? 254 LYS B CG  1 
ATOM   800  C CD  A LYS B 1 31 ? 8.299   5.897   11.895  0.70 55.02  ? 254 LYS B CD  1 
ATOM   801  C CD  B LYS B 1 31 ? 12.234  7.258   9.776   0.30 53.85  ? 254 LYS B CD  1 
ATOM   802  C CE  A LYS B 1 31 ? 7.024   6.479   12.448  0.70 43.84  ? 254 LYS B CE  1 
ATOM   803  C CE  B LYS B 1 31 ? 12.821  8.620   9.491   0.30 60.31  ? 254 LYS B CE  1 
ATOM   804  N NZ  A LYS B 1 31 ? 6.147   5.409   12.980  0.70 74.52  ? 254 LYS B NZ  1 
ATOM   805  N NZ  B LYS B 1 31 ? 12.784  8.901   8.038   0.30 37.83  ? 254 LYS B NZ  1 
ATOM   806  N N   . GLY B 1 32 ? 8.811   5.668   7.638   1.00 44.47  ? 255 GLY B N   1 
ATOM   807  C CA  . GLY B 1 32 ? 9.042   5.023   6.358   1.00 41.55  ? 255 GLY B CA  1 
ATOM   808  C C   . GLY B 1 32 ? 8.547   5.865   5.188   1.00 35.01  ? 255 GLY B C   1 
ATOM   809  O O   . GLY B 1 32 ? 9.243   6.014   4.181   1.00 41.57  ? 255 GLY B O   1 
ATOM   810  N N   . VAL B 1 33 ? 7.349   6.442   5.365   1.00 36.36  ? 256 VAL B N   1 
ATOM   811  C CA  . VAL B 1 33 ? 6.764   7.306   4.334   1.00 37.43  ? 256 VAL B CA  1 
ATOM   812  C C   . VAL B 1 33 ? 7.665   8.521   4.083   1.00 39.77  ? 256 VAL B C   1 
ATOM   813  O O   . VAL B 1 33 ? 8.008   8.838   2.939   1.00 40.55  ? 256 VAL B O   1 
ATOM   814  C CB  . VAL B 1 33 ? 5.333   7.729   4.713   1.00 37.79  ? 256 VAL B CB  1 
ATOM   815  C CG1 . VAL B 1 33 ? 4.798   8.858   3.807   1.00 37.70  ? 256 VAL B CG1 1 
ATOM   816  C CG2 . VAL B 1 33 ? 4.343   6.579   4.805   1.00 40.58  ? 256 VAL B CG2 1 
ATOM   817  N N   . LEU B 1 34 ? 8.111   9.171   5.178   1.00 47.27  ? 257 LEU B N   1 
ATOM   818  C CA  . LEU B 1 34 ? 8.983   10.340  5.112   1.00 48.02  ? 257 LEU B CA  1 
ATOM   819  C C   . LEU B 1 34 ? 10.252  10.003  4.338   1.00 45.34  ? 257 LEU B C   1 
ATOM   820  O O   . LEU B 1 34 ? 10.652  10.740  3.430   1.00 41.26  ? 257 LEU B O   1 
ATOM   821  C CB  . LEU B 1 34 ? 9.302   10.789  6.549   1.00 46.78  ? 257 LEU B CB  1 
ATOM   822  C CG  . LEU B 1 34 ? 9.994   12.152  6.702   1.00 56.31  ? 257 LEU B CG  1 
ATOM   823  C CD1 . LEU B 1 34 ? 9.131   13.293  6.161   1.00 58.50  ? 257 LEU B CD1 1 
ATOM   824  C CD2 . LEU B 1 34 ? 10.300  12.414  8.170   1.00 57.29  ? 257 LEU B CD2 1 
ATOM   825  N N   . LYS B 1 35 ? 10.846  8.832   4.653   1.00 50.77  ? 258 LYS B N   1 
ATOM   826  C CA  . LYS B 1 35 ? 12.080  8.403   4.016   1.00 47.47  ? 258 LYS B CA  1 
ATOM   827  C C   . LYS B 1 35 ? 11.904  8.196   2.519   1.00 48.82  ? 258 LYS B C   1 
ATOM   828  O O   . LYS B 1 35 ? 12.793  8.516   1.732   1.00 52.44  ? 258 LYS B O   1 
ATOM   829  C CB  . LYS B 1 35 ? 12.554  7.102   4.672   1.00 52.10  ? 258 LYS B CB  1 
ATOM   830  C CG  . LYS B 1 35 ? 13.770  7.196   5.583   1.00 76.04  ? 258 LYS B CG  1 
ATOM   831  C CD  . LYS B 1 35 ? 13.730  6.244   6.779   1.00 106.27 ? 258 LYS B CD  1 
ATOM   832  C CE  . LYS B 1 35 ? 13.707  4.767   6.440   1.00 118.96 ? 258 LYS B CE  1 
ATOM   833  N NZ  . LYS B 1 35 ? 15.071  4.205   6.295   1.00 97.33  ? 258 LYS B NZ  1 
ATOM   834  N N   . ILE B 1 36 ? 10.768  7.602   2.119   1.00 43.04  ? 259 ILE B N   1 
ATOM   835  C CA  . ILE B 1 36 ? 10.525  7.372   0.702   1.00 39.64  ? 259 ILE B CA  1 
ATOM   836  C C   . ILE B 1 36 ? 10.283  8.682   -0.053  1.00 45.18  ? 259 ILE B C   1 
ATOM   837  O O   . ILE B 1 36 ? 10.793  8.871   -1.165  1.00 47.70  ? 259 ILE B O   1 
ATOM   838  C CB  . ILE B 1 36 ? 9.338   6.382   0.525   1.00 44.30  ? 259 ILE B CB  1 
ATOM   839  C CG1 . ILE B 1 36 ? 9.739   4.966   0.950   1.00 44.87  ? 259 ILE B CG1 1 
ATOM   840  C CG2 . ILE B 1 36 ? 8.860   6.425   -0.919  1.00 41.45  ? 259 ILE B CG2 1 
ATOM   841  C CD1 . ILE B 1 36 ? 8.567   4.013   1.190   1.00 43.19  ? 259 ILE B CD1 1 
ATOM   842  N N   . MET B 1 37 ? 9.496   9.589   0.556   1.00 45.34  ? 260 MET B N   1 
ATOM   843  C CA  A MET B 1 37 ? 9.027   10.776  -0.143  0.50 51.20  ? 260 MET B CA  1 
ATOM   844  C CA  B MET B 1 37 ? 9.022   10.766  -0.165  0.50 48.50  ? 260 MET B CA  1 
ATOM   845  C C   . MET B 1 37 ? 10.181  11.717  -0.463  1.00 45.94  ? 260 MET B C   1 
ATOM   846  O O   . MET B 1 37 ? 10.222  12.301  -1.553  1.00 50.83  ? 260 MET B O   1 
ATOM   847  C CB  A MET B 1 37 ? 8.054   11.542  0.739   0.50 46.90  ? 260 MET B CB  1 
ATOM   848  C CB  B MET B 1 37 ? 7.920   11.514  0.590   0.50 40.42  ? 260 MET B CB  1 
ATOM   849  C CG  A MET B 1 37 ? 6.845   10.757  1.097   0.50 48.41  ? 260 MET B CG  1 
ATOM   850  C CG  B MET B 1 37 ? 6.584   10.804  0.583   0.50 38.00  ? 260 MET B CG  1 
ATOM   851  S SD  A MET B 1 37 ? 5.586   11.928  0.750   0.50 47.02  ? 260 MET B SD  1 
ATOM   852  S SD  B MET B 1 37 ? 5.348   11.578  1.662   0.50 31.58  ? 260 MET B SD  1 
ATOM   853  C CE  A MET B 1 37 ? 4.491   11.632  2.133   0.50 27.04  ? 260 MET B CE  1 
ATOM   854  C CE  B MET B 1 37 ? 4.947   13.046  0.697   0.50 36.89  ? 260 MET B CE  1 
ATOM   855  N N   . LYS B 1 38 ? 11.117  11.867  0.495   1.00 50.51  ? 261 LYS B N   1 
ATOM   856  C CA  . LYS B 1 38 ? 12.290  12.724  0.292   1.00 66.24  ? 261 LYS B CA  1 
ATOM   857  C C   . LYS B 1 38 ? 11.868  14.117  -0.194  1.00 57.89  ? 261 LYS B C   1 
ATOM   858  O O   . LYS B 1 38 ? 12.313  14.601  -1.245  1.00 56.47  ? 261 LYS B O   1 
ATOM   859  C CB  . LYS B 1 38 ? 13.298  12.100  -0.691  1.00 61.11  ? 261 LYS B CB  1 
ATOM   860  C CG  . LYS B 1 38 ? 14.139  10.952  -0.149  1.00 66.99  ? 261 LYS B CG  1 
ATOM   861  C CD  . LYS B 1 38 ? 14.791  10.125  -1.247  1.00 73.28  ? 261 LYS B CD  1 
ATOM   862  C CE  . LYS B 1 38 ? 15.081  8.702   -0.824  1.00 73.57  ? 261 LYS B CE  1 
ATOM   863  N NZ  . LYS B 1 38 ? 15.604  7.892   -1.948  1.00 93.03  ? 261 LYS B NZ  1 
ATOM   864  N N   . VAL B 1 39 ? 10.979  14.760  0.575   1.00 52.50  ? 262 VAL B N   1 
ATOM   865  C CA  . VAL B 1 39 ? 10.471  16.068  0.186   1.00 51.35  ? 262 VAL B CA  1 
ATOM   866  C C   . VAL B 1 39 ? 11.090  17.117  1.117   1.00 52.74  ? 262 VAL B C   1 
ATOM   867  O O   . VAL B 1 39 ? 11.021  16.984  2.343   1.00 47.73  ? 262 VAL B O   1 
ATOM   868  C CB  . VAL B 1 39 ? 8.929   16.089  0.190   1.00 56.93  ? 262 VAL B CB  1 
ATOM   869  C CG1 . VAL B 1 39 ? 8.353   17.505  0.186   1.00 52.39  ? 262 VAL B CG1 1 
ATOM   870  C CG2 . VAL B 1 39 ? 8.367   15.275  -0.975  1.00 49.52  ? 262 VAL B CG2 1 
ATOM   871  N N   . GLU B 1 40 ? 11.731  18.124  0.515   1.00 55.69  ? 263 GLU B N   1 
ATOM   872  C CA  . GLU B 1 40 ? 12.310  19.207  1.306   1.00 64.23  ? 263 GLU B CA  1 
ATOM   873  C C   . GLU B 1 40 ? 11.217  19.889  2.128   1.00 53.70  ? 263 GLU B C   1 
ATOM   874  O O   . GLU B 1 40 ? 10.154  20.236  1.604   1.00 57.76  ? 263 GLU B O   1 
ATOM   875  C CB  . GLU B 1 40 ? 13.062  20.197  0.416   1.00 58.85  ? 263 GLU B CB  1 
ATOM   876  C CG  . GLU B 1 40 ? 13.903  21.175  1.236   1.00 85.23  ? 263 GLU B CG  1 
ATOM   877  C CD  . GLU B 1 40 ? 14.700  22.237  0.483   1.00 93.41  ? 263 GLU B CD  1 
ATOM   878  O OE1 . GLU B 1 40 ? 14.159  22.824  -0.478  1.00 96.86  ? 263 GLU B OE1 1 
ATOM   879  O OE2 . GLU B 1 40 ? 15.865  22.484  0.865   1.00 107.61 ? 263 GLU B OE2 1 
ATOM   880  N N   . GLY B 1 41 ? 11.462  20.019  3.436   1.00 55.88  ? 264 GLY B N   1 
ATOM   881  C CA  . GLY B 1 41 ? 10.516  20.702  4.292   1.00 55.50  ? 264 GLY B CA  1 
ATOM   882  C C   . GLY B 1 41 ? 9.536   19.758  4.972   1.00 67.51  ? 264 GLY B C   1 
ATOM   883  O O   . GLY B 1 41 ? 8.839   20.163  5.898   1.00 51.23  ? 264 GLY B O   1 
ATOM   884  N N   . LEU B 1 42 ? 9.447   18.506  4.501   1.00 50.98  ? 265 LEU B N   1 
ATOM   885  C CA  . LEU B 1 42 ? 8.423   17.659  5.086   1.00 43.34  ? 265 LEU B CA  1 
ATOM   886  C C   . LEU B 1 42 ? 8.940   17.131  6.420   1.00 40.48  ? 265 LEU B C   1 
ATOM   887  O O   . LEU B 1 42 ? 10.104  16.778  6.535   1.00 52.78  ? 265 LEU B O   1 
ATOM   888  C CB  . LEU B 1 42 ? 8.115   16.558  4.045   1.00 44.24  ? 265 LEU B CB  1 
ATOM   889  C CG  . LEU B 1 42 ? 6.928   15.660  4.355   1.00 50.77  ? 265 LEU B CG  1 
ATOM   890  C CD1 . LEU B 1 42 ? 5.635   16.457  4.437   1.00 47.79  ? 265 LEU B CD1 1 
ATOM   891  C CD2 . LEU B 1 42 ? 6.802   14.638  3.241   1.00 44.05  ? 265 LEU B CD2 1 
ATOM   892  N N   . THR B 1 43 ? 8.077   16.994  7.415   1.00 41.80  ? 266 THR B N   1 
ATOM   893  C CA  . THR B 1 43 ? 8.502   16.492  8.717   1.00 45.93  ? 266 THR B CA  1 
ATOM   894  C C   . THR B 1 43 ? 7.648   15.321  9.168   1.00 53.12  ? 266 THR B C   1 
ATOM   895  O O   . THR B 1 43 ? 6.541   15.152  8.687   1.00 52.46  ? 266 THR B O   1 
ATOM   896  C CB  . THR B 1 43 ? 8.294   17.550  9.822   1.00 55.09  ? 266 THR B CB  1 
ATOM   897  O OG1 . THR B 1 43 ? 6.921   17.645  10.225  1.00 55.12  ? 266 THR B OG1 1 
ATOM   898  C CG2 . THR B 1 43 ? 8.799   18.911  9.404   1.00 56.79  ? 266 THR B CG2 1 
ATOM   899  N N   . ILE B 1 44 ? 8.127   14.604  10.195  1.00 48.42  ? 267 ILE B N   1 
ATOM   900  C CA  . ILE B 1 44 ? 7.407   13.475  10.754  1.00 50.50  ? 267 ILE B CA  1 
ATOM   901  C C   . ILE B 1 44 ? 6.053   13.929  11.254  1.00 56.39  ? 267 ILE B C   1 
ATOM   902  O O   . ILE B 1 44 ? 5.058   13.209  11.152  1.00 45.61  ? 267 ILE B O   1 
ATOM   903  C CB  . ILE B 1 44 ? 8.216   12.794  11.883  1.00 65.39  ? 267 ILE B CB  1 
ATOM   904  C CG1 . ILE B 1 44 ? 9.418   12.046  11.311  1.00 58.53  ? 267 ILE B CG1 1 
ATOM   905  C CG2 . ILE B 1 44 ? 7.357   11.872  12.745  1.00 49.85  ? 267 ILE B CG2 1 
ATOM   906  C CD1 . ILE B 1 44 ? 9.041   10.709  10.698  1.00 79.36  ? 267 ILE B CD1 1 
ATOM   907  N N   . TYR B 1 45 ? 6.029   15.123  11.859  1.00 47.44  ? 268 TYR B N   1 
ATOM   908  C CA  . TYR B 1 45 ? 4.792   15.531  12.503  1.00 45.94  ? 268 TYR B CA  1 
ATOM   909  C C   . TYR B 1 45 ? 3.693   15.604  11.447  1.00 34.48  ? 268 TYR B C   1 
ATOM   910  O O   . TYR B 1 45 ? 2.523   15.324  11.748  1.00 44.40  ? 268 TYR B O   1 
ATOM   911  C CB  . TYR B 1 45 ? 4.973   16.906  13.187  1.00 42.94  ? 268 TYR B CB  1 
ATOM   912  C CG  . TYR B 1 45 ? 3.685   17.572  13.615  1.00 51.62  ? 268 TYR B CG  1 
ATOM   913  C CD1 . TYR B 1 45 ? 3.115   17.262  14.838  1.00 53.07  ? 268 TYR B CD1 1 
ATOM   914  C CD2 . TYR B 1 45 ? 3.033   18.490  12.798  1.00 51.97  ? 268 TYR B CD2 1 
ATOM   915  C CE1 . TYR B 1 45 ? 1.918   17.823  15.241  1.00 48.83  ? 268 TYR B CE1 1 
ATOM   916  C CE2 . TYR B 1 45 ? 1.821   19.047  13.180  1.00 47.30  ? 268 TYR B CE2 1 
ATOM   917  C CZ  . TYR B 1 45 ? 1.280   18.732  14.419  1.00 50.80  ? 268 TYR B CZ  1 
ATOM   918  O OH  . TYR B 1 45 ? 0.108   19.295  14.846  1.00 64.60  ? 268 TYR B OH  1 
ATOM   919  N N   . HIS B 1 46 ? 4.060   16.139  10.274  1.00 39.86  ? 269 HIS B N   1 
ATOM   920  C CA  . HIS B 1 46 ? 3.095   16.422  9.218   1.00 43.03  ? 269 HIS B CA  1 
ATOM   921  C C   . HIS B 1 46 ? 2.678   15.137  8.492   1.00 40.67  ? 269 HIS B C   1 
ATOM   922  O O   . HIS B 1 46 ? 1.502   14.957  8.175   1.00 42.98  ? 269 HIS B O   1 
ATOM   923  C CB  . HIS B 1 46 ? 3.725   17.430  8.265   1.00 47.79  ? 269 HIS B CB  1 
ATOM   924  C CG  . HIS B 1 46 ? 3.634   18.772  8.914   1.00 80.93  ? 269 HIS B CG  1 
ATOM   925  N ND1 . HIS B 1 46 ? 4.714   19.642  9.015   1.00 67.63  ? 269 HIS B ND1 1 
ATOM   926  C CD2 . HIS B 1 46 ? 2.585   19.356  9.554   1.00 57.44  ? 269 HIS B CD2 1 
ATOM   927  C CE1 . HIS B 1 46 ? 4.327   20.720  9.679   1.00 55.35  ? 269 HIS B CE1 1 
ATOM   928  N NE2 . HIS B 1 46 ? 3.020   20.570  10.037  1.00 50.72  ? 269 HIS B NE2 1 
ATOM   929  N N   . VAL B 1 47 ? 3.659   14.269  8.281   1.00 41.79  ? 270 VAL B N   1 
ATOM   930  C CA  . VAL B 1 47 ? 3.336   12.946  7.696   1.00 35.03  ? 270 VAL B CA  1 
ATOM   931  C C   . VAL B 1 47 ? 2.407   12.155  8.615   1.00 40.33  ? 270 VAL B C   1 
ATOM   932  O O   . VAL B 1 47 ? 1.421   11.535  8.182   1.00 44.77  ? 270 VAL B O   1 
ATOM   933  C CB  . VAL B 1 47 ? 4.631   12.191  7.378   1.00 40.82  ? 270 VAL B CB  1 
ATOM   934  C CG1 . VAL B 1 47 ? 4.280   10.765  6.959   1.00 44.06  ? 270 VAL B CG1 1 
ATOM   935  C CG2 . VAL B 1 47 ? 5.380   12.886  6.260   1.00 40.18  ? 270 VAL B CG2 1 
ATOM   936  N N   . LYS B 1 48 ? 2.710   12.167  9.939   1.00 39.70  ? 271 LYS B N   1 
ATOM   937  C CA  . LYS B 1 48 ? 1.875   11.436  10.873  1.00 39.21  ? 271 LYS B CA  1 
ATOM   938  C C   . LYS B 1 48 ? 0.452   11.958  10.854  1.00 44.16  ? 271 LYS B C   1 
ATOM   939  O O   . LYS B 1 48 ? -0.525  11.199  10.933  1.00 44.09  ? 271 LYS B O   1 
ATOM   940  C CB  . LYS B 1 48 ? 2.543   11.405  12.256  1.00 41.81  ? 271 LYS B CB  1 
ATOM   941  C CG  . LYS B 1 48 ? 1.671   10.836  13.356  1.00 51.68  ? 271 LYS B CG  1 
ATOM   942  C CD  . LYS B 1 48 ? 2.457   10.660  14.648  1.00 71.13  ? 271 LYS B CD  1 
ATOM   943  C CE  . LYS B 1 48 ? 1.585   10.126  15.767  1.00 81.51  ? 271 LYS B CE  1 
ATOM   944  N NZ  . LYS B 1 48 ? 1.934   10.729  17.076  1.00 101.31 ? 271 LYS B NZ  1 
ATOM   945  N N   . SER B 1 49 ? 0.342   13.294  10.838  1.00 42.78  ? 272 SER B N   1 
ATOM   946  C CA  . SER B 1 49 ? -0.972  13.908  10.841  1.00 45.39  ? 272 SER B CA  1 
ATOM   947  C C   . SER B 1 49 ? -1.788  13.475  9.610   1.00 40.14  ? 272 SER B C   1 
ATOM   948  O O   . SER B 1 49 ? -2.937  13.055  9.728   1.00 43.84  ? 272 SER B O   1 
ATOM   949  C CB  . SER B 1 49 ? -0.817  15.415  10.943  1.00 51.57  ? 272 SER B CB  1 
ATOM   950  O OG  . SER B 1 49 ? -2.089  16.041  10.923  1.00 59.14  ? 272 SER B OG  1 
ATOM   951  N N   . HIS B 1 50 ? -1.135  13.553  8.451   1.00 41.47  ? 273 HIS B N   1 
ATOM   952  C CA  . HIS B 1 50 ? -1.770  13.220  7.185   1.00 46.96  ? 273 HIS B CA  1 
ATOM   953  C C   . HIS B 1 50 ? -2.121  11.733  7.160   1.00 38.77  ? 273 HIS B C   1 
ATOM   954  O O   . HIS B 1 50 ? -3.159  11.374  6.639   1.00 40.81  ? 273 HIS B O   1 
ATOM   955  C CB  . HIS B 1 50 ? -0.830  13.576  6.037   1.00 34.84  ? 273 HIS B CB  1 
ATOM   956  C CG  . HIS B 1 50 ? -1.535  13.755  4.735   1.00 40.84  ? 273 HIS B CG  1 
ATOM   957  N ND1 . HIS B 1 50 ? -2.563  14.664  4.565   1.00 41.39  ? 273 HIS B ND1 1 
ATOM   958  C CD2 . HIS B 1 50 ? -1.401  13.114  3.553   1.00 41.09  ? 273 HIS B CD2 1 
ATOM   959  C CE1 . HIS B 1 50 ? -2.993  14.599  3.322   1.00 51.59  ? 273 HIS B CE1 1 
ATOM   960  N NE2 . HIS B 1 50 ? -2.297  13.656  2.687   1.00 44.92  ? 273 HIS B NE2 1 
ATOM   961  N N   . LEU B 1 51 ? -1.247  10.884  7.702   1.00 39.11  ? 274 LEU B N   1 
ATOM   962  C CA  . LEU B 1 51 ? -1.505  9.446   7.657   1.00 40.11  ? 274 LEU B CA  1 
ATOM   963  C C   . LEU B 1 51 ? -2.702  9.100   8.547   1.00 50.09  ? 274 LEU B C   1 
ATOM   964  O O   . LEU B 1 51 ? -3.553  8.278   8.190   1.00 49.08  ? 274 LEU B O   1 
ATOM   965  C CB  . LEU B 1 51 ? -0.221  8.696   8.017   1.00 37.23  ? 274 LEU B CB  1 
ATOM   966  C CG  . LEU B 1 51 ? -0.339  7.167   8.053   1.00 53.37  ? 274 LEU B CG  1 
ATOM   967  C CD1 . LEU B 1 51 ? -0.744  6.631   6.684   1.00 43.10  ? 274 LEU B CD1 1 
ATOM   968  C CD2 . LEU B 1 51 ? 0.970   6.528   8.486   1.00 41.97  ? 274 LEU B CD2 1 
ATOM   969  N N   . GLN B 1 52 ? -2.814  9.800   9.692   1.00 49.35  ? 275 GLN B N   1 
ATOM   970  C CA  A GLN B 1 52 ? -3.948  9.570   10.567  0.60 46.93  ? 275 GLN B CA  1 
ATOM   971  C CA  B GLN B 1 52 ? -3.942  9.634   10.596  0.40 48.22  ? 275 GLN B CA  1 
ATOM   972  C C   . GLN B 1 52 ? -5.229  10.019  9.867   1.00 46.82  ? 275 GLN B C   1 
ATOM   973  O O   . GLN B 1 52 ? -6.251  9.330   9.968   1.00 63.64  ? 275 GLN B O   1 
ATOM   974  C CB  A GLN B 1 52 ? -3.730  10.248  11.926  0.60 58.60  ? 275 GLN B CB  1 
ATOM   975  C CB  B GLN B 1 52 ? -3.735  10.477  11.866  0.40 49.96  ? 275 GLN B CB  1 
ATOM   976  C CG  A GLN B 1 52 ? -4.580  9.664   13.047  0.60 74.46  ? 275 GLN B CG  1 
ATOM   977  C CG  B GLN B 1 52 ? -2.497  10.086  12.669  0.40 60.54  ? 275 GLN B CG  1 
ATOM   978  C CD  A GLN B 1 52 ? -4.074  10.015  14.429  0.60 83.66  ? 275 GLN B CD  1 
ATOM   979  C CD  B GLN B 1 52 ? -2.150  10.987  13.838  0.40 53.43  ? 275 GLN B CD  1 
ATOM   980  O OE1 A GLN B 1 52 ? -4.235  9.255   15.381  0.60 67.04  ? 275 GLN B OE1 1 
ATOM   981  O OE1 B GLN B 1 52 ? -2.176  12.216  13.757  0.40 54.45  ? 275 GLN B OE1 1 
ATOM   982  N NE2 A GLN B 1 52 ? -3.451  11.176  14.556  0.60 80.16  ? 275 GLN B NE2 1 
ATOM   983  N NE2 B GLN B 1 52 ? -1.785  10.371  14.948  0.40 49.33  ? 275 GLN B NE2 1 
ATOM   984  N N   . LYS B 1 53 ? -5.179  11.172  9.176   1.00 48.10  ? 276 LYS B N   1 
ATOM   985  C CA  . LYS B 1 53 ? -6.345  11.657  8.455   1.00 46.80  ? 276 LYS B CA  1 
ATOM   986  C C   . LYS B 1 53 ? -6.692  10.664  7.339   1.00 57.50  ? 276 LYS B C   1 
ATOM   987  O O   . LYS B 1 53 ? -7.865  10.372  7.134   1.00 52.87  ? 276 LYS B O   1 
ATOM   988  C CB  . LYS B 1 53 ? -6.129  13.052  7.857   1.00 53.16  ? 276 LYS B CB  1 
ATOM   989  C CG  . LYS B 1 53 ? -6.076  14.178  8.877   1.00 75.39  ? 276 LYS B CG  1 
ATOM   990  C CD  . LYS B 1 53 ? -5.723  15.517  8.264   1.00 100.46 ? 276 LYS B CD  1 
ATOM   991  C CE  . LYS B 1 53 ? -5.112  16.495  9.251   1.00 96.38  ? 276 LYS B CE  1 
ATOM   992  N NZ  . LYS B 1 53 ? -4.178  17.446  8.592   1.00 84.96  ? 276 LYS B NZ  1 
ATOM   993  N N   . TYR B 1 54 ? -5.671  10.187  6.607   1.00 46.49  ? 277 TYR B N   1 
ATOM   994  C CA  . TYR B 1 54 ? -5.853  9.243   5.498   1.00 53.65  ? 277 TYR B CA  1 
ATOM   995  C C   . TYR B 1 54 ? -6.536  7.973   5.991   1.00 55.05  ? 277 TYR B C   1 
ATOM   996  O O   . TYR B 1 54 ? -7.456  7.482   5.340   1.00 63.79  ? 277 TYR B O   1 
ATOM   997  C CB  . TYR B 1 54 ? -4.513  8.897   4.857   1.00 42.77  ? 277 TYR B CB  1 
ATOM   998  C CG  . TYR B 1 54 ? -4.557  8.073   3.589   1.00 43.31  ? 277 TYR B CG  1 
ATOM   999  C CD1 . TYR B 1 54 ? -5.205  8.528   2.456   1.00 38.98  ? 277 TYR B CD1 1 
ATOM   1000 C CD2 . TYR B 1 54 ? -3.889  6.860   3.507   1.00 38.58  ? 277 TYR B CD2 1 
ATOM   1001 C CE1 . TYR B 1 54 ? -5.199  7.785   1.277   1.00 37.10  ? 277 TYR B CE1 1 
ATOM   1002 C CE2 . TYR B 1 54 ? -3.901  6.089   2.349   1.00 37.01  ? 277 TYR B CE2 1 
ATOM   1003 C CZ  . TYR B 1 54 ? -4.542  6.561   1.213   1.00 39.98  ? 277 TYR B CZ  1 
ATOM   1004 O OH  . TYR B 1 54 ? -4.522  5.835   0.022   1.00 34.47  ? 277 TYR B OH  1 
ATOM   1005 N N   . ARG B 1 55 ? -6.093  7.444   7.136   1.00 53.32  ? 278 ARG B N   1 
ATOM   1006 C CA  . ARG B 1 55 ? -6.740  6.278   7.715   1.00 49.09  ? 278 ARG B CA  1 
ATOM   1007 C C   . ARG B 1 55 ? -8.206  6.582   8.050   1.00 64.42  ? 278 ARG B C   1 
ATOM   1008 O O   . ARG B 1 55 ? -9.070  5.737   7.837   1.00 63.74  ? 278 ARG B O   1 
ATOM   1009 C CB  . ARG B 1 55 ? -5.969  5.796   8.941   1.00 54.08  ? 278 ARG B CB  1 
ATOM   1010 C CG  . ARG B 1 55 ? -4.656  5.098   8.622   1.00 48.29  ? 278 ARG B CG  1 
ATOM   1011 C CD  . ARG B 1 55 ? -3.968  4.745   9.929   1.00 49.82  ? 278 ARG B CD  1 
ATOM   1012 N NE  . ARG B 1 55 ? -2.672  4.136   9.683   1.00 62.69  ? 278 ARG B NE  1 
ATOM   1013 C CZ  . ARG B 1 55 ? -1.590  4.278   10.440  1.00 75.70  ? 278 ARG B CZ  1 
ATOM   1014 N NH1 . ARG B 1 55 ? -1.639  5.037   11.523  1.00 72.04  ? 278 ARG B NH1 1 
ATOM   1015 N NH2 . ARG B 1 55 ? -0.464  3.669   10.103  1.00 63.64  ? 278 ARG B NH2 1 
ATOM   1016 N N   . THR B 1 56 ? -8.492  7.788   8.559   1.00 65.97  ? 279 THR B N   1 
ATOM   1017 C CA  . THR B 1 56 ? -9.845  8.166   8.953   1.00 65.35  ? 279 THR B CA  1 
ATOM   1018 C C   . THR B 1 56 ? -10.721 8.221   7.701   1.00 88.23  ? 279 THR B C   1 
ATOM   1019 O O   . THR B 1 56 ? -11.809 7.650   7.669   1.00 81.16  ? 279 THR B O   1 
ATOM   1020 C CB  . THR B 1 56 ? -9.860  9.514   9.689   1.00 73.48  ? 279 THR B CB  1 
ATOM   1021 O OG1 . THR B 1 56 ? -9.000  9.486   10.832  1.00 60.89  ? 279 THR B OG1 1 
ATOM   1022 C CG2 . THR B 1 56 ? -11.246 9.941   10.123  1.00 63.54  ? 279 THR B CG2 1 
ATOM   1023 N N   . ALA B 1 57 ? -10.202 8.866   6.641   1.00 78.87  ? 280 ALA B N   1 
ATOM   1024 C CA  . ALA B 1 57 ? -10.882 9.013   5.355   1.00 85.47  ? 280 ALA B CA  1 
ATOM   1025 C C   . ALA B 1 57 ? -11.212 7.662   4.712   1.00 79.55  ? 280 ALA B C   1 
ATOM   1026 O O   . ALA B 1 57 ? -12.238 7.557   4.045   1.00 76.02  ? 280 ALA B O   1 
ATOM   1027 C CB  . ALA B 1 57 ? -10.050 9.860   4.413   1.00 64.29  ? 280 ALA B CB  1 
ATOM   1028 N N   . ARG B 1 58 ? -10.347 6.660   4.963   1.00 73.48  ? 281 ARG B N   1 
ATOM   1029 C CA  . ARG B 1 58 ? -10.214 5.374   4.278   1.00 93.21  ? 281 ARG B CA  1 
ATOM   1030 C C   . ARG B 1 58 ? -9.365  5.540   3.000   1.00 115.41 ? 281 ARG B C   1 
ATOM   1031 O O   . ARG B 1 58 ? -8.302  4.860   2.881   1.00 86.24  ? 281 ARG B O   1 
ATOM   1032 C CB  . ARG B 1 58 ? -11.562 4.691   4.021   1.00 78.28  ? 281 ARG B CB  1 
ATOM   1033 C CG  . ARG B 1 58 ? -12.168 4.013   5.242   1.00 102.99 ? 281 ARG B CG  1 
ATOM   1034 C CD  . ARG B 1 58 ? -13.680 3.914   5.122   1.00 104.50 ? 281 ARG B CD  1 
ATOM   1035 N NE  . ARG B 1 58 ? -14.311 5.231   5.091   1.00 108.25 ? 281 ARG B NE  1 
ATOM   1036 C CZ  . ARG B 1 58 ? -15.064 5.751   6.061   1.00 120.12 ? 281 ARG B CZ  1 
ATOM   1037 N NH1 . ARG B 1 58 ? -15.310 5.064   7.165   1.00 117.65 ? 281 ARG B NH1 1 
ATOM   1038 N NH2 . ARG B 1 58 ? -15.583 6.958   5.917   1.00 92.81  ? 281 ARG B NH2 1 
HETATM 1039 C C1  . GOL C 2 .  ? 3.689   2.651   -5.606  1.00 45.49  ? 301 GOL A C1  1 
HETATM 1040 O O1  . GOL C 2 .  ? 4.105   3.492   -6.695  1.00 46.31  ? 301 GOL A O1  1 
HETATM 1041 C C2  . GOL C 2 .  ? 3.032   1.373   -6.109  1.00 44.28  ? 301 GOL A C2  1 
HETATM 1042 O O2  . GOL C 2 .  ? 3.673   0.920   -7.295  1.00 38.42  ? 301 GOL A O2  1 
HETATM 1043 C C3  . GOL C 2 .  ? 3.062   0.255   -5.088  1.00 35.35  ? 301 GOL A C3  1 
HETATM 1044 O O3  . GOL C 2 .  ? 4.405   -0.192  -4.927  1.00 37.38  ? 301 GOL A O3  1 
HETATM 1045 C C1  . GOL D 2 .  ? -3.979  -4.414  -15.593 1.00 43.80  ? 302 GOL A C1  1 
HETATM 1046 O O1  . GOL D 2 .  ? -4.556  -3.159  -15.221 1.00 26.14  ? 302 GOL A O1  1 
HETATM 1047 C C2  . GOL D 2 .  ? -3.059  -4.871  -14.496 1.00 40.89  ? 302 GOL A C2  1 
HETATM 1048 O O2  . GOL D 2 .  ? -1.897  -4.017  -14.458 1.00 42.72  ? 302 GOL A O2  1 
HETATM 1049 C C3  . GOL D 2 .  ? -2.718  -6.331  -14.578 1.00 42.60  ? 302 GOL A C3  1 
HETATM 1050 O O3  . GOL D 2 .  ? -1.624  -6.538  -15.473 1.00 71.61  ? 302 GOL A O3  1 
HETATM 1051 C C1  . GOL E 2 .  ? 7.476   -18.490 -9.943  1.00 107.27 ? 303 GOL A C1  1 
HETATM 1052 O O1  . GOL E 2 .  ? 6.652   -17.373 -9.616  1.00 79.86  ? 303 GOL A O1  1 
HETATM 1053 C C2  . GOL E 2 .  ? 7.492   -19.500 -8.816  1.00 103.65 ? 303 GOL A C2  1 
HETATM 1054 O O2  . GOL E 2 .  ? 8.432   -19.148 -7.802  1.00 46.83  ? 303 GOL A O2  1 
HETATM 1055 C C3  . GOL E 2 .  ? 7.754   -20.925 -9.243  1.00 94.96  ? 303 GOL A C3  1 
HETATM 1056 O O3  . GOL E 2 .  ? 8.189   -21.690 -8.118  1.00 42.62  ? 303 GOL A O3  1 
HETATM 1057 C C1  . GOL F 2 .  ? 8.913   -5.498  -8.817  1.00 72.60  ? 304 GOL A C1  1 
HETATM 1058 O O1  . GOL F 2 .  ? 8.530   -4.837  -10.021 1.00 66.73  ? 304 GOL A O1  1 
HETATM 1059 C C2  . GOL F 2 .  ? 9.949   -4.714  -8.042  1.00 87.97  ? 304 GOL A C2  1 
HETATM 1060 O O2  . GOL F 2 .  ? 11.229  -4.901  -8.644  1.00 111.22 ? 304 GOL A O2  1 
HETATM 1061 C C3  . GOL F 2 .  ? 9.984   -5.014  -6.551  1.00 72.71  ? 304 GOL A C3  1 
HETATM 1062 O O3  . GOL F 2 .  ? 10.467  -6.331  -6.287  1.00 58.53  ? 304 GOL A O3  1 
HETATM 1063 C C1  . GOL G 2 .  ? -3.653  -4.764  5.181   1.00 88.51  ? 305 GOL A C1  1 
HETATM 1064 O O1  . GOL G 2 .  ? -2.679  -5.759  4.864   1.00 41.37  ? 305 GOL A O1  1 
HETATM 1065 C C2  . GOL G 2 .  ? -4.521  -5.166  6.349   1.00 78.26  ? 305 GOL A C2  1 
HETATM 1066 O O2  . GOL G 2 .  ? -5.233  -4.032  6.846   1.00 105.31 ? 305 GOL A O2  1 
HETATM 1067 C C3  . GOL G 2 .  ? -3.732  -5.810  7.467   1.00 92.72  ? 305 GOL A C3  1 
HETATM 1068 O O3  . GOL G 2 .  ? -4.354  -7.021  7.879   1.00 90.55  ? 305 GOL A O3  1 
HETATM 1069 C C1  . MLA H 3 .  ? 7.826   -11.843 -8.878  1.00 65.64  ? 306 MLA A C1  1 
HETATM 1070 O O1A . MLA H 3 .  ? 6.820   -12.202 -9.523  1.00 75.18  ? 306 MLA A O1A 1 
HETATM 1071 O O1B . MLA H 3 .  ? 8.750   -12.680 -8.570  1.00 48.86  ? 306 MLA A O1B 1 
HETATM 1072 C C2  . MLA H 3 .  ? 7.903   -10.354 -8.482  1.00 59.53  ? 306 MLA A C2  1 
HETATM 1073 C C3  . MLA H 3 .  ? 8.778   -9.561  -9.449  1.00 88.52  ? 306 MLA A C3  1 
HETATM 1074 O O3A . MLA H 3 .  ? 8.771   -9.875  -10.683 1.00 66.50  ? 306 MLA A O3A 1 
HETATM 1075 O O3B . MLA H 3 .  ? 9.480   -8.619  -8.975  1.00 59.48  ? 306 MLA A O3B 1 
HETATM 1076 C C1  . MLA I 3 .  ? -11.052 -24.309 7.121   1.00 67.36  ? 307 MLA A C1  1 
HETATM 1077 O O1A . MLA I 3 .  ? -10.913 -25.079 6.173   1.00 53.04  ? 307 MLA A O1A 1 
HETATM 1078 O O1B . MLA I 3 .  ? -10.382 -23.246 7.302   1.00 67.91  ? 307 MLA A O1B 1 
HETATM 1079 C C2  . MLA I 3 .  ? -12.162 -24.737 8.042   1.00 48.50  ? 307 MLA A C2  1 
HETATM 1080 C C3  . MLA I 3 .  ? -13.422 -24.319 7.368   1.00 63.98  ? 307 MLA A C3  1 
HETATM 1081 O O3A . MLA I 3 .  ? -13.381 -23.787 6.198   1.00 41.16  ? 307 MLA A O3A 1 
HETATM 1082 O O3B . MLA I 3 .  ? -14.400 -24.523 8.101   1.00 57.06  ? 307 MLA A O3B 1 
HETATM 1083 C C1  . MLA J 3 .  ? 6.464   -15.177 -6.311  1.00 88.11  ? 308 MLA A C1  1 
HETATM 1084 O O1A . MLA J 3 .  ? 6.583   -15.380 -5.081  1.00 137.57 ? 308 MLA A O1A 1 
HETATM 1085 O O1B . MLA J 3 .  ? 7.300   -14.570 -7.038  1.00 71.74  ? 308 MLA A O1B 1 
HETATM 1086 C C2  . MLA J 3 .  ? 5.194   -15.619 -6.968  1.00 61.25  ? 308 MLA A C2  1 
HETATM 1087 C C3  . MLA J 3 .  ? 4.669   -14.240 -7.192  1.00 76.03  ? 308 MLA A C3  1 
HETATM 1088 O O3A . MLA J 3 .  ? 5.392   -13.393 -7.773  1.00 53.44  ? 308 MLA A O3A 1 
HETATM 1089 O O3B . MLA J 3 .  ? 3.547   -13.999 -6.761  1.00 56.91  ? 308 MLA A O3B 1 
HETATM 1090 C C1  . MLA K 3 .  ? 4.887   -9.293  -10.328 1.00 100.71 ? 309 MLA A C1  1 
HETATM 1091 O O1A . MLA K 3 .  ? 4.727   -10.520 -10.006 1.00 54.88  ? 309 MLA A O1A 1 
HETATM 1092 O O1B . MLA K 3 .  ? 5.681   -8.529  -9.712  1.00 47.91  ? 309 MLA A O1B 1 
HETATM 1093 C C2  . MLA K 3 .  ? 4.045   -8.699  -11.464 1.00 74.56  ? 309 MLA A C2  1 
HETATM 1094 C C3  . MLA K 3 .  ? 2.627   -9.203  -11.170 1.00 97.67  ? 309 MLA A C3  1 
HETATM 1095 O O3A . MLA K 3 .  ? 1.593   -8.939  -11.798 1.00 49.20  ? 309 MLA A O3A 1 
HETATM 1096 O O3B . MLA K 3 .  ? 2.495   -9.935  -10.209 1.00 37.25  ? 309 MLA A O3B 1 
HETATM 1097 O O   . HOH L 4 .  ? 5.581   -26.572 -2.556  1.00 61.01  ? 401 HOH A O   1 
HETATM 1098 O O   . HOH L 4 .  ? -12.826 -4.874  6.161   1.00 51.33  ? 402 HOH A O   1 
HETATM 1099 O O   . HOH L 4 .  ? -5.587  -14.575 -15.812 1.00 65.50  ? 403 HOH A O   1 
HETATM 1100 O O   . HOH L 4 .  ? 9.717   -22.546 -9.823  1.00 62.89  ? 404 HOH A O   1 
HETATM 1101 O O   . HOH L 4 .  ? 5.101   2.774   -9.579  1.00 57.37  ? 405 HOH A O   1 
HETATM 1102 O O   . HOH L 4 .  ? -8.395  -21.730 -7.412  1.00 45.29  ? 406 HOH A O   1 
HETATM 1103 O O   . HOH L 4 .  ? -17.505 -6.731  3.038   1.00 46.05  ? 407 HOH A O   1 
HETATM 1104 O O   . HOH L 4 .  ? 8.039   -15.529 -2.938  1.00 26.04  ? 408 HOH A O   1 
HETATM 1105 O O   . HOH L 4 .  ? -8.220  -1.627  -3.749  1.00 33.22  ? 409 HOH A O   1 
HETATM 1106 O O   . HOH L 4 .  ? 0.064   -7.036  -10.834 1.00 37.14  ? 410 HOH A O   1 
HETATM 1107 O O   . HOH L 4 .  ? 8.006   -10.107 0.846   1.00 26.82  ? 411 HOH A O   1 
HETATM 1108 O O   . HOH L 4 .  ? 1.538   -4.437  -11.880 1.00 53.12  ? 412 HOH A O   1 
HETATM 1109 O O   . HOH L 4 .  ? 7.280   -18.128 -3.593  1.00 27.36  ? 413 HOH A O   1 
HETATM 1110 O O   . HOH L 4 .  ? 1.141   -18.965 1.190   1.00 36.94  ? 414 HOH A O   1 
HETATM 1111 O O   . HOH L 4 .  ? 8.826   -19.392 2.287   1.00 34.16  ? 415 HOH A O   1 
HETATM 1112 O O   . HOH L 4 .  ? 7.879   -13.463 -11.651 1.00 61.83  ? 416 HOH A O   1 
HETATM 1113 O O   . HOH L 4 .  ? 5.742   -5.841  -9.551  1.00 34.10  ? 417 HOH A O   1 
HETATM 1114 O O   . HOH L 4 .  ? 8.233   -7.357  -11.478 1.00 64.38  ? 418 HOH A O   1 
HETATM 1115 O O   . HOH L 4 .  ? -2.409  -4.324  2.595   1.00 32.64  ? 419 HOH A O   1 
HETATM 1116 O O   . HOH L 4 .  ? 3.987   -5.667  4.846   1.00 38.02  ? 420 HOH A O   1 
HETATM 1117 O O   . HOH L 4 .  ? -0.031  -13.761 -13.906 1.00 38.60  ? 421 HOH A O   1 
HETATM 1118 O O   . HOH L 4 .  ? -5.712  1.717   -10.266 1.00 26.24  ? 422 HOH A O   1 
HETATM 1119 O O   . HOH L 4 .  ? -2.893  -8.455  4.471   1.00 36.43  ? 423 HOH A O   1 
HETATM 1120 O O   . HOH L 4 .  ? -4.050  1.603   2.316   1.00 37.10  ? 424 HOH A O   1 
HETATM 1121 O O   . HOH L 4 .  ? 2.535   -8.269  -14.294 1.00 59.23  ? 425 HOH A O   1 
HETATM 1122 O O   . HOH L 4 .  ? -4.730  -1.725  4.498   1.00 57.67  ? 426 HOH A O   1 
HETATM 1123 O O   . HOH L 4 .  ? -5.556  -23.240 -1.065  1.00 33.80  ? 427 HOH A O   1 
HETATM 1124 O O   . HOH L 4 .  ? -1.593  -23.157 -2.297  1.00 55.34  ? 428 HOH A O   1 
HETATM 1125 O O   . HOH L 4 .  ? -7.869  -23.059 6.062   1.00 58.72  ? 429 HOH A O   1 
HETATM 1126 O O   . HOH L 4 .  ? -5.190  -9.745  -14.257 1.00 24.80  ? 430 HOH A O   1 
HETATM 1127 O O   . HOH L 4 .  ? -4.259  8.707   -16.014 1.00 59.42  ? 431 HOH A O   1 
HETATM 1128 O O   . HOH L 4 .  ? -0.640  -20.827 -0.532  1.00 34.33  ? 432 HOH A O   1 
HETATM 1129 O O   . HOH L 4 .  ? -8.953  1.935   -4.831  1.00 42.59  ? 433 HOH A O   1 
HETATM 1130 O O   . HOH L 4 .  ? -7.042  -3.354  -1.894  1.00 31.18  ? 434 HOH A O   1 
HETATM 1131 O O   . HOH L 4 .  ? 9.126   -24.871 -8.792  1.00 53.01  ? 435 HOH A O   1 
HETATM 1132 O O   . HOH L 4 .  ? -0.907  -2.917  -16.920 1.00 64.16  ? 436 HOH A O   1 
HETATM 1133 O O   . HOH L 4 .  ? -10.544 -23.072 10.168  1.00 70.36  ? 437 HOH A O   1 
HETATM 1134 O O   . HOH L 4 .  ? -2.299  -14.847 7.703   1.00 43.68  ? 438 HOH A O   1 
HETATM 1135 O O   . HOH L 4 .  ? 9.670   -0.807  -0.860  1.00 62.16  ? 439 HOH A O   1 
HETATM 1136 O O   . HOH L 4 .  ? -10.951 -3.844  -8.821  1.00 26.51  ? 440 HOH A O   1 
HETATM 1137 O O   . HOH L 4 .  ? 11.202  -18.716 -8.607  1.00 42.50  ? 441 HOH A O   1 
HETATM 1138 O O   . HOH L 4 .  ? -7.469  -19.807 7.432   1.00 45.96  ? 442 HOH A O   1 
HETATM 1139 O O   . HOH L 4 .  ? -7.635  -24.321 2.791   1.00 41.55  ? 443 HOH A O   1 
HETATM 1140 O O   . HOH L 4 .  ? -11.318 -18.254 1.682   1.00 36.92  ? 444 HOH A O   1 
HETATM 1141 O O   . HOH L 4 .  ? -3.233  -21.183 4.912   1.00 68.97  ? 445 HOH A O   1 
HETATM 1142 O O   . HOH L 4 .  ? -13.711 -26.384 4.846   1.00 66.03  ? 446 HOH A O   1 
HETATM 1143 O O   . HOH L 4 .  ? -12.571 -12.883 -6.905  1.00 33.97  ? 447 HOH A O   1 
HETATM 1144 O O   . HOH L 4 .  ? -4.112  -12.046 -14.982 1.00 37.94  ? 448 HOH A O   1 
HETATM 1145 O O   . HOH L 4 .  ? 2.978   -25.262 -6.044  1.00 76.79  ? 449 HOH A O   1 
HETATM 1146 O O   . HOH L 4 .  ? -1.353  -20.536 -14.072 1.00 66.06  ? 450 HOH A O   1 
HETATM 1147 O O   . HOH L 4 .  ? -9.325  8.806   -3.853  1.00 73.64  ? 451 HOH A O   1 
HETATM 1148 O O   . HOH L 4 .  ? 6.922   -9.185  -13.041 1.00 55.25  ? 452 HOH A O   1 
HETATM 1149 O O   . HOH L 4 .  ? 4.002   -17.199 4.871   1.00 44.50  ? 453 HOH A O   1 
HETATM 1150 O O   . HOH L 4 .  ? -9.661  -24.708 -3.452  1.00 61.29  ? 454 HOH A O   1 
HETATM 1151 O O   . HOH L 4 .  ? 9.192   3.509   -3.541  1.00 64.08  ? 455 HOH A O   1 
HETATM 1152 O O   . HOH L 4 .  ? -1.007  -23.391 0.358   1.00 57.64  ? 456 HOH A O   1 
HETATM 1153 O O   . HOH L 4 .  ? 0.344   -15.432 7.525   1.00 47.16  ? 457 HOH A O   1 
HETATM 1154 O O   . HOH L 4 .  ? -6.897  -18.136 -14.783 1.00 67.29  ? 458 HOH A O   1 
HETATM 1155 O O   . HOH L 4 .  ? 9.527   -9.712  4.690   1.00 66.12  ? 459 HOH A O   1 
HETATM 1156 O O   . HOH L 4 .  ? -10.557 -1.449  -7.440  1.00 54.53  ? 460 HOH A O   1 
HETATM 1157 O O   . HOH L 4 .  ? -3.656  -16.635 8.974   1.00 66.11  ? 461 HOH A O   1 
HETATM 1158 O O   . HOH L 4 .  ? -10.888 -23.214 -5.660  1.00 74.85  ? 462 HOH A O   1 
HETATM 1159 O O   . HOH L 4 .  ? 13.399  -5.643  -4.166  1.00 56.95  ? 463 HOH A O   1 
HETATM 1160 O O   . HOH L 4 .  ? -8.438  9.739   -0.776  1.00 77.51  ? 464 HOH A O   1 
HETATM 1161 O O   . HOH L 4 .  ? -7.645  -25.369 -1.730  1.00 55.47  ? 465 HOH A O   1 
HETATM 1162 O O   . HOH L 4 .  ? 12.568  -11.722 -9.934  1.00 59.66  ? 466 HOH A O   1 
HETATM 1163 O O   . HOH L 4 .  ? 11.048  -0.960  -2.774  1.00 64.74  ? 467 HOH A O   1 
HETATM 1164 O O   . HOH M 4 .  ? 0.043   7.853   -8.824  1.00 65.49  ? 301 HOH B O   1 
HETATM 1165 O O   . HOH M 4 .  ? -13.439 4.466   8.550   1.00 72.18  ? 302 HOH B O   1 
HETATM 1166 O O   . HOH M 4 .  ? 5.829   -0.009  7.644   1.00 58.92  ? 303 HOH B O   1 
HETATM 1167 O O   . HOH M 4 .  ? -3.342  16.452  6.458   1.00 49.94  ? 304 HOH B O   1 
HETATM 1168 O O   . HOH M 4 .  ? 6.344   8.948   -3.111  1.00 50.39  ? 305 HOH B O   1 
HETATM 1169 O O   . HOH M 4 .  ? -3.634  3.194   0.072   1.00 29.15  ? 306 HOH B O   1 
HETATM 1170 O O   . HOH M 4 .  ? 3.348   13.259  -7.354  1.00 58.89  ? 307 HOH B O   1 
HETATM 1171 O O   . HOH M 4 .  ? -1.505  26.021  8.844   1.00 60.29  ? 308 HOH B O   1 
HETATM 1172 O O   . HOH M 4 .  ? 10.435  13.399  3.041   1.00 55.52  ? 309 HOH B O   1 
HETATM 1173 O O   . HOH M 4 .  ? -6.309  9.644   -1.719  1.00 39.23  ? 310 HOH B O   1 
HETATM 1174 O O   . HOH M 4 .  ? -8.692  3.077   7.391   1.00 72.02  ? 311 HOH B O   1 
HETATM 1175 O O   . HOH M 4 .  ? 11.784  15.370  4.407   1.00 65.35  ? 312 HOH B O   1 
HETATM 1176 O O   . HOH M 4 .  ? 5.842   -1.706  5.750   1.00 52.24  ? 313 HOH B O   1 
HETATM 1177 O O   . HOH M 4 .  ? -0.107  19.275  8.534   1.00 63.49  ? 314 HOH B O   1 
HETATM 1178 O O   . HOH M 4 .  ? 8.053   16.386  13.469  1.00 60.34  ? 315 HOH B O   1 
HETATM 1179 O O   . HOH M 4 .  ? -1.932  -1.688  5.159   1.00 40.37  ? 316 HOH B O   1 
HETATM 1180 O O   . HOH M 4 .  ? -5.910  10.456  -4.443  1.00 68.90  ? 317 HOH B O   1 
HETATM 1181 O O   . HOH M 4 .  ? 11.090  3.694   3.791   1.00 52.97  ? 318 HOH B O   1 
HETATM 1182 O O   . HOH M 4 .  ? -0.948  17.065  7.732   1.00 56.88  ? 319 HOH B O   1 
HETATM 1183 O O   . HOH M 4 .  ? 11.154  15.067  10.720  1.00 58.44  ? 320 HOH B O   1 
HETATM 1184 O O   . HOH M 4 .  ? 7.007   5.149   -3.876  1.00 70.23  ? 321 HOH B O   1 
HETATM 1185 O O   . HOH M 4 .  ? -5.088  16.525  -1.258  1.00 61.85  ? 322 HOH B O   1 
HETATM 1186 O O   . HOH M 4 .  ? -4.361  9.480   -10.302 1.00 70.41  ? 323 HOH B O   1 
HETATM 1187 O O   . HOH M 4 .  ? 2.352   4.385   12.601  1.00 75.65  ? 324 HOH B O   1 
HETATM 1188 O O   . HOH M 4 .  ? -5.702  15.460  1.106   1.00 76.19  ? 325 HOH B O   1 
HETATM 1189 O O   . HOH M 4 .  ? -6.628  12.283  2.686   1.00 58.60  ? 326 HOH B O   1 
# 
